data_7PJE
#
_entry.id   7PJE
#
_cell.length_a   52.130
_cell.length_b   183.920
_cell.length_c   118.323
_cell.angle_alpha   90.000
_cell.angle_beta   92.440
_cell.angle_gamma   90.000
#
_symmetry.space_group_name_H-M   'P 1 21 1'
#
loop_
_entity.id
_entity.type
_entity.pdbx_description
1 polymer 'Tubulin alpha chain'
2 polymer 'Tubulin beta chain'
3 polymer 'Darpin D1'
4 non-polymer "GUANOSINE-5'-TRIPHOSPHATE"
5 non-polymer 'MAGNESIUM ION'
6 water water
#
loop_
_entity_poly.entity_id
_entity_poly.type
_entity_poly.pdbx_seq_one_letter_code
_entity_poly.pdbx_strand_id
1 'polypeptide(L)'
;MREVISIHVGQGGIQVGNACWELFCLEHGIQPDGQMPSDKTIGGGDDAFNTFFSETGAGKHVPRAVFLDLEPTVIDEVRT
GTYRQLFHPEQLISGKEDAANNFARGHYTIGKEIVDLCLDRIRKLADNCTGLQGFLVFNSVGGGTGSGLGSLLLERLSVD
YGKKSKLGFTIYPSPQVSTAVVEPYNSILSTHSLLEHTDVAVMLDNEAIYDICRRNLDIERPTYTNLNRLIAQVISSLTA
SLRFDGALNVDITEFQTNLVPYPRIHFMLSSYAPIISAEKAYHEQLSVAEITNSAFEPANMMAKCDPRHGKYMACSMMYR
GDVVPKDVNASIATIKTKRTIQFVDWCPTGFKVGINYQPPTVVPGGDLAKVMRAVCMISNSTAIAEVFSRLDHKFDLMYA
KRAFVHWYVGEGMEEGEFSEAREDLAALEKDYEEVGIETAEGEGEEEGY
;
A,C
2 'polypeptide(L)'
;MREIVHIQGGQCGNQIGAKFWEVISDEHGIDPTGTYHGDSDLQLERINVYYNEATGGRYVPRAILMDLEPGTMDSVRAGP
FGQLFRPDNFVFGQTGAGNNWAKGHYTEGAELIDSVLDVVRKEAEGCDCLQGFQITHSLGGGTGSGMGTLLISKVREEYP
DRIMETFSVVPSPKVSDTVVEPYNATLSVHQLVENADECMVIDNEALYDICFRTLKLTTPTYGDLNHLVSAAMSGVTCCL
RFPGQLNSDLRKLAVNLIPFPRLHFFMIGFAPLTSRGSQQYRALTVPELTQQMFDAKNMMCAADPRHGRYLTASALFRGR
MSTKEVDEQMLNVQNKNSSYFVEWIPNNIKSSICDIPPKGLKMAVTFVGNSTAIQEMFKRVAEQFTAMFRRKAFLHWYTG
EGMDEMEFTEAESNMNDLVSEYQQYQDATAEEEGEFEEEEGEN
;
B,D
3 'polypeptide(L)'
;DLGKKLLEAARAGQDDEVRILMANGADVNATDASGLTPLHLAATYGHLEIVEVLLKHGADVNAIDIMGSTPLHLAALIGH
LEIVEVLLKHGADVNAVDTWGDTPLHLAAIMGHLEIVEVLLKHGADVNAQDKFGKTAFDISIDNGNEDLAEILQK
;
F,E
#
# COMPACT_ATOMS: atom_id res chain seq x y z
N ARG A 2 -50.39 31.55 18.87
CA ARG A 2 -49.23 30.83 19.47
C ARG A 2 -49.27 29.37 19.05
N GLU A 3 -49.05 29.07 17.77
CA GLU A 3 -49.21 27.57 17.50
C GLU A 3 -47.88 26.82 17.68
N VAL A 4 -47.95 25.51 17.90
CA VAL A 4 -46.81 24.61 18.05
C VAL A 4 -46.95 23.49 17.03
N ILE A 5 -45.88 23.23 16.30
CA ILE A 5 -45.86 22.22 15.25
C ILE A 5 -45.03 21.06 15.75
N SER A 6 -45.59 19.86 15.69
CA SER A 6 -44.86 18.65 16.07
C SER A 6 -44.31 17.92 14.85
N ILE A 7 -43.07 17.46 14.96
CA ILE A 7 -42.36 16.76 13.90
C ILE A 7 -41.92 15.40 14.44
N HIS A 8 -42.40 14.33 13.82
CA HIS A 8 -42.15 12.97 14.28
C HIS A 8 -41.35 12.25 13.21
N VAL A 9 -40.14 11.80 13.57
CA VAL A 9 -39.15 11.23 12.62
C VAL A 9 -38.72 9.82 13.00
N GLY A 10 -38.83 8.89 12.02
CA GLY A 10 -38.48 7.49 12.23
C GLY A 10 -39.46 6.73 13.09
N GLN A 11 -39.30 5.42 13.20
CA GLN A 11 -40.24 4.57 13.94
C GLN A 11 -40.49 5.07 15.38
N GLY A 12 -39.43 5.24 16.18
CA GLY A 12 -39.65 5.60 17.58
C GLY A 12 -40.43 6.89 17.71
N GLY A 13 -40.01 7.90 16.97
CA GLY A 13 -40.70 9.19 16.99
C GLY A 13 -42.16 9.11 16.56
N ILE A 14 -42.46 8.26 15.57
CA ILE A 14 -43.81 8.18 15.05
C ILE A 14 -44.71 7.43 16.02
N GLN A 15 -44.19 6.34 16.61
CA GLN A 15 -45.02 5.52 17.48
C GLN A 15 -45.23 6.17 18.85
N VAL A 16 -44.25 6.93 19.35
CA VAL A 16 -44.50 7.78 20.49
C VAL A 16 -45.51 8.86 20.11
N GLY A 17 -45.41 9.38 18.88
CA GLY A 17 -46.40 10.35 18.43
C GLY A 17 -47.80 9.77 18.35
N ASN A 18 -47.91 8.51 17.95
CA ASN A 18 -49.20 7.78 17.85
C ASN A 18 -49.86 7.79 19.23
N ALA A 19 -49.07 7.55 20.28
CA ALA A 19 -49.56 7.49 21.67
C ALA A 19 -49.91 8.89 22.16
N CYS A 20 -49.08 9.88 21.88
CA CYS A 20 -49.33 11.25 22.30
C CYS A 20 -50.60 11.80 21.68
N TRP A 21 -50.76 11.63 20.35
CA TRP A 21 -51.93 12.21 19.71
C TRP A 21 -53.22 11.49 20.11
N GLU A 22 -53.10 10.21 20.42
CA GLU A 22 -54.24 9.45 20.95
C GLU A 22 -54.70 10.13 22.25
N LEU A 23 -53.77 10.47 23.13
CA LEU A 23 -54.10 11.06 24.44
C LEU A 23 -54.55 12.51 24.26
N PHE A 24 -53.94 13.28 23.37
CA PHE A 24 -54.27 14.70 23.14
C PHE A 24 -55.73 14.77 22.70
N CYS A 25 -56.11 13.92 21.76
CA CYS A 25 -57.48 13.84 21.24
C CYS A 25 -58.41 13.53 22.41
N LEU A 26 -58.13 12.53 23.22
CA LEU A 26 -59.00 12.17 24.36
C LEU A 26 -59.14 13.33 25.35
N GLU A 27 -58.06 14.07 25.62
CA GLU A 27 -58.05 15.18 26.60
C GLU A 27 -58.87 16.37 26.13
N HIS A 28 -58.86 16.64 24.84
CA HIS A 28 -59.59 17.77 24.21
C HIS A 28 -60.96 17.32 23.69
N GLY A 29 -61.32 16.05 23.84
CA GLY A 29 -62.61 15.52 23.43
C GLY A 29 -62.73 15.48 21.93
N ILE A 30 -61.64 15.17 21.24
CA ILE A 30 -61.66 15.05 19.79
C ILE A 30 -61.74 13.58 19.43
N GLN A 31 -62.59 13.26 18.51
CA GLN A 31 -62.71 11.90 18.04
C GLN A 31 -61.70 11.64 16.92
N PRO A 32 -61.41 10.38 16.63
CA PRO A 32 -60.51 10.08 15.50
C PRO A 32 -60.99 10.69 14.19
N ASP A 33 -62.26 11.09 14.11
CA ASP A 33 -62.81 11.74 12.94
C ASP A 33 -62.37 13.20 12.83
N GLY A 34 -61.79 13.77 13.88
CA GLY A 34 -61.53 15.19 13.93
C GLY A 34 -62.68 16.01 14.49
N GLN A 35 -63.83 15.40 14.72
CA GLN A 35 -64.97 16.14 15.23
C GLN A 35 -64.84 16.36 16.74
N MET A 36 -65.48 17.42 17.21
CA MET A 36 -65.41 17.86 18.60
C MET A 36 -66.80 18.32 19.03
N PRO A 37 -67.57 17.44 19.69
CA PRO A 37 -68.97 17.80 19.98
C PRO A 37 -69.16 19.08 20.79
N SER A 38 -68.40 19.28 21.85
CA SER A 38 -68.49 20.52 22.62
C SER A 38 -67.90 21.68 21.82
N ASP A 47 -58.04 30.61 22.00
CA ASP A 47 -58.29 29.39 22.77
C ASP A 47 -57.06 28.47 22.79
N ALA A 48 -57.00 27.55 23.75
CA ALA A 48 -55.73 26.91 24.10
C ALA A 48 -55.37 25.71 23.24
N PHE A 49 -56.33 24.79 23.02
CA PHE A 49 -55.98 23.59 22.27
C PHE A 49 -55.70 23.89 20.80
N ASN A 50 -56.05 25.09 20.31
CA ASN A 50 -55.70 25.45 18.94
C ASN A 50 -54.20 25.60 18.74
N THR A 51 -53.41 25.57 19.81
CA THR A 51 -51.96 25.60 19.66
C THR A 51 -51.46 24.32 19.02
N PHE A 52 -52.19 23.21 19.22
CA PHE A 52 -51.80 21.91 18.70
C PHE A 52 -52.71 21.41 17.58
N PHE A 53 -53.88 22.01 17.36
CA PHE A 53 -54.77 21.58 16.30
C PHE A 53 -55.24 22.78 15.46
N SER A 54 -55.23 22.61 14.14
CA SER A 54 -55.97 23.49 13.25
C SER A 54 -57.45 23.09 13.24
N GLU A 55 -58.26 23.93 12.60
CA GLU A 55 -59.69 23.68 12.45
C GLU A 55 -60.10 24.03 11.02
N THR A 56 -60.88 23.15 10.42
CA THR A 56 -61.32 23.34 9.04
C THR A 56 -62.72 23.96 9.02
N GLY A 57 -63.11 24.44 7.84
CA GLY A 57 -64.45 24.99 7.69
C GLY A 57 -65.54 24.00 8.07
N ALA A 58 -65.30 22.71 7.88
CA ALA A 58 -66.27 21.67 8.19
C ALA A 58 -66.19 21.18 9.64
N GLY A 59 -65.44 21.87 10.50
CA GLY A 59 -65.41 21.54 11.91
C GLY A 59 -64.43 20.43 12.29
N LYS A 60 -63.47 20.15 11.43
CA LYS A 60 -62.49 19.11 11.69
C LYS A 60 -61.32 19.72 12.43
N HIS A 61 -60.89 19.08 13.51
CA HIS A 61 -59.73 19.52 14.27
C HIS A 61 -58.55 18.63 13.92
N VAL A 62 -57.49 19.24 13.37
CA VAL A 62 -56.42 18.49 12.73
C VAL A 62 -55.10 18.74 13.44
N PRO A 63 -54.40 17.71 13.90
CA PRO A 63 -53.10 17.95 14.53
C PRO A 63 -52.17 18.77 13.64
N ARG A 64 -51.40 19.65 14.28
CA ARG A 64 -50.40 20.44 13.57
C ARG A 64 -49.11 19.61 13.62
N ALA A 65 -49.01 18.62 12.75
CA ALA A 65 -47.98 17.60 12.87
C ALA A 65 -47.66 16.99 11.51
N VAL A 66 -46.40 16.59 11.36
CA VAL A 66 -45.96 15.75 10.24
C VAL A 66 -45.32 14.50 10.80
N PHE A 67 -45.53 13.39 10.13
CA PHE A 67 -44.90 12.11 10.42
C PHE A 67 -44.02 11.82 9.20
N LEU A 68 -42.72 11.61 9.44
CA LEU A 68 -41.72 11.44 8.39
C LEU A 68 -40.90 10.17 8.62
N ASP A 69 -40.81 9.29 7.62
CA ASP A 69 -39.99 8.06 7.74
C ASP A 69 -39.36 7.77 6.37
N LEU A 70 -38.25 7.05 6.35
CA LEU A 70 -37.56 6.71 5.10
C LEU A 70 -38.07 5.38 4.53
N GLU A 71 -38.94 4.65 5.21
CA GLU A 71 -39.62 3.43 4.74
C GLU A 71 -41.12 3.62 5.00
N PRO A 72 -42.03 2.94 4.29
CA PRO A 72 -43.46 3.18 4.49
C PRO A 72 -44.21 2.37 5.55
N THR A 73 -43.63 1.31 6.13
CA THR A 73 -44.32 0.38 7.04
C THR A 73 -45.05 1.08 8.20
N VAL A 74 -44.34 1.86 8.99
CA VAL A 74 -44.88 2.54 10.21
C VAL A 74 -45.92 3.59 9.80
N ILE A 75 -45.63 4.35 8.74
CA ILE A 75 -46.52 5.44 8.26
C ILE A 75 -47.79 4.79 7.70
N ASP A 76 -47.67 3.67 7.01
CA ASP A 76 -48.85 3.00 6.45
C ASP A 76 -49.84 2.62 7.54
N GLU A 77 -49.34 2.18 8.70
CA GLU A 77 -50.22 1.84 9.80
C GLU A 77 -51.03 3.04 10.29
N VAL A 78 -50.46 4.24 10.25
CA VAL A 78 -51.22 5.45 10.54
C VAL A 78 -52.25 5.71 9.44
N ARG A 79 -51.80 5.67 8.18
CA ARG A 79 -52.66 5.91 7.02
C ARG A 79 -53.87 4.99 6.98
N THR A 80 -53.82 3.85 7.64
CA THR A 80 -54.87 2.85 7.51
C THR A 80 -55.51 2.49 8.84
N GLY A 81 -55.10 3.14 9.92
CA GLY A 81 -55.48 2.76 11.25
C GLY A 81 -56.57 3.63 11.82
N THR A 82 -56.69 3.58 13.14
CA THR A 82 -57.77 4.25 13.87
C THR A 82 -57.84 5.73 13.55
N TYR A 83 -56.73 6.36 13.18
CA TYR A 83 -56.68 7.80 12.99
C TYR A 83 -56.42 8.15 11.53
N ARG A 84 -56.86 7.28 10.63
CA ARG A 84 -56.70 7.55 9.20
C ARG A 84 -57.48 8.78 8.76
N GLN A 85 -58.57 9.10 9.45
CA GLN A 85 -59.37 10.29 9.16
C GLN A 85 -58.85 11.55 9.84
N LEU A 86 -57.90 11.42 10.77
CA LEU A 86 -57.51 12.54 11.60
C LEU A 86 -56.46 13.41 10.92
N PHE A 87 -55.51 12.79 10.23
CA PHE A 87 -54.45 13.51 9.54
C PHE A 87 -54.81 13.70 8.07
N HIS A 88 -54.40 14.85 7.53
CA HIS A 88 -54.38 15.01 6.08
C HIS A 88 -53.27 14.11 5.50
N PRO A 89 -53.49 13.50 4.33
CA PRO A 89 -52.44 12.63 3.77
C PRO A 89 -51.13 13.34 3.51
N GLU A 90 -51.17 14.64 3.20
CA GLU A 90 -49.96 15.44 3.01
C GLU A 90 -49.12 15.51 4.27
N GLN A 91 -49.72 15.26 5.42
CA GLN A 91 -48.99 15.28 6.69
C GLN A 91 -48.17 14.02 6.91
N LEU A 92 -48.35 12.97 6.09
CA LEU A 92 -47.76 11.65 6.31
C LEU A 92 -46.87 11.34 5.11
N ILE A 93 -45.55 11.46 5.31
CA ILE A 93 -44.50 11.38 4.26
C ILE A 93 -43.66 10.12 4.49
N SER A 94 -43.44 9.30 3.46
CA SER A 94 -42.64 8.07 3.58
C SER A 94 -41.72 7.89 2.37
N GLY A 95 -40.50 7.39 2.57
CA GLY A 95 -39.54 7.02 1.52
C GLY A 95 -39.71 5.55 1.16
N LYS A 96 -38.79 4.98 0.39
CA LYS A 96 -38.90 3.56 -0.01
C LYS A 96 -37.87 2.71 0.73
N GLU A 97 -36.62 3.12 0.84
CA GLU A 97 -35.61 2.32 1.58
C GLU A 97 -35.11 3.13 2.78
N ASP A 98 -35.01 2.49 3.96
CA ASP A 98 -34.72 3.16 5.25
C ASP A 98 -33.21 3.41 5.40
N ALA A 99 -32.79 3.91 6.56
CA ALA A 99 -31.41 4.23 6.85
C ALA A 99 -30.60 3.05 7.37
N ALA A 100 -31.22 1.89 7.54
CA ALA A 100 -30.52 0.67 7.97
C ALA A 100 -29.67 0.88 9.21
N ASN A 101 -30.23 1.60 10.19
CA ASN A 101 -29.58 1.83 11.48
C ASN A 101 -28.29 2.61 11.32
N ASN A 102 -28.23 3.44 10.31
CA ASN A 102 -27.01 4.14 9.94
C ASN A 102 -27.28 5.64 9.84
N PHE A 103 -26.91 6.34 10.92
CA PHE A 103 -27.01 7.80 10.99
C PHE A 103 -26.61 8.44 9.66
N ALA A 104 -25.51 7.96 9.07
CA ALA A 104 -25.01 8.60 7.86
C ALA A 104 -26.01 8.49 6.71
N ARG A 105 -26.71 7.37 6.62
CA ARG A 105 -27.68 7.21 5.54
C ARG A 105 -28.84 8.18 5.72
N GLY A 106 -29.31 8.33 6.96
CA GLY A 106 -30.40 9.24 7.23
C GLY A 106 -30.01 10.68 7.06
N HIS A 107 -28.76 11.03 7.39
CA HIS A 107 -28.38 12.44 7.35
C HIS A 107 -27.88 12.90 5.98
N TYR A 108 -27.27 11.99 5.22
CA TYR A 108 -26.62 12.35 3.96
C TYR A 108 -27.29 11.68 2.77
N THR A 109 -26.87 10.44 2.45
CA THR A 109 -27.14 9.92 1.12
C THR A 109 -28.63 9.70 0.87
N ILE A 110 -29.41 9.26 1.85
CA ILE A 110 -30.84 9.01 1.65
C ILE A 110 -31.70 10.20 2.11
N GLY A 111 -31.40 10.76 3.29
CA GLY A 111 -32.15 11.90 3.79
C GLY A 111 -32.14 13.12 2.90
N LYS A 112 -31.05 13.33 2.14
CA LYS A 112 -30.96 14.51 1.30
C LYS A 112 -32.01 14.52 0.19
N GLU A 113 -32.57 13.36 -0.13
CA GLU A 113 -33.51 13.25 -1.24
C GLU A 113 -34.94 13.54 -0.86
N ILE A 114 -35.23 13.66 0.44
CA ILE A 114 -36.60 13.82 0.92
C ILE A 114 -36.72 15.04 1.83
N VAL A 115 -35.67 15.76 2.24
CA VAL A 115 -35.70 16.79 3.30
C VAL A 115 -36.48 18.00 2.78
N ASP A 116 -36.33 18.35 1.52
CA ASP A 116 -37.04 19.50 0.92
C ASP A 116 -38.53 19.19 0.95
N LEU A 117 -38.93 17.99 0.57
CA LEU A 117 -40.35 17.58 0.60
C LEU A 117 -40.86 17.70 2.04
N CYS A 118 -40.07 17.26 3.02
CA CYS A 118 -40.39 17.35 4.47
C CYS A 118 -40.54 18.81 4.88
N LEU A 119 -39.64 19.68 4.47
CA LEU A 119 -39.65 21.12 4.85
C LEU A 119 -40.84 21.82 4.14
N ASP A 120 -41.22 21.42 2.93
CA ASP A 120 -42.41 22.00 2.26
C ASP A 120 -43.64 21.57 3.03
N ARG A 121 -43.70 20.31 3.48
CA ARG A 121 -44.98 19.99 4.25
C ARG A 121 -45.03 20.74 5.57
N ILE A 122 -43.87 20.96 6.20
CA ILE A 122 -43.78 21.72 7.47
C ILE A 122 -44.16 23.18 7.16
N ARG A 123 -43.78 23.70 5.99
CA ARG A 123 -44.07 25.09 5.57
C ARG A 123 -45.58 25.24 5.34
N LYS A 124 -46.29 24.24 4.82
CA LYS A 124 -47.76 24.28 4.66
C LYS A 124 -48.43 24.41 6.03
N LEU A 125 -47.92 23.71 7.05
CA LEU A 125 -48.42 23.79 8.43
C LEU A 125 -48.15 25.19 8.98
N ALA A 126 -46.94 25.70 8.79
CA ALA A 126 -46.62 27.02 9.31
C ALA A 126 -47.40 28.11 8.59
N ASP A 127 -47.72 27.93 7.32
CA ASP A 127 -48.52 28.93 6.61
C ASP A 127 -49.94 29.04 7.16
N ASN A 128 -50.36 28.10 8.00
CA ASN A 128 -51.68 28.10 8.60
C ASN A 128 -51.62 28.42 10.07
N CYS A 129 -50.58 29.14 10.47
CA CYS A 129 -50.31 29.52 11.88
C CYS A 129 -50.34 31.05 12.02
N THR A 130 -51.22 31.60 12.86
CA THR A 130 -51.31 33.06 13.09
C THR A 130 -49.99 33.57 13.66
N GLY A 131 -49.46 32.89 14.69
CA GLY A 131 -48.21 33.25 15.37
C GLY A 131 -47.44 32.02 15.82
N LEU A 132 -46.80 31.30 14.90
CA LEU A 132 -46.04 30.06 15.21
C LEU A 132 -45.02 30.38 16.30
N GLN A 133 -44.92 29.58 17.36
CA GLN A 133 -43.94 29.87 18.43
C GLN A 133 -42.80 28.84 18.46
N GLY A 134 -42.87 27.68 17.78
CA GLY A 134 -41.81 26.70 17.88
C GLY A 134 -42.24 25.30 17.49
N PHE A 135 -41.28 24.37 17.65
CA PHE A 135 -41.41 23.00 17.20
C PHE A 135 -41.13 22.03 18.34
N LEU A 136 -41.88 20.92 18.34
CA LEU A 136 -41.56 19.73 19.10
C LEU A 136 -41.06 18.66 18.15
N VAL A 137 -39.90 18.08 18.44
CA VAL A 137 -39.24 17.13 17.54
C VAL A 137 -39.11 15.82 18.29
N PHE A 138 -39.79 14.80 17.78
CA PHE A 138 -39.87 13.47 18.38
C PHE A 138 -39.01 12.53 17.55
N ASN A 139 -38.03 11.87 18.15
CA ASN A 139 -37.27 10.81 17.45
C ASN A 139 -36.48 9.95 18.44
N SER A 140 -36.05 8.79 17.96
CA SER A 140 -35.03 8.03 18.66
C SER A 140 -33.65 8.37 18.10
N VAL A 141 -32.64 8.11 18.93
CA VAL A 141 -31.24 8.39 18.57
C VAL A 141 -30.51 7.13 18.13
N GLY A 142 -31.11 5.96 18.31
CA GLY A 142 -30.40 4.70 18.19
C GLY A 142 -30.49 4.10 16.81
N GLY A 143 -31.52 4.51 16.05
CA GLY A 143 -31.67 4.14 14.66
C GLY A 143 -30.91 5.07 13.75
N GLY A 144 -31.26 4.99 12.45
CA GLY A 144 -30.65 5.84 11.43
C GLY A 144 -31.52 7.00 10.93
N THR A 145 -32.84 6.84 10.92
CA THR A 145 -33.69 7.89 10.34
C THR A 145 -34.01 8.99 11.37
N GLY A 146 -34.56 8.61 12.51
CA GLY A 146 -34.76 9.59 13.58
C GLY A 146 -33.49 10.32 13.93
N SER A 147 -32.38 9.60 14.03
CA SER A 147 -31.08 10.21 14.36
C SER A 147 -30.56 11.07 13.20
N GLY A 148 -30.37 10.48 12.01
CA GLY A 148 -29.76 11.21 10.92
C GLY A 148 -30.62 12.18 10.14
N LEU A 149 -31.83 11.78 9.74
CA LEU A 149 -32.72 12.72 9.10
C LEU A 149 -33.26 13.73 10.12
N GLY A 150 -33.49 13.29 11.35
CA GLY A 150 -33.90 14.21 12.40
C GLY A 150 -32.90 15.32 12.64
N SER A 151 -31.60 14.97 12.71
CA SER A 151 -30.59 15.99 12.88
C SER A 151 -30.47 16.90 11.66
N LEU A 152 -30.60 16.33 10.45
CA LEU A 152 -30.57 17.18 9.26
C LEU A 152 -31.74 18.16 9.27
N LEU A 153 -32.93 17.69 9.60
CA LEU A 153 -34.07 18.60 9.72
C LEU A 153 -33.84 19.66 10.80
N LEU A 154 -33.19 19.31 11.91
CA LEU A 154 -32.89 20.33 12.92
C LEU A 154 -32.00 21.43 12.35
N GLU A 155 -30.98 21.06 11.58
CA GLU A 155 -30.08 22.03 10.97
C GLU A 155 -30.82 22.97 10.05
N ARG A 156 -31.74 22.44 9.25
CA ARG A 156 -32.48 23.26 8.26
C ARG A 156 -33.50 24.13 8.99
N LEU A 157 -34.18 23.63 10.02
CA LEU A 157 -35.21 24.39 10.78
C LEU A 157 -34.52 25.55 11.52
N SER A 158 -33.28 25.37 11.95
CA SER A 158 -32.50 26.45 12.64
C SER A 158 -32.24 27.60 11.65
N VAL A 159 -32.12 27.30 10.36
CA VAL A 159 -31.86 28.33 9.30
C VAL A 159 -33.20 28.91 8.82
N ASP A 160 -34.22 28.08 8.57
CA ASP A 160 -35.50 28.53 7.95
C ASP A 160 -36.42 29.19 8.98
N TYR A 161 -36.39 28.77 10.24
CA TYR A 161 -37.22 29.33 11.34
C TYR A 161 -36.26 29.77 12.42
N GLY A 162 -35.36 30.71 12.11
CA GLY A 162 -34.28 31.11 13.04
C GLY A 162 -34.75 31.58 14.40
N LYS A 163 -35.95 32.16 14.51
CA LYS A 163 -36.40 32.75 15.76
C LYS A 163 -37.28 31.80 16.60
N LYS A 164 -37.42 30.53 16.21
CA LYS A 164 -38.39 29.63 16.81
C LYS A 164 -37.72 28.57 17.68
N SER A 165 -38.24 28.42 18.89
CA SER A 165 -37.72 27.44 19.85
C SER A 165 -37.99 26.01 19.38
N LYS A 166 -37.05 25.12 19.72
CA LYS A 166 -37.17 23.70 19.41
C LYS A 166 -36.93 22.86 20.67
N LEU A 167 -37.90 22.02 21.00
CA LEU A 167 -37.87 21.15 22.16
C LEU A 167 -37.89 19.71 21.66
N GLY A 168 -36.90 18.93 22.07
CA GLY A 168 -36.82 17.53 21.69
C GLY A 168 -37.44 16.60 22.73
N PHE A 169 -38.18 15.61 22.24
CA PHE A 169 -38.57 14.44 23.00
C PHE A 169 -37.83 13.27 22.38
N THR A 170 -36.80 12.81 23.07
CA THR A 170 -35.68 12.09 22.47
C THR A 170 -35.49 10.74 23.14
N ILE A 171 -35.68 9.66 22.37
CA ILE A 171 -35.62 8.30 22.88
C ILE A 171 -34.19 7.79 22.83
N TYR A 172 -33.66 7.40 24.00
CA TYR A 172 -32.33 6.81 24.15
C TYR A 172 -32.40 5.28 24.29
N PRO A 173 -31.35 4.57 23.88
CA PRO A 173 -31.48 3.13 23.65
C PRO A 173 -31.27 2.28 24.90
N SER A 174 -31.76 1.03 24.80
CA SER A 174 -31.54 -0.02 25.79
C SER A 174 -31.17 -1.34 25.11
N PRO A 175 -30.15 -2.24 25.60
CA PRO A 175 -29.68 -3.81 25.25
C PRO A 175 -31.02 -4.55 25.27
N GLN A 176 -32.00 -4.14 26.09
CA GLN A 176 -33.21 -4.96 26.19
C GLN A 176 -34.12 -4.81 24.98
N VAL A 177 -34.12 -3.68 24.30
CA VAL A 177 -34.98 -3.50 23.10
C VAL A 177 -34.10 -2.95 21.97
N SER A 178 -32.96 -3.61 21.75
CA SER A 178 -31.98 -3.18 20.74
C SER A 178 -31.94 -4.19 19.59
N THR A 179 -31.93 -3.73 18.35
CA THR A 179 -31.72 -4.59 17.19
C THR A 179 -30.47 -4.19 16.40
N ALA A 180 -29.63 -3.31 16.96
CA ALA A 180 -28.46 -2.86 16.20
C ALA A 180 -27.27 -2.61 17.12
N VAL A 181 -26.16 -3.20 16.76
CA VAL A 181 -24.96 -3.03 17.54
C VAL A 181 -24.43 -1.62 17.44
N VAL A 182 -24.72 -0.90 16.36
CA VAL A 182 -24.17 0.44 16.20
C VAL A 182 -24.96 1.55 16.94
N GLU A 183 -25.94 1.19 17.76
CA GLU A 183 -26.71 2.19 18.52
C GLU A 183 -25.87 3.25 19.22
N PRO A 184 -24.73 2.90 19.88
CA PRO A 184 -23.93 3.94 20.53
C PRO A 184 -23.36 4.97 19.57
N TYR A 185 -23.00 4.56 18.36
CA TYR A 185 -22.59 5.54 17.36
C TYR A 185 -23.72 6.52 17.04
N ASN A 186 -24.88 5.99 16.65
CA ASN A 186 -25.99 6.87 16.30
C ASN A 186 -26.35 7.79 17.46
N SER A 187 -26.21 7.28 18.67
CA SER A 187 -26.60 8.01 19.87
C SER A 187 -25.70 9.22 20.07
N ILE A 188 -24.40 9.02 19.91
CA ILE A 188 -23.44 10.11 20.10
C ILE A 188 -23.58 11.13 18.97
N LEU A 189 -23.72 10.67 17.71
CA LEU A 189 -23.87 11.60 16.59
C LEU A 189 -25.14 12.44 16.77
N SER A 190 -26.24 11.80 17.20
CA SER A 190 -27.46 12.53 17.44
C SER A 190 -27.29 13.56 18.54
N THR A 191 -26.71 13.12 19.67
CA THR A 191 -26.59 13.99 20.84
C THR A 191 -25.77 15.24 20.51
N HIS A 192 -24.77 15.08 19.63
CA HIS A 192 -24.02 16.22 19.11
C HIS A 192 -24.94 17.18 18.35
N SER A 193 -25.87 16.64 17.55
CA SER A 193 -26.83 17.51 16.88
C SER A 193 -27.75 18.20 17.89
N LEU A 194 -28.29 17.44 18.84
CA LEU A 194 -29.20 18.01 19.85
C LEU A 194 -28.54 19.09 20.70
N LEU A 195 -27.24 18.99 20.92
CA LEU A 195 -26.49 19.97 21.74
C LEU A 195 -26.52 21.32 21.04
N GLU A 196 -26.45 21.33 19.71
CA GLU A 196 -26.38 22.58 18.98
C GLU A 196 -27.74 23.08 18.47
N HIS A 197 -28.72 22.20 18.26
CA HIS A 197 -29.91 22.62 17.53
C HIS A 197 -31.22 22.36 18.25
N THR A 198 -31.20 22.09 19.55
CA THR A 198 -32.40 22.18 20.36
C THR A 198 -32.12 23.10 21.54
N ASP A 199 -33.17 23.79 22.00
CA ASP A 199 -33.06 24.60 23.21
C ASP A 199 -33.25 23.75 24.45
N VAL A 200 -34.14 22.73 24.37
CA VAL A 200 -34.38 21.78 25.44
C VAL A 200 -34.57 20.39 24.82
N ALA A 201 -34.08 19.37 25.50
CA ALA A 201 -34.32 17.98 25.10
C ALA A 201 -34.66 17.14 26.32
N VAL A 202 -35.77 16.41 26.23
CA VAL A 202 -36.22 15.56 27.31
C VAL A 202 -35.74 14.14 27.02
N MET A 203 -34.96 13.55 27.93
N MET A 203 -35.02 13.54 27.97
CA MET A 203 -34.40 12.21 27.70
CA MET A 203 -34.41 12.22 27.77
C MET A 203 -35.41 11.13 28.06
C MET A 203 -35.42 11.11 28.09
N LEU A 204 -35.88 10.42 27.07
CA LEU A 204 -36.73 9.25 27.25
C LEU A 204 -35.82 8.03 27.10
N ASP A 205 -35.30 7.58 28.23
CA ASP A 205 -34.32 6.47 28.26
C ASP A 205 -35.08 5.16 28.29
N ASN A 206 -35.05 4.41 27.18
CA ASN A 206 -35.76 3.13 27.14
C ASN A 206 -35.31 2.19 28.26
N GLU A 207 -34.04 2.27 28.69
CA GLU A 207 -33.60 1.37 29.77
C GLU A 207 -34.44 1.58 31.02
N ALA A 208 -34.64 2.83 31.40
CA ALA A 208 -35.44 3.15 32.58
C ALA A 208 -36.91 2.87 32.34
N ILE A 209 -37.42 3.25 31.17
CA ILE A 209 -38.84 3.13 30.91
C ILE A 209 -39.23 1.68 30.83
N TYR A 210 -38.39 0.86 30.17
CA TYR A 210 -38.65 -0.57 30.11
C TYR A 210 -38.72 -1.14 31.51
N ASP A 211 -37.78 -0.74 32.37
CA ASP A 211 -37.75 -1.27 33.72
C ASP A 211 -38.98 -0.85 34.52
N ILE A 212 -39.47 0.38 34.32
CA ILE A 212 -40.69 0.80 35.00
C ILE A 212 -41.86 -0.08 34.59
N CYS A 213 -41.97 -0.39 33.29
CA CYS A 213 -43.04 -1.27 32.86
C CYS A 213 -42.87 -2.66 33.48
N ARG A 214 -41.64 -3.16 33.53
CA ARG A 214 -41.43 -4.49 34.10
C ARG A 214 -41.74 -4.51 35.59
N ARG A 215 -41.35 -3.46 36.32
CA ARG A 215 -41.44 -3.51 37.78
C ARG A 215 -42.72 -2.86 38.29
N ASN A 216 -42.86 -1.55 38.10
CA ASN A 216 -44.01 -0.85 38.66
C ASN A 216 -45.32 -1.33 38.03
N LEU A 217 -45.31 -1.64 36.73
CA LEU A 217 -46.52 -2.06 36.04
C LEU A 217 -46.64 -3.57 35.92
N ASP A 218 -45.63 -4.31 36.42
CA ASP A 218 -45.61 -5.78 36.43
C ASP A 218 -45.97 -6.39 35.06
N ILE A 219 -45.33 -5.85 34.02
CA ILE A 219 -45.42 -6.39 32.67
C ILE A 219 -44.15 -7.20 32.41
N GLU A 220 -44.29 -8.51 32.16
CA GLU A 220 -43.11 -9.38 32.17
C GLU A 220 -42.16 -9.06 31.02
N ARG A 221 -42.67 -8.90 29.81
CA ARG A 221 -41.86 -8.37 28.69
C ARG A 221 -42.65 -7.30 27.95
N PRO A 222 -42.39 -6.02 28.24
CA PRO A 222 -43.26 -4.95 27.71
C PRO A 222 -43.16 -4.73 26.20
N THR A 223 -44.27 -4.26 25.64
CA THR A 223 -44.35 -3.83 24.24
C THR A 223 -44.06 -2.35 24.13
N TYR A 224 -43.80 -1.92 22.90
CA TYR A 224 -43.55 -0.51 22.59
C TYR A 224 -44.81 0.24 23.02
N THR A 225 -46.01 -0.31 22.78
CA THR A 225 -47.27 0.38 23.17
C THR A 225 -47.24 0.63 24.68
N ASN A 226 -46.79 -0.31 25.50
CA ASN A 226 -46.72 -0.10 26.96
C ASN A 226 -45.79 1.07 27.28
N LEU A 227 -44.59 1.05 26.71
CA LEU A 227 -43.63 2.11 26.93
C LEU A 227 -44.17 3.44 26.45
N ASN A 228 -44.86 3.43 25.30
CA ASN A 228 -45.24 4.67 24.64
C ASN A 228 -46.40 5.36 25.36
N ARG A 229 -47.31 4.58 25.93
CA ARG A 229 -48.50 5.11 26.66
C ARG A 229 -48.01 5.78 27.95
N LEU A 230 -47.00 5.23 28.63
CA LEU A 230 -46.38 5.90 29.76
C LEU A 230 -45.68 7.18 29.32
N ILE A 231 -44.91 7.13 28.22
CA ILE A 231 -44.27 8.34 27.69
C ILE A 231 -45.31 9.42 27.38
N ALA A 232 -46.45 9.04 26.79
CA ALA A 232 -47.48 10.00 26.41
C ALA A 232 -48.05 10.72 27.63
N GLN A 233 -48.18 10.03 28.76
CA GLN A 233 -48.65 10.69 29.97
C GLN A 233 -47.65 11.73 30.46
N VAL A 234 -46.36 11.43 30.38
CA VAL A 234 -45.34 12.42 30.72
C VAL A 234 -45.40 13.60 29.75
N ILE A 235 -45.42 13.31 28.45
CA ILE A 235 -45.41 14.38 27.48
C ILE A 235 -46.68 15.20 27.56
N SER A 236 -47.81 14.60 27.92
CA SER A 236 -49.08 15.33 28.07
C SER A 236 -48.99 16.26 29.27
N SER A 237 -48.43 15.79 30.37
CA SER A 237 -48.28 16.56 31.62
C SER A 237 -47.38 17.76 31.35
N LEU A 238 -46.29 17.54 30.63
CA LEU A 238 -45.28 18.58 30.35
C LEU A 238 -45.83 19.61 29.37
N THR A 239 -46.74 19.23 28.50
CA THR A 239 -47.32 20.15 27.50
C THR A 239 -48.69 20.65 27.92
N ALA A 240 -49.18 20.32 29.11
CA ALA A 240 -50.52 20.71 29.61
C ALA A 240 -50.71 22.22 29.57
N SER A 241 -49.69 22.97 29.93
CA SER A 241 -49.69 24.44 29.99
C SER A 241 -49.60 25.10 28.60
N LEU A 242 -49.27 24.34 27.57
CA LEU A 242 -49.22 24.79 26.17
C LEU A 242 -50.62 24.73 25.58
N ARG A 243 -51.38 23.71 25.98
CA ARG A 243 -52.69 23.37 25.38
C ARG A 243 -53.87 23.79 26.25
N PHE A 244 -53.65 24.22 27.47
CA PHE A 244 -54.71 24.69 28.40
C PHE A 244 -54.24 25.98 29.06
N ASP A 245 -55.11 26.69 29.75
CA ASP A 245 -54.67 27.84 30.52
C ASP A 245 -53.92 27.35 31.77
N GLY A 246 -52.69 27.79 31.97
CA GLY A 246 -51.87 27.40 33.11
C GLY A 246 -50.96 28.54 33.46
N ALA A 247 -50.10 28.34 34.43
CA ALA A 247 -49.22 29.41 34.89
C ALA A 247 -47.74 29.02 34.98
N LEU A 248 -47.32 27.82 34.59
CA LEU A 248 -45.91 27.38 34.63
C LEU A 248 -45.66 26.73 33.27
N ASN A 249 -44.53 27.03 32.64
CA ASN A 249 -44.18 26.52 31.30
C ASN A 249 -45.35 26.72 30.31
N VAL A 250 -45.79 27.96 30.10
CA VAL A 250 -46.96 28.31 29.22
C VAL A 250 -46.55 28.42 27.75
N ASP A 251 -45.29 28.56 27.42
CA ASP A 251 -44.87 28.51 26.02
C ASP A 251 -43.54 27.77 25.97
N ILE A 252 -43.12 27.40 24.75
CA ILE A 252 -41.92 26.58 24.64
C ILE A 252 -40.73 27.34 25.21
N THR A 253 -40.68 28.65 24.97
CA THR A 253 -39.49 29.41 25.35
C THR A 253 -39.31 29.40 26.87
N GLU A 254 -40.42 29.37 27.63
CA GLU A 254 -40.32 29.34 29.09
C GLU A 254 -39.65 28.05 29.61
N PHE A 255 -39.69 26.94 28.85
CA PHE A 255 -38.95 25.76 29.26
C PHE A 255 -37.47 26.07 29.36
N GLN A 256 -36.92 26.71 28.33
CA GLN A 256 -35.51 27.09 28.38
C GLN A 256 -35.23 28.03 29.54
N THR A 257 -36.06 29.08 29.68
CA THR A 257 -35.77 30.07 30.72
C THR A 257 -35.88 29.45 32.12
N ASN A 258 -36.86 28.56 32.34
CA ASN A 258 -37.02 27.95 33.66
C ASN A 258 -36.03 26.84 33.95
N LEU A 259 -35.51 26.17 32.91
CA LEU A 259 -34.79 24.90 33.11
C LEU A 259 -33.33 24.92 32.69
N VAL A 260 -32.86 25.94 31.98
CA VAL A 260 -31.55 25.95 31.35
C VAL A 260 -30.72 27.14 31.79
N PRO A 261 -29.85 27.00 32.80
CA PRO A 261 -29.05 28.15 33.23
C PRO A 261 -27.88 28.41 32.32
N TYR A 262 -27.35 27.37 31.65
CA TYR A 262 -26.18 27.42 30.75
C TYR A 262 -26.64 26.81 29.42
N PRO A 263 -26.57 27.52 28.28
CA PRO A 263 -27.08 27.03 27.00
C PRO A 263 -26.96 25.54 26.61
N ARG A 264 -25.77 24.94 26.62
CA ARG A 264 -25.59 23.55 26.11
C ARG A 264 -26.01 22.51 27.15
N ILE A 265 -26.13 22.87 28.41
CA ILE A 265 -26.56 21.92 29.49
C ILE A 265 -28.08 21.94 29.51
N HIS A 266 -28.72 21.32 28.51
CA HIS A 266 -30.18 21.37 28.37
C HIS A 266 -30.84 20.00 28.21
N PHE A 267 -30.28 18.93 28.78
CA PHE A 267 -30.86 17.56 28.70
C PHE A 267 -31.63 17.31 29.99
N MET A 268 -32.93 17.01 29.93
CA MET A 268 -33.78 16.99 31.12
C MET A 268 -34.10 15.58 31.60
N LEU A 269 -34.00 15.41 32.90
CA LEU A 269 -34.48 14.23 33.62
C LEU A 269 -35.93 14.46 34.05
N SER A 270 -36.82 13.52 33.71
CA SER A 270 -38.21 13.62 34.09
C SER A 270 -38.66 12.42 34.91
N SER A 271 -39.79 12.61 35.62
CA SER A 271 -40.35 11.53 36.40
C SER A 271 -41.86 11.70 36.45
N TYR A 272 -42.53 10.66 36.94
CA TYR A 272 -43.98 10.64 37.03
C TYR A 272 -44.36 9.89 38.29
N ALA A 273 -45.36 10.38 39.02
CA ALA A 273 -45.91 9.62 40.12
C ALA A 273 -47.39 9.92 40.23
N PRO A 274 -48.22 8.92 40.60
CA PRO A 274 -47.89 7.53 40.86
C PRO A 274 -47.92 6.69 39.58
N ILE A 275 -47.05 5.69 39.51
CA ILE A 275 -47.01 4.78 38.39
C ILE A 275 -47.52 3.44 38.91
N ILE A 276 -48.81 3.16 38.71
CA ILE A 276 -49.42 1.98 39.29
C ILE A 276 -50.36 1.32 38.28
N SER A 277 -50.39 -0.01 38.33
CA SER A 277 -51.17 -0.80 37.41
C SER A 277 -52.66 -0.76 37.74
N ALA A 278 -53.47 -0.95 36.70
CA ALA A 278 -54.92 -0.94 36.83
C ALA A 278 -55.49 -2.09 37.66
N GLU A 279 -54.63 -2.96 38.21
CA GLU A 279 -55.12 -4.00 39.12
C GLU A 279 -55.24 -3.43 40.54
N LYS A 280 -56.46 -3.50 41.08
CA LYS A 280 -56.78 -2.88 42.36
C LYS A 280 -56.41 -1.40 42.31
N LEU A 286 -52.31 7.81 45.71
CA LEU A 286 -51.70 8.22 46.97
C LEU A 286 -51.76 9.73 47.12
N SER A 287 -51.36 10.21 48.29
CA SER A 287 -51.53 11.60 48.69
C SER A 287 -50.54 12.52 47.98
N VAL A 288 -50.74 13.83 48.16
CA VAL A 288 -49.82 14.80 47.56
C VAL A 288 -48.40 14.56 48.09
N ALA A 289 -48.29 14.38 49.40
CA ALA A 289 -46.99 14.15 50.02
C ALA A 289 -46.36 12.87 49.49
N GLU A 290 -47.14 11.81 49.35
CA GLU A 290 -46.60 10.54 48.86
C GLU A 290 -46.13 10.65 47.40
N ILE A 291 -46.96 11.26 46.54
CA ILE A 291 -46.57 11.31 45.13
C ILE A 291 -45.42 12.26 44.95
N THR A 292 -45.34 13.30 45.77
CA THR A 292 -44.19 14.21 45.69
C THR A 292 -42.90 13.50 46.08
N ASN A 293 -42.90 12.67 47.12
CA ASN A 293 -41.71 11.87 47.42
C ASN A 293 -41.38 10.94 46.26
N SER A 294 -42.40 10.28 45.72
CA SER A 294 -42.15 9.33 44.65
C SER A 294 -41.50 9.98 43.44
N ALA A 295 -41.85 11.25 43.17
CA ALA A 295 -41.28 11.94 42.03
C ALA A 295 -39.77 12.13 42.11
N PHE A 296 -39.19 12.02 43.30
CA PHE A 296 -37.74 12.18 43.47
C PHE A 296 -37.03 10.85 43.61
N GLU A 297 -37.74 9.73 43.41
CA GLU A 297 -37.20 8.38 43.54
C GLU A 297 -36.65 7.87 42.20
N PRO A 298 -35.49 7.24 42.22
CA PRO A 298 -34.98 6.59 40.99
C PRO A 298 -36.01 5.71 40.28
N ALA A 299 -36.84 4.99 41.04
CA ALA A 299 -37.79 4.05 40.45
C ALA A 299 -38.84 4.72 39.57
N ASN A 300 -39.00 6.04 39.66
CA ASN A 300 -39.98 6.77 38.88
C ASN A 300 -39.35 7.68 37.83
N MET A 301 -38.03 7.62 37.66
CA MET A 301 -37.30 8.45 36.71
C MET A 301 -37.34 7.83 35.31
N MET A 302 -37.52 8.68 34.30
N MET A 302 -37.55 8.69 34.30
CA MET A 302 -37.54 8.27 32.91
CA MET A 302 -37.56 8.27 32.89
C MET A 302 -36.17 8.18 32.28
C MET A 302 -36.16 8.17 32.28
N ALA A 303 -35.12 8.44 33.05
CA ALA A 303 -33.74 8.21 32.61
C ALA A 303 -33.03 7.51 33.75
N LYS A 304 -32.21 6.52 33.40
CA LYS A 304 -31.64 5.61 34.40
C LYS A 304 -30.47 6.28 35.13
N CYS A 305 -30.77 6.93 36.27
CA CYS A 305 -29.72 7.54 37.08
C CYS A 305 -30.26 7.79 38.48
N ASP A 306 -29.35 8.15 39.37
CA ASP A 306 -29.64 8.39 40.78
C ASP A 306 -29.54 9.88 41.05
N PRO A 307 -30.63 10.62 41.03
CA PRO A 307 -30.52 12.08 41.19
C PRO A 307 -30.07 12.47 42.59
N ARG A 308 -29.97 11.51 43.53
CA ARG A 308 -29.41 11.80 44.85
C ARG A 308 -27.90 11.91 44.79
N HIS A 309 -27.28 11.32 43.77
CA HIS A 309 -25.84 11.44 43.64
C HIS A 309 -25.44 12.72 42.93
N GLY A 310 -26.39 13.46 42.35
CA GLY A 310 -26.08 14.67 41.64
C GLY A 310 -26.67 15.90 42.32
N LYS A 311 -26.65 17.00 41.57
CA LYS A 311 -27.25 18.26 41.99
C LYS A 311 -28.22 18.74 40.91
N TYR A 312 -29.26 19.40 41.36
CA TYR A 312 -30.27 19.98 40.50
C TYR A 312 -29.88 21.41 40.19
N MET A 313 -29.84 21.73 38.89
CA MET A 313 -29.81 23.11 38.43
C MET A 313 -31.22 23.71 38.39
N ALA A 314 -32.21 22.87 38.13
CA ALA A 314 -33.56 23.36 37.91
C ALA A 314 -34.52 22.20 38.12
N CYS A 315 -35.71 22.52 38.56
CA CYS A 315 -36.78 21.53 38.80
C CYS A 315 -38.13 22.20 38.65
N SER A 316 -38.97 21.71 37.74
CA SER A 316 -40.37 22.18 37.60
C SER A 316 -41.30 21.01 37.89
N MET A 317 -42.18 21.19 38.86
CA MET A 317 -43.14 20.17 39.30
C MET A 317 -44.51 20.56 38.77
N MET A 318 -45.08 19.70 37.91
N MET A 318 -45.09 19.69 37.94
CA MET A 318 -46.40 19.95 37.29
CA MET A 318 -46.40 19.99 37.33
C MET A 318 -47.43 18.98 37.86
C MET A 318 -47.44 19.00 37.85
N TYR A 319 -48.23 19.45 38.80
CA TYR A 319 -49.26 18.61 39.41
C TYR A 319 -50.53 18.61 38.56
N ARG A 320 -51.28 17.54 38.68
CA ARG A 320 -52.51 17.37 37.91
C ARG A 320 -53.61 16.84 38.81
N GLY A 321 -54.68 17.59 39.02
CA GLY A 321 -55.87 17.02 39.62
C GLY A 321 -56.14 17.58 41.00
N ASP A 322 -56.57 16.71 41.92
CA ASP A 322 -57.04 17.08 43.27
C ASP A 322 -55.86 17.40 44.18
N VAL A 323 -55.27 18.57 43.95
CA VAL A 323 -54.02 19.01 44.56
C VAL A 323 -54.23 20.42 45.13
N VAL A 324 -54.19 20.54 46.45
CA VAL A 324 -54.30 21.81 47.16
C VAL A 324 -52.95 22.48 47.30
N PRO A 325 -52.80 23.74 46.93
CA PRO A 325 -51.47 24.38 47.02
C PRO A 325 -50.76 24.26 48.36
N LYS A 326 -51.48 24.39 49.47
CA LYS A 326 -50.88 24.33 50.84
C LYS A 326 -50.24 22.96 51.04
N ASP A 327 -50.84 21.90 50.51
CA ASP A 327 -50.31 20.55 50.68
C ASP A 327 -49.03 20.34 49.86
N VAL A 328 -48.95 20.93 48.65
CA VAL A 328 -47.69 20.97 47.91
C VAL A 328 -46.61 21.68 48.71
N ASN A 329 -46.93 22.86 49.26
CA ASN A 329 -45.90 23.62 49.96
C ASN A 329 -45.37 22.84 51.16
N ALA A 330 -46.27 22.17 51.89
CA ALA A 330 -45.85 21.37 53.05
C ALA A 330 -44.95 20.21 52.66
N SER A 331 -45.25 19.52 51.56
CA SER A 331 -44.44 18.38 51.16
C SER A 331 -43.04 18.80 50.77
N ILE A 332 -42.95 19.91 50.03
CA ILE A 332 -41.69 20.45 49.58
C ILE A 332 -40.88 20.96 50.77
N ALA A 333 -41.55 21.64 51.70
CA ALA A 333 -40.89 22.02 52.96
C ALA A 333 -40.23 20.81 53.61
N THR A 334 -40.99 19.73 53.80
CA THR A 334 -40.42 18.53 54.41
C THR A 334 -39.25 17.99 53.60
N ILE A 335 -39.38 17.95 52.27
CA ILE A 335 -38.31 17.41 51.46
C ILE A 335 -37.04 18.24 51.60
N LYS A 336 -37.18 19.57 51.63
CA LYS A 336 -36.03 20.44 51.82
C LYS A 336 -35.28 20.11 53.11
N THR A 337 -36.01 19.91 54.22
CA THR A 337 -35.34 19.61 55.48
C THR A 337 -34.57 18.29 55.38
N LYS A 338 -35.08 17.34 54.60
CA LYS A 338 -34.43 16.04 54.51
C LYS A 338 -33.07 16.11 53.81
N ARG A 339 -32.82 17.17 53.04
CA ARG A 339 -31.50 17.56 52.54
C ARG A 339 -30.86 16.55 51.60
N THR A 340 -31.52 15.44 51.31
CA THR A 340 -30.95 14.54 50.32
C THR A 340 -30.99 15.17 48.93
N ILE A 341 -31.96 16.03 48.69
CA ILE A 341 -32.19 16.66 47.41
C ILE A 341 -31.48 18.00 47.42
N GLN A 342 -30.51 18.17 46.53
CA GLN A 342 -29.59 19.30 46.58
C GLN A 342 -29.60 20.07 45.28
N PHE A 343 -29.71 21.39 45.39
CA PHE A 343 -29.64 22.30 44.27
C PHE A 343 -28.27 22.97 44.28
N VAL A 344 -27.83 23.38 43.10
CA VAL A 344 -26.58 24.12 42.96
C VAL A 344 -26.71 25.48 43.60
N ASP A 345 -25.79 25.79 44.49
CA ASP A 345 -25.83 27.08 45.19
C ASP A 345 -25.71 28.24 44.21
N TRP A 346 -26.61 29.21 44.37
CA TRP A 346 -26.65 30.46 43.62
C TRP A 346 -26.98 30.27 42.13
N CYS A 347 -27.43 29.09 41.74
CA CYS A 347 -27.75 28.82 40.34
C CYS A 347 -28.81 29.79 39.83
N PRO A 348 -28.68 30.31 38.61
CA PRO A 348 -29.71 31.23 38.09
C PRO A 348 -31.02 30.56 37.70
N THR A 349 -31.18 29.26 37.90
CA THR A 349 -32.45 28.56 37.78
C THR A 349 -32.72 27.86 39.11
N GLY A 350 -33.92 27.28 39.24
CA GLY A 350 -34.27 26.65 40.50
C GLY A 350 -35.58 25.89 40.47
N PHE A 351 -36.34 25.98 41.57
CA PHE A 351 -37.51 25.14 41.76
C PHE A 351 -38.80 25.93 41.52
N LYS A 352 -39.67 25.35 40.70
CA LYS A 352 -40.96 25.98 40.37
C LYS A 352 -42.02 24.90 40.39
N VAL A 353 -43.25 25.31 40.72
CA VAL A 353 -44.37 24.41 40.88
C VAL A 353 -45.59 24.95 40.15
N GLY A 354 -46.36 24.04 39.56
CA GLY A 354 -47.59 24.40 38.86
C GLY A 354 -48.64 23.35 39.10
N ILE A 355 -49.88 23.80 39.18
CA ILE A 355 -51.02 22.90 39.38
C ILE A 355 -52.02 23.15 38.26
N ASN A 356 -52.41 22.08 37.58
CA ASN A 356 -53.54 22.05 36.66
C ASN A 356 -54.52 21.20 37.46
N TYR A 357 -55.78 21.60 37.60
CA TYR A 357 -56.73 20.95 38.50
C TYR A 357 -57.54 19.85 37.81
N GLN A 358 -57.21 19.51 36.56
CA GLN A 358 -57.82 18.36 35.90
C GLN A 358 -56.97 17.12 36.16
N PRO A 359 -57.53 15.99 36.56
CA PRO A 359 -56.69 14.80 36.78
C PRO A 359 -56.30 14.18 35.45
N PRO A 360 -55.27 13.34 35.42
CA PRO A 360 -54.86 12.72 34.15
C PRO A 360 -56.01 11.95 33.53
N THR A 361 -56.00 11.86 32.19
CA THR A 361 -57.05 11.18 31.39
C THR A 361 -56.69 9.70 31.27
N VAL A 362 -57.67 8.81 31.38
CA VAL A 362 -57.51 7.36 31.21
C VAL A 362 -57.58 7.02 29.73
N VAL A 363 -56.61 6.24 29.26
CA VAL A 363 -56.66 5.74 27.89
C VAL A 363 -57.33 4.37 27.89
N PRO A 364 -58.35 4.14 27.05
CA PRO A 364 -58.94 2.80 26.96
C PRO A 364 -57.89 1.75 26.61
N GLY A 365 -57.90 0.65 27.35
CA GLY A 365 -56.93 -0.41 27.16
C GLY A 365 -55.53 -0.07 27.59
N GLY A 366 -55.35 1.00 28.36
CA GLY A 366 -54.04 1.35 28.87
C GLY A 366 -53.68 0.50 30.05
N ASP A 367 -52.47 0.74 30.56
CA ASP A 367 -51.92 -0.02 31.67
C ASP A 367 -52.01 0.73 32.99
N LEU A 368 -52.18 2.05 32.95
CA LEU A 368 -52.06 2.89 34.13
C LEU A 368 -53.41 3.02 34.81
N ALA A 369 -53.39 2.90 36.13
CA ALA A 369 -54.61 3.00 36.91
C ALA A 369 -55.14 4.43 36.92
N LYS A 370 -56.46 4.56 36.94
CA LYS A 370 -57.07 5.89 37.10
C LYS A 370 -56.68 6.45 38.47
N VAL A 371 -56.25 7.71 38.49
CA VAL A 371 -55.81 8.38 39.71
C VAL A 371 -56.45 9.76 39.77
N MET A 372 -56.73 10.22 40.99
CA MET A 372 -57.32 11.53 41.18
C MET A 372 -56.29 12.65 41.24
N ARG A 373 -55.01 12.31 41.42
CA ARG A 373 -53.94 13.30 41.37
C ARG A 373 -52.65 12.63 40.90
N ALA A 374 -51.81 13.42 40.27
CA ALA A 374 -50.54 12.93 39.76
C ALA A 374 -49.56 14.09 39.71
N VAL A 375 -48.29 13.78 39.57
CA VAL A 375 -47.29 14.80 39.36
C VAL A 375 -46.29 14.31 38.33
N CYS A 376 -45.76 15.27 37.58
CA CYS A 376 -44.72 15.01 36.61
C CYS A 376 -43.67 16.07 36.85
N MET A 377 -42.46 15.63 37.07
CA MET A 377 -41.33 16.51 37.27
C MET A 377 -40.48 16.54 36.01
N ILE A 378 -40.01 17.72 35.65
CA ILE A 378 -38.98 17.87 34.64
C ILE A 378 -37.86 18.68 35.29
N SER A 379 -36.64 18.17 35.20
CA SER A 379 -35.53 18.75 35.93
C SER A 379 -34.27 18.75 35.08
N ASN A 380 -33.35 19.59 35.51
CA ASN A 380 -31.99 19.67 34.95
C ASN A 380 -31.08 19.24 36.10
N SER A 381 -30.60 17.98 36.06
CA SER A 381 -29.78 17.35 37.08
C SER A 381 -28.45 16.89 36.50
N THR A 382 -27.39 17.04 37.28
CA THR A 382 -26.10 16.51 36.84
C THR A 382 -26.11 15.00 36.75
N ALA A 383 -27.06 14.33 37.38
CA ALA A 383 -27.01 12.87 37.39
C ALA A 383 -27.23 12.29 36.01
N ILE A 384 -27.76 13.07 35.07
CA ILE A 384 -28.06 12.56 33.76
C ILE A 384 -26.78 12.18 33.04
N ALA A 385 -25.62 12.70 33.50
CA ALA A 385 -24.35 12.34 32.86
C ALA A 385 -24.11 10.84 32.88
N GLU A 386 -24.69 10.10 33.84
CA GLU A 386 -24.52 8.65 33.86
C GLU A 386 -24.98 8.01 32.57
N VAL A 387 -26.09 8.52 32.01
CA VAL A 387 -26.63 7.92 30.80
C VAL A 387 -25.68 8.13 29.64
N PHE A 388 -25.18 9.36 29.50
CA PHE A 388 -24.22 9.64 28.45
C PHE A 388 -22.93 8.85 28.65
N SER A 389 -22.50 8.72 29.91
CA SER A 389 -21.24 8.05 30.19
C SER A 389 -21.28 6.60 29.75
N ARG A 390 -22.40 5.92 29.99
CA ARG A 390 -22.48 4.53 29.55
C ARG A 390 -22.42 4.42 28.02
N LEU A 391 -23.11 5.33 27.32
CA LEU A 391 -23.07 5.25 25.85
C LEU A 391 -21.70 5.67 25.34
N ASP A 392 -21.07 6.68 25.97
CA ASP A 392 -19.73 7.07 25.53
C ASP A 392 -18.74 5.92 25.68
N HIS A 393 -18.88 5.12 26.74
CA HIS A 393 -17.92 4.03 26.94
C HIS A 393 -18.06 2.96 25.85
N LYS A 394 -19.30 2.67 25.46
CA LYS A 394 -19.60 1.66 24.40
C LYS A 394 -19.03 2.19 23.09
N PHE A 395 -19.33 3.44 22.75
CA PHE A 395 -18.73 4.14 21.63
C PHE A 395 -17.21 3.97 21.64
N ASP A 396 -16.58 4.27 22.78
CA ASP A 396 -15.12 4.26 22.81
C ASP A 396 -14.53 2.87 22.52
N LEU A 397 -15.14 1.82 23.07
CA LEU A 397 -14.64 0.47 22.80
C LEU A 397 -14.62 0.15 21.30
N MET A 398 -15.73 0.46 20.61
CA MET A 398 -15.84 0.14 19.19
C MET A 398 -14.95 1.06 18.36
N TYR A 399 -14.94 2.34 18.68
CA TYR A 399 -14.26 3.31 17.83
C TYR A 399 -12.75 3.10 17.88
N ALA A 400 -12.24 2.59 19.02
CA ALA A 400 -10.82 2.33 19.15
C ALA A 400 -10.33 1.34 18.10
N LYS A 401 -11.20 0.45 17.61
CA LYS A 401 -10.88 -0.47 16.53
C LYS A 401 -11.46 -0.04 15.18
N ARG A 402 -12.11 1.13 15.15
CA ARG A 402 -12.87 1.62 14.00
C ARG A 402 -13.93 0.61 13.55
N ALA A 403 -14.46 -0.18 14.49
CA ALA A 403 -15.48 -1.12 14.12
C ALA A 403 -16.72 -0.40 13.59
N PHE A 404 -17.23 -0.92 12.46
CA PHE A 404 -18.40 -0.45 11.74
C PHE A 404 -18.23 0.94 11.13
N VAL A 405 -17.12 1.61 11.37
CA VAL A 405 -17.01 3.00 10.92
C VAL A 405 -17.15 3.10 9.40
N HIS A 406 -16.70 2.07 8.67
CA HIS A 406 -16.74 2.16 7.22
C HIS A 406 -18.17 2.34 6.69
N TRP A 407 -19.17 1.79 7.40
CA TRP A 407 -20.55 1.93 6.95
C TRP A 407 -20.99 3.40 6.92
N TYR A 408 -20.47 4.22 7.82
CA TYR A 408 -20.83 5.64 7.89
C TYR A 408 -20.02 6.43 6.87
N VAL A 409 -18.71 6.13 6.78
CA VAL A 409 -17.86 6.80 5.80
C VAL A 409 -18.34 6.50 4.38
N GLY A 410 -18.85 5.31 4.15
CA GLY A 410 -19.32 4.98 2.82
C GLY A 410 -20.65 5.60 2.45
N GLU A 411 -21.37 6.15 3.43
CA GLU A 411 -22.66 6.82 3.21
C GLU A 411 -22.56 8.31 3.41
N GLY A 412 -21.41 8.88 3.08
CA GLY A 412 -21.31 10.32 2.95
C GLY A 412 -20.83 11.08 4.16
N MET A 413 -20.47 10.42 5.24
CA MET A 413 -19.96 11.09 6.42
C MET A 413 -18.44 11.01 6.44
N GLU A 414 -17.78 12.12 6.80
CA GLU A 414 -16.35 12.10 7.01
C GLU A 414 -16.04 11.50 8.37
N GLU A 415 -14.94 10.74 8.44
CA GLU A 415 -14.60 10.08 9.69
C GLU A 415 -14.37 11.10 10.80
N GLY A 416 -13.98 12.31 10.43
CA GLY A 416 -13.75 13.34 11.43
C GLY A 416 -14.99 13.67 12.25
N GLU A 417 -16.18 13.41 11.73
CA GLU A 417 -17.40 13.75 12.47
CA GLU A 417 -17.39 13.75 12.47
C GLU A 417 -17.56 12.86 13.69
N PHE A 418 -16.98 11.66 13.68
CA PHE A 418 -16.99 10.74 14.85
C PHE A 418 -16.30 11.41 16.04
N SER A 419 -15.05 11.80 15.89
CA SER A 419 -14.26 12.42 16.97
C SER A 419 -14.85 13.77 17.39
N GLU A 420 -15.40 14.53 16.45
CA GLU A 420 -16.05 15.83 16.73
C GLU A 420 -17.21 15.59 17.70
N ALA A 421 -18.09 14.66 17.37
CA ALA A 421 -19.25 14.34 18.22
C ALA A 421 -18.76 13.85 19.57
N ARG A 422 -17.84 12.89 19.59
CA ARG A 422 -17.35 12.28 20.84
C ARG A 422 -16.80 13.37 21.76
N GLU A 423 -15.97 14.26 21.20
CA GLU A 423 -15.33 15.40 21.92
C GLU A 423 -16.43 16.27 22.51
N ASP A 424 -17.49 16.54 21.72
CA ASP A 424 -18.62 17.37 22.19
C ASP A 424 -19.21 16.73 23.44
N LEU A 425 -19.39 15.39 23.42
CA LEU A 425 -19.93 14.61 24.55
C LEU A 425 -18.94 14.62 25.72
N ALA A 426 -17.65 14.59 25.45
CA ALA A 426 -16.62 14.61 26.52
C ALA A 426 -16.71 15.96 27.24
N ALA A 427 -16.90 17.03 26.49
CA ALA A 427 -17.02 18.40 27.01
C ALA A 427 -18.27 18.46 27.88
N LEU A 428 -19.38 17.91 27.42
CA LEU A 428 -20.64 17.92 28.16
C LEU A 428 -20.48 17.15 29.47
N GLU A 429 -19.78 16.01 29.47
CA GLU A 429 -19.54 15.26 30.69
C GLU A 429 -18.71 16.08 31.68
N LYS A 430 -17.67 16.74 31.20
CA LYS A 430 -16.89 17.59 32.08
C LYS A 430 -17.73 18.73 32.62
N ASP A 431 -18.64 19.25 31.80
CA ASP A 431 -19.58 20.33 32.19
C ASP A 431 -20.40 19.86 33.38
N TYR A 432 -20.99 18.65 33.34
CA TYR A 432 -21.75 18.12 34.46
C TYR A 432 -20.86 17.93 35.69
N GLU A 433 -19.63 17.46 35.50
CA GLU A 433 -18.73 17.22 36.63
C GLU A 433 -18.42 18.52 37.35
N GLU A 434 -18.16 19.59 36.61
CA GLU A 434 -17.83 20.86 37.22
C GLU A 434 -19.01 21.45 37.97
N VAL A 435 -20.20 21.36 37.39
CA VAL A 435 -21.40 21.84 38.07
C VAL A 435 -21.61 21.10 39.39
N GLY A 436 -21.32 19.81 39.44
CA GLY A 436 -21.45 19.04 40.68
C GLY A 436 -20.54 19.48 41.80
N MET B 1 -36.93 -1.20 1.77
CA MET B 1 -36.23 -2.38 1.18
C MET B 1 -37.16 -3.58 0.95
N ARG B 2 -37.34 -4.06 -0.28
CA ARG B 2 -38.34 -5.11 -0.54
C ARG B 2 -37.79 -6.33 -1.30
N GLU B 3 -37.60 -6.25 -2.61
CA GLU B 3 -37.33 -7.42 -3.47
C GLU B 3 -35.88 -7.88 -3.48
N ILE B 4 -35.66 -9.19 -3.61
CA ILE B 4 -34.30 -9.78 -3.75
C ILE B 4 -34.31 -10.51 -5.09
N VAL B 5 -33.26 -10.36 -5.90
CA VAL B 5 -33.12 -11.06 -7.19
C VAL B 5 -32.13 -12.21 -6.93
N HIS B 6 -32.57 -13.43 -7.14
CA HIS B 6 -31.78 -14.66 -6.93
C HIS B 6 -31.18 -15.20 -8.24
N ILE B 7 -29.90 -15.55 -8.21
CA ILE B 7 -29.25 -16.24 -9.33
C ILE B 7 -28.54 -17.48 -8.81
N GLN B 8 -28.78 -18.62 -9.45
CA GLN B 8 -28.17 -19.90 -9.11
C GLN B 8 -27.39 -20.32 -10.34
N GLY B 9 -26.12 -20.66 -10.13
CA GLY B 9 -25.14 -20.89 -11.20
C GLY B 9 -24.42 -22.21 -11.07
N GLY B 10 -24.32 -22.98 -12.14
CA GLY B 10 -23.57 -24.23 -12.13
C GLY B 10 -24.36 -25.38 -11.50
N GLN B 11 -23.70 -26.54 -11.42
CA GLN B 11 -24.42 -27.70 -10.88
C GLN B 11 -24.79 -27.49 -9.43
N CYS B 12 -23.83 -27.14 -8.61
CA CYS B 12 -24.08 -26.99 -7.16
C CYS B 12 -25.10 -25.89 -6.94
N GLY B 13 -24.85 -24.73 -7.53
CA GLY B 13 -25.73 -23.57 -7.43
C GLY B 13 -27.15 -23.97 -7.73
N ASN B 14 -27.37 -24.64 -8.86
CA ASN B 14 -28.73 -24.99 -9.25
C ASN B 14 -29.33 -26.08 -8.37
N GLN B 15 -28.52 -27.03 -7.87
CA GLN B 15 -29.11 -28.07 -7.03
C GLN B 15 -29.50 -27.51 -5.65
N ILE B 16 -28.61 -26.76 -5.03
CA ILE B 16 -28.94 -26.19 -3.69
C ILE B 16 -30.02 -25.16 -3.93
N GLY B 17 -30.01 -24.36 -5.04
CA GLY B 17 -31.07 -23.38 -5.34
C GLY B 17 -32.45 -24.01 -5.47
N ALA B 18 -32.54 -25.12 -6.22
CA ALA B 18 -33.83 -25.78 -6.39
C ALA B 18 -34.39 -26.22 -5.04
N LYS B 19 -33.55 -26.81 -4.18
CA LYS B 19 -34.00 -27.19 -2.84
C LYS B 19 -34.42 -25.97 -2.02
N PHE B 20 -33.68 -24.87 -2.08
CA PHE B 20 -34.12 -23.63 -1.42
C PHE B 20 -35.55 -23.26 -1.81
N TRP B 21 -35.83 -23.23 -3.12
CA TRP B 21 -37.14 -22.80 -3.57
C TRP B 21 -38.22 -23.79 -3.18
N GLU B 22 -37.89 -25.07 -3.15
CA GLU B 22 -38.85 -26.05 -2.65
C GLU B 22 -39.17 -25.77 -1.19
N VAL B 23 -38.13 -25.56 -0.38
CA VAL B 23 -38.35 -25.46 1.05
C VAL B 23 -39.09 -24.17 1.40
N ILE B 24 -38.70 -23.02 0.83
CA ILE B 24 -39.41 -21.79 1.19
C ILE B 24 -40.80 -21.70 0.54
N SER B 25 -41.02 -22.32 -0.63
CA SER B 25 -42.37 -22.29 -1.18
C SER B 25 -43.33 -23.04 -0.26
N ASP B 26 -42.86 -24.14 0.32
CA ASP B 26 -43.70 -24.85 1.27
C ASP B 26 -43.98 -23.95 2.48
N GLU B 27 -42.97 -23.23 2.97
CA GLU B 27 -43.15 -22.38 4.15
C GLU B 27 -44.16 -21.28 3.87
N HIS B 28 -44.16 -20.74 2.65
CA HIS B 28 -45.02 -19.64 2.25
C HIS B 28 -46.36 -20.07 1.69
N GLY B 29 -46.61 -21.37 1.60
CA GLY B 29 -47.86 -21.89 1.08
C GLY B 29 -47.99 -21.88 -0.43
N ILE B 30 -46.88 -21.78 -1.16
CA ILE B 30 -46.90 -21.73 -2.61
C ILE B 30 -46.76 -23.15 -3.15
N ASP B 31 -47.64 -23.54 -4.05
CA ASP B 31 -47.57 -24.85 -4.70
C ASP B 31 -46.84 -24.74 -6.04
N PRO B 32 -46.56 -25.87 -6.69
CA PRO B 32 -45.76 -25.82 -7.92
C PRO B 32 -46.40 -25.08 -9.05
N THR B 33 -47.70 -24.78 -8.97
CA THR B 33 -48.35 -23.93 -9.97
C THR B 33 -48.28 -22.46 -9.59
N GLY B 34 -47.69 -22.13 -8.45
CA GLY B 34 -47.60 -20.75 -8.00
C GLY B 34 -48.80 -20.24 -7.22
N THR B 35 -49.72 -21.10 -6.85
CA THR B 35 -50.95 -20.71 -6.19
C THR B 35 -50.78 -20.87 -4.69
N TYR B 36 -51.22 -19.85 -3.93
CA TYR B 36 -51.10 -19.86 -2.48
C TYR B 36 -52.23 -20.68 -1.85
N HIS B 37 -51.85 -21.58 -0.94
CA HIS B 37 -52.76 -22.26 -0.02
C HIS B 37 -52.11 -22.29 1.36
N GLY B 38 -52.80 -21.77 2.37
CA GLY B 38 -52.23 -21.76 3.71
C GLY B 38 -53.14 -21.01 4.67
N ASP B 39 -52.77 -21.08 5.95
CA ASP B 39 -53.56 -20.39 6.99
C ASP B 39 -53.00 -18.99 7.22
N SER B 40 -51.80 -18.90 7.78
CA SER B 40 -51.31 -17.66 8.34
C SER B 40 -51.12 -16.60 7.26
N ASP B 41 -51.64 -15.40 7.50
CA ASP B 41 -51.31 -14.26 6.67
C ASP B 41 -49.86 -13.82 6.83
N LEU B 42 -49.15 -14.33 7.83
CA LEU B 42 -47.72 -14.07 7.88
C LEU B 42 -47.00 -14.67 6.67
N GLN B 43 -47.61 -15.65 6.00
CA GLN B 43 -46.95 -16.29 4.87
C GLN B 43 -46.88 -15.39 3.65
N LEU B 44 -47.82 -14.46 3.49
CA LEU B 44 -47.85 -13.62 2.30
C LEU B 44 -47.40 -12.19 2.57
N GLU B 45 -47.18 -11.81 3.83
CA GLU B 45 -46.90 -10.42 4.13
C GLU B 45 -45.63 -9.95 3.44
N ARG B 46 -44.58 -10.79 3.38
CA ARG B 46 -43.34 -10.44 2.72
C ARG B 46 -43.00 -11.39 1.57
N ILE B 47 -44.04 -11.96 0.93
CA ILE B 47 -43.85 -12.87 -0.20
C ILE B 47 -43.12 -12.18 -1.33
N ASN B 48 -43.26 -10.86 -1.49
CA ASN B 48 -42.63 -10.10 -2.61
C ASN B 48 -41.11 -10.14 -2.49
N VAL B 49 -40.57 -10.37 -1.30
CA VAL B 49 -39.11 -10.44 -1.08
C VAL B 49 -38.51 -11.45 -2.05
N TYR B 50 -39.13 -12.61 -2.26
CA TYR B 50 -38.56 -13.61 -3.17
C TYR B 50 -39.48 -13.94 -4.36
N TYR B 51 -40.70 -13.44 -4.41
CA TYR B 51 -41.62 -13.84 -5.47
C TYR B 51 -42.27 -12.65 -6.14
N ASN B 52 -42.38 -12.72 -7.48
CA ASN B 52 -43.19 -11.79 -8.25
C ASN B 52 -44.62 -12.30 -8.25
N GLU B 53 -45.58 -11.38 -8.35
CA GLU B 53 -46.97 -11.79 -8.48
C GLU B 53 -47.37 -11.68 -9.94
N ALA B 54 -47.90 -12.76 -10.49
CA ALA B 54 -48.31 -12.78 -11.89
C ALA B 54 -49.76 -12.30 -12.01
N THR B 55 -50.21 -12.14 -13.27
CA THR B 55 -51.61 -11.82 -13.49
C THR B 55 -52.52 -12.82 -12.80
N GLY B 56 -52.24 -14.12 -12.98
CA GLY B 56 -53.14 -15.16 -12.55
C GLY B 56 -53.41 -15.22 -11.05
N GLY B 57 -52.87 -14.28 -10.29
CA GLY B 57 -52.78 -14.44 -8.85
C GLY B 57 -51.68 -15.38 -8.40
N ARG B 58 -50.86 -15.88 -9.32
CA ARG B 58 -49.82 -16.83 -8.97
C ARG B 58 -48.51 -16.12 -8.64
N TYR B 59 -47.67 -16.79 -7.87
CA TYR B 59 -46.40 -16.27 -7.38
C TYR B 59 -45.28 -16.99 -8.12
N VAL B 60 -44.33 -16.23 -8.66
CA VAL B 60 -43.25 -16.77 -9.47
C VAL B 60 -41.93 -16.40 -8.81
N PRO B 61 -41.04 -17.35 -8.54
CA PRO B 61 -39.75 -17.00 -7.97
C PRO B 61 -39.02 -15.95 -8.79
N ARG B 62 -38.45 -14.98 -8.08
CA ARG B 62 -37.60 -14.00 -8.72
C ARG B 62 -36.21 -14.63 -8.85
N ALA B 63 -36.10 -15.53 -9.82
CA ALA B 63 -34.94 -16.42 -9.89
C ALA B 63 -34.45 -16.54 -11.32
N ILE B 64 -33.12 -16.48 -11.46
CA ILE B 64 -32.41 -16.69 -12.73
C ILE B 64 -31.57 -17.95 -12.56
N LEU B 65 -31.61 -18.81 -13.58
CA LEU B 65 -30.94 -20.10 -13.57
C LEU B 65 -29.90 -20.10 -14.69
N MET B 66 -28.63 -20.27 -14.32
CA MET B 66 -27.50 -20.06 -15.24
C MET B 66 -26.61 -21.30 -15.23
N ASP B 67 -26.17 -21.78 -16.38
CA ASP B 67 -25.15 -22.83 -16.38
C ASP B 67 -24.56 -22.88 -17.79
N LEU B 68 -23.30 -23.32 -17.87
CA LEU B 68 -22.65 -23.50 -19.17
C LEU B 68 -22.94 -24.85 -19.81
N GLU B 69 -23.56 -25.75 -19.07
CA GLU B 69 -24.01 -27.07 -19.43
C GLU B 69 -25.52 -27.12 -19.24
N PRO B 70 -26.27 -27.73 -20.14
CA PRO B 70 -27.73 -27.74 -19.98
C PRO B 70 -28.24 -28.77 -18.99
N GLY B 71 -27.45 -29.79 -18.65
CA GLY B 71 -27.89 -30.89 -17.84
C GLY B 71 -28.64 -30.61 -16.55
N THR B 72 -28.02 -29.91 -15.59
CA THR B 72 -28.65 -29.77 -14.29
C THR B 72 -29.93 -28.95 -14.37
N MET B 73 -29.96 -27.96 -15.25
CA MET B 73 -31.18 -27.17 -15.37
C MET B 73 -32.30 -27.99 -16.00
N ASP B 74 -31.96 -28.89 -16.94
CA ASP B 74 -32.96 -29.83 -17.46
C ASP B 74 -33.57 -30.65 -16.34
N SER B 75 -32.75 -31.12 -15.40
CA SER B 75 -33.29 -31.86 -14.27
C SER B 75 -33.97 -30.94 -13.26
N VAL B 76 -33.58 -29.66 -13.20
CA VAL B 76 -34.34 -28.71 -12.39
C VAL B 76 -35.72 -28.51 -13.01
N ARG B 77 -35.78 -28.36 -14.33
CA ARG B 77 -37.07 -28.24 -15.01
C ARG B 77 -37.97 -29.42 -14.66
N ALA B 78 -37.39 -30.61 -14.49
CA ALA B 78 -38.16 -31.80 -14.22
C ALA B 78 -38.42 -32.00 -12.73
N GLY B 79 -37.75 -31.24 -11.88
CA GLY B 79 -37.95 -31.37 -10.47
C GLY B 79 -39.32 -30.88 -10.04
N PRO B 80 -39.58 -31.00 -8.75
CA PRO B 80 -40.92 -30.72 -8.23
C PRO B 80 -41.49 -29.38 -8.70
N PHE B 81 -40.78 -28.29 -8.41
CA PHE B 81 -41.22 -26.94 -8.72
C PHE B 81 -40.67 -26.42 -10.03
N GLY B 82 -40.22 -27.31 -10.90
CA GLY B 82 -39.53 -26.85 -12.11
C GLY B 82 -40.39 -26.00 -13.02
N GLN B 83 -41.70 -26.24 -13.02
CA GLN B 83 -42.60 -25.50 -13.90
C GLN B 83 -42.98 -24.13 -13.35
N LEU B 84 -42.50 -23.78 -12.17
CA LEU B 84 -42.84 -22.48 -11.63
C LEU B 84 -41.81 -21.41 -11.99
N PHE B 85 -40.57 -21.82 -12.27
CA PHE B 85 -39.57 -20.87 -12.72
C PHE B 85 -39.97 -20.27 -14.07
N ARG B 86 -39.73 -18.97 -14.22
CA ARG B 86 -39.97 -18.28 -15.49
C ARG B 86 -39.13 -18.92 -16.59
N PRO B 87 -39.74 -19.55 -17.59
CA PRO B 87 -38.94 -20.23 -18.63
C PRO B 87 -37.85 -19.36 -19.25
N ASP B 88 -38.13 -18.10 -19.50
CA ASP B 88 -37.14 -17.21 -20.10
C ASP B 88 -36.06 -16.77 -19.13
N ASN B 89 -36.09 -17.21 -17.87
CA ASN B 89 -35.01 -16.96 -16.94
C ASN B 89 -33.99 -18.10 -16.86
N PHE B 90 -34.12 -19.12 -17.71
CA PHE B 90 -33.10 -20.15 -17.86
C PHE B 90 -32.11 -19.68 -18.92
N VAL B 91 -30.85 -19.52 -18.53
CA VAL B 91 -29.78 -19.16 -19.47
C VAL B 91 -28.72 -20.24 -19.42
N PHE B 92 -28.58 -21.02 -20.50
CA PHE B 92 -27.63 -22.11 -20.49
C PHE B 92 -26.88 -22.19 -21.79
N GLY B 93 -25.60 -22.53 -21.67
CA GLY B 93 -24.78 -22.88 -22.81
C GLY B 93 -24.81 -24.37 -23.07
N GLN B 94 -23.93 -24.80 -23.97
CA GLN B 94 -23.82 -26.21 -24.32
C GLN B 94 -22.46 -26.80 -24.03
N THR B 95 -21.48 -25.97 -23.68
CA THR B 95 -20.08 -26.39 -23.68
C THR B 95 -19.69 -27.10 -22.39
N GLY B 96 -20.03 -26.48 -21.24
CA GLY B 96 -19.44 -26.82 -19.95
C GLY B 96 -18.19 -26.01 -19.68
N ALA B 97 -17.77 -26.00 -18.40
CA ALA B 97 -16.52 -25.33 -18.02
C ALA B 97 -15.42 -26.29 -17.56
N GLY B 98 -15.70 -27.58 -17.50
CA GLY B 98 -14.66 -28.55 -17.15
C GLY B 98 -13.92 -28.30 -15.85
N ASN B 99 -14.63 -27.86 -14.81
CA ASN B 99 -14.03 -27.57 -13.50
C ASN B 99 -12.90 -26.57 -13.60
N ASN B 100 -12.98 -25.65 -14.55
CA ASN B 100 -11.89 -24.72 -14.85
C ASN B 100 -12.42 -23.30 -14.63
N TRP B 101 -11.97 -22.67 -13.54
CA TRP B 101 -12.40 -21.31 -13.19
C TRP B 101 -12.13 -20.35 -14.34
N ALA B 102 -11.08 -20.55 -15.16
CA ALA B 102 -10.82 -19.67 -16.33
C ALA B 102 -11.89 -19.77 -17.39
N LYS B 103 -12.41 -20.97 -17.68
CA LYS B 103 -13.42 -21.13 -18.73
C LYS B 103 -14.66 -20.37 -18.29
N GLY B 104 -15.03 -20.50 -17.02
CA GLY B 104 -16.18 -19.81 -16.42
C GLY B 104 -16.01 -18.31 -16.33
N HIS B 105 -14.84 -17.80 -15.99
CA HIS B 105 -14.63 -16.35 -15.76
C HIS B 105 -14.18 -15.57 -17.00
N TYR B 106 -13.41 -16.18 -17.91
CA TYR B 106 -12.81 -15.47 -19.05
C TYR B 106 -13.18 -15.96 -20.46
N THR B 107 -13.55 -17.21 -20.69
CA THR B 107 -13.81 -17.68 -22.08
C THR B 107 -15.27 -18.11 -22.27
N GLU B 108 -15.65 -19.34 -21.93
CA GLU B 108 -17.02 -19.83 -22.19
C GLU B 108 -18.04 -18.97 -21.42
N GLY B 109 -17.74 -18.67 -20.16
CA GLY B 109 -18.62 -17.88 -19.29
C GLY B 109 -18.77 -16.46 -19.79
N ALA B 110 -17.69 -15.90 -20.32
CA ALA B 110 -17.63 -14.53 -20.88
C ALA B 110 -18.55 -14.45 -22.12
N GLU B 111 -18.64 -15.53 -22.88
CA GLU B 111 -19.48 -15.61 -24.10
C GLU B 111 -20.97 -15.66 -23.74
N LEU B 112 -21.33 -16.06 -22.51
CA LEU B 112 -22.73 -16.18 -22.13
C LEU B 112 -23.20 -15.11 -21.14
N ILE B 113 -22.27 -14.30 -20.60
CA ILE B 113 -22.60 -13.43 -19.47
C ILE B 113 -23.60 -12.35 -19.88
N ASP B 114 -23.55 -11.87 -21.14
CA ASP B 114 -24.50 -10.83 -21.53
C ASP B 114 -25.93 -11.35 -21.53
N SER B 115 -26.14 -12.60 -21.91
CA SER B 115 -27.48 -13.17 -21.87
C SER B 115 -27.98 -13.34 -20.46
N VAL B 116 -27.09 -13.65 -19.51
CA VAL B 116 -27.49 -13.68 -18.11
C VAL B 116 -27.82 -12.27 -17.62
N LEU B 117 -26.94 -11.33 -17.91
CA LEU B 117 -27.16 -9.97 -17.42
C LEU B 117 -28.45 -9.38 -17.98
N ASP B 118 -28.86 -9.82 -19.17
CA ASP B 118 -30.11 -9.34 -19.73
C ASP B 118 -31.29 -9.69 -18.82
N VAL B 119 -31.36 -10.96 -18.41
N VAL B 119 -31.36 -10.94 -18.38
CA VAL B 119 -32.45 -11.40 -17.55
CA VAL B 119 -32.51 -11.34 -17.56
C VAL B 119 -32.33 -10.73 -16.18
C VAL B 119 -32.35 -10.89 -16.11
N VAL B 120 -31.12 -10.71 -15.61
CA VAL B 120 -30.94 -10.10 -14.28
C VAL B 120 -31.42 -8.65 -14.27
N ARG B 121 -31.03 -7.88 -15.29
CA ARG B 121 -31.46 -6.49 -15.39
C ARG B 121 -32.96 -6.40 -15.46
N LYS B 122 -33.57 -7.25 -16.28
CA LYS B 122 -35.02 -7.21 -16.39
C LYS B 122 -35.68 -7.43 -15.05
N GLU B 123 -35.21 -8.38 -14.25
CA GLU B 123 -35.80 -8.57 -12.93
C GLU B 123 -35.49 -7.39 -12.01
N ALA B 124 -34.24 -6.90 -12.04
CA ALA B 124 -33.87 -5.82 -11.13
C ALA B 124 -34.66 -4.54 -11.42
N GLU B 125 -34.82 -4.19 -12.70
CA GLU B 125 -35.50 -2.95 -13.07
C GLU B 125 -37.00 -3.04 -12.82
N GLY B 126 -37.54 -4.24 -12.69
CA GLY B 126 -38.94 -4.38 -12.39
C GLY B 126 -39.30 -4.32 -10.92
N CYS B 127 -38.31 -4.12 -10.04
CA CYS B 127 -38.55 -4.11 -8.60
C CYS B 127 -38.98 -2.74 -8.13
N ASP B 128 -39.92 -2.69 -7.18
CA ASP B 128 -40.42 -1.41 -6.59
C ASP B 128 -39.23 -0.79 -5.87
N CYS B 129 -38.60 -1.53 -4.96
CA CYS B 129 -37.35 -1.09 -4.28
C CYS B 129 -36.44 -2.31 -4.07
N LEU B 130 -35.43 -2.48 -4.93
CA LEU B 130 -34.54 -3.66 -4.92
C LEU B 130 -33.61 -3.60 -3.70
N GLN B 131 -33.53 -4.67 -2.90
CA GLN B 131 -32.62 -4.78 -1.74
C GLN B 131 -31.24 -5.17 -2.25
N GLY B 132 -31.20 -6.05 -3.26
CA GLY B 132 -29.96 -6.64 -3.72
C GLY B 132 -30.18 -8.04 -4.30
N PHE B 133 -29.04 -8.74 -4.42
CA PHE B 133 -28.90 -10.02 -5.12
C PHE B 133 -28.46 -11.15 -4.17
N GLN B 134 -28.94 -12.37 -4.43
CA GLN B 134 -28.59 -13.59 -3.69
C GLN B 134 -28.00 -14.54 -4.76
N ILE B 135 -26.77 -15.00 -4.61
CA ILE B 135 -26.08 -15.89 -5.58
C ILE B 135 -25.82 -17.24 -4.91
N THR B 136 -26.29 -18.36 -5.47
CA THR B 136 -25.99 -19.69 -4.88
C THR B 136 -25.04 -20.39 -5.87
N HIS B 137 -23.89 -20.88 -5.41
CA HIS B 137 -22.86 -21.49 -6.27
C HIS B 137 -21.83 -22.26 -5.44
N SER B 138 -21.08 -23.13 -6.09
CA SER B 138 -19.89 -23.77 -5.48
C SER B 138 -18.70 -22.92 -5.85
N LEU B 139 -17.67 -22.98 -5.02
CA LEU B 139 -16.45 -22.23 -5.29
C LEU B 139 -15.47 -23.17 -5.96
N GLY B 140 -15.64 -24.53 -6.02
CA GLY B 140 -14.65 -25.52 -6.42
C GLY B 140 -14.75 -25.94 -7.87
N GLY B 141 -15.88 -25.66 -8.52
CA GLY B 141 -16.07 -26.02 -9.92
C GLY B 141 -15.62 -24.91 -10.83
N GLY B 142 -16.14 -24.92 -12.07
CA GLY B 142 -15.79 -23.88 -13.01
C GLY B 142 -16.85 -22.83 -13.28
N THR B 143 -18.11 -23.26 -13.42
CA THR B 143 -19.17 -22.33 -13.80
C THR B 143 -19.63 -21.51 -12.60
N GLY B 144 -20.22 -22.15 -11.59
CA GLY B 144 -20.64 -21.51 -10.35
C GLY B 144 -19.50 -20.71 -9.80
N SER B 145 -18.30 -21.27 -9.79
CA SER B 145 -17.14 -20.56 -9.25
C SER B 145 -16.73 -19.40 -10.16
N GLY B 146 -16.20 -19.66 -11.39
CA GLY B 146 -15.62 -18.68 -12.31
C GLY B 146 -16.65 -17.78 -12.98
N MET B 147 -17.71 -18.35 -13.54
CA MET B 147 -18.73 -17.51 -14.18
C MET B 147 -19.60 -16.82 -13.13
N GLY B 148 -19.84 -17.46 -11.98
CA GLY B 148 -20.57 -16.85 -10.86
C GLY B 148 -19.90 -15.58 -10.38
N THR B 149 -18.58 -15.60 -10.23
CA THR B 149 -17.82 -14.43 -9.78
C THR B 149 -17.76 -13.42 -10.92
N LEU B 150 -17.75 -13.84 -12.19
CA LEU B 150 -17.83 -12.86 -13.25
C LEU B 150 -19.14 -12.10 -13.16
N LEU B 151 -20.25 -12.83 -12.96
CA LEU B 151 -21.56 -12.23 -12.86
C LEU B 151 -21.63 -11.27 -11.68
N ILE B 152 -20.98 -11.64 -10.58
CA ILE B 152 -20.97 -10.81 -9.34
C ILE B 152 -20.28 -9.50 -9.67
N SER B 153 -19.17 -9.56 -10.41
CA SER B 153 -18.41 -8.37 -10.79
C SER B 153 -19.23 -7.46 -11.70
N LYS B 154 -19.88 -8.05 -12.70
CA LYS B 154 -20.66 -7.25 -13.65
C LYS B 154 -21.87 -6.60 -12.97
N VAL B 155 -22.58 -7.37 -12.13
CA VAL B 155 -23.74 -6.79 -11.42
C VAL B 155 -23.29 -5.74 -10.42
N ARG B 156 -22.16 -5.98 -9.75
CA ARG B 156 -21.65 -5.00 -8.79
C ARG B 156 -21.41 -3.65 -9.47
N GLU B 157 -20.91 -3.67 -10.72
CA GLU B 157 -20.65 -2.44 -11.47
C GLU B 157 -21.94 -1.70 -11.81
N GLU B 158 -22.99 -2.44 -12.16
CA GLU B 158 -24.23 -1.82 -12.62
C GLU B 158 -25.12 -1.42 -11.45
N TYR B 159 -24.96 -2.09 -10.31
CA TYR B 159 -25.77 -1.90 -9.09
C TYR B 159 -24.82 -1.74 -7.89
N PRO B 160 -23.97 -0.70 -7.83
CA PRO B 160 -23.01 -0.56 -6.76
C PRO B 160 -23.62 -0.21 -5.39
N ASP B 161 -24.84 0.35 -5.37
CA ASP B 161 -25.53 0.75 -4.13
C ASP B 161 -26.37 -0.40 -3.57
N ARG B 162 -26.62 -1.46 -4.32
CA ARG B 162 -27.37 -2.63 -3.75
CA ARG B 162 -27.36 -2.63 -3.75
C ARG B 162 -26.49 -3.74 -3.06
N ILE B 163 -27.14 -4.51 -2.19
CA ILE B 163 -26.38 -5.47 -1.35
C ILE B 163 -26.09 -6.74 -2.16
N MET B 164 -24.86 -7.24 -2.15
CA MET B 164 -24.52 -8.48 -2.91
C MET B 164 -24.32 -9.60 -1.88
N GLU B 165 -25.17 -10.63 -1.86
CA GLU B 165 -25.03 -11.74 -0.88
C GLU B 165 -24.85 -13.06 -1.63
N THR B 166 -24.07 -13.97 -1.07
CA THR B 166 -23.84 -15.29 -1.70
C THR B 166 -24.03 -16.40 -0.67
N PHE B 167 -24.39 -17.59 -1.15
CA PHE B 167 -24.41 -18.86 -0.41
C PHE B 167 -23.34 -19.63 -1.17
N SER B 168 -22.11 -19.68 -0.66
CA SER B 168 -20.95 -20.23 -1.40
C SER B 168 -20.56 -21.59 -0.85
N VAL B 169 -20.52 -22.64 -1.69
CA VAL B 169 -20.16 -24.00 -1.23
C VAL B 169 -18.62 -24.19 -1.34
N VAL B 170 -17.89 -24.31 -0.21
CA VAL B 170 -16.44 -24.44 -0.15
C VAL B 170 -16.04 -25.91 -0.39
N PRO B 171 -15.04 -26.19 -1.20
CA PRO B 171 -14.74 -27.59 -1.53
C PRO B 171 -14.04 -28.34 -0.41
N SER B 172 -14.16 -29.66 -0.49
CA SER B 172 -13.45 -30.58 0.40
C SER B 172 -13.15 -31.90 -0.29
N PRO B 173 -11.91 -32.37 -0.21
CA PRO B 173 -11.56 -33.71 -0.71
C PRO B 173 -12.44 -34.84 -0.18
N LYS B 174 -13.09 -34.63 0.98
CA LYS B 174 -13.96 -35.68 1.50
C LYS B 174 -15.16 -35.89 0.60
N VAL B 175 -15.53 -34.90 -0.18
CA VAL B 175 -16.74 -34.96 -0.98
C VAL B 175 -16.40 -35.08 -2.45
N SER B 176 -15.38 -34.37 -2.88
CA SER B 176 -14.94 -34.45 -4.27
C SER B 176 -13.42 -34.41 -4.29
N ASP B 177 -12.80 -35.53 -4.64
CA ASP B 177 -11.34 -35.61 -4.68
C ASP B 177 -10.89 -35.19 -6.08
N THR B 178 -10.88 -33.87 -6.28
CA THR B 178 -10.63 -33.21 -7.57
C THR B 178 -9.63 -32.11 -7.26
N VAL B 179 -8.38 -32.25 -7.75
CA VAL B 179 -7.31 -31.48 -7.16
C VAL B 179 -7.17 -30.04 -7.64
N VAL B 180 -7.94 -29.60 -8.66
CA VAL B 180 -7.86 -28.20 -9.02
C VAL B 180 -8.85 -27.37 -8.20
N GLU B 181 -9.70 -28.02 -7.40
CA GLU B 181 -10.71 -27.27 -6.68
C GLU B 181 -10.11 -26.24 -5.73
N PRO B 182 -8.96 -26.47 -5.10
CA PRO B 182 -8.39 -25.37 -4.30
C PRO B 182 -8.02 -24.16 -5.12
N TYR B 183 -7.53 -24.35 -6.37
CA TYR B 183 -7.30 -23.21 -7.26
C TYR B 183 -8.58 -22.42 -7.46
N ASN B 184 -9.64 -23.13 -7.85
CA ASN B 184 -10.88 -22.47 -8.22
C ASN B 184 -11.45 -21.73 -7.02
N ALA B 185 -11.35 -22.32 -5.83
CA ALA B 185 -11.94 -21.69 -4.65
C ALA B 185 -11.12 -20.49 -4.19
N THR B 186 -9.80 -20.59 -4.26
CA THR B 186 -8.96 -19.45 -3.86
C THR B 186 -9.17 -18.30 -4.82
N LEU B 187 -9.21 -18.59 -6.12
CA LEU B 187 -9.50 -17.51 -7.07
C LEU B 187 -10.85 -16.85 -6.76
N SER B 188 -11.85 -17.65 -6.40
CA SER B 188 -13.21 -17.14 -6.10
C SER B 188 -13.22 -16.36 -4.78
N VAL B 189 -12.48 -16.79 -3.78
CA VAL B 189 -12.52 -16.10 -2.48
C VAL B 189 -11.97 -14.69 -2.64
N HIS B 190 -10.98 -14.57 -3.51
CA HIS B 190 -10.38 -13.27 -3.89
C HIS B 190 -11.49 -12.39 -4.45
N GLN B 191 -12.28 -12.92 -5.40
CA GLN B 191 -13.39 -12.19 -5.97
C GLN B 191 -14.41 -11.79 -4.89
N LEU B 192 -14.73 -12.74 -4.05
CA LEU B 192 -15.76 -12.56 -3.01
C LEU B 192 -15.32 -11.49 -2.01
N VAL B 193 -14.06 -11.45 -1.59
CA VAL B 193 -13.54 -10.42 -0.66
C VAL B 193 -13.76 -9.00 -1.20
N GLU B 194 -13.57 -8.84 -2.51
CA GLU B 194 -13.62 -7.50 -3.14
C GLU B 194 -15.02 -7.09 -3.61
N ASN B 195 -15.89 -8.02 -3.97
CA ASN B 195 -17.11 -7.65 -4.69
C ASN B 195 -18.41 -8.10 -4.02
N ALA B 196 -18.37 -8.81 -2.90
CA ALA B 196 -19.61 -9.28 -2.24
C ALA B 196 -19.71 -8.59 -0.88
N ASP B 197 -20.91 -8.27 -0.43
CA ASP B 197 -21.08 -7.67 0.91
C ASP B 197 -21.20 -8.75 1.97
N GLU B 198 -21.91 -9.83 1.68
CA GLU B 198 -22.20 -10.90 2.66
C GLU B 198 -21.97 -12.27 2.03
N CYS B 199 -21.21 -13.16 2.67
CA CYS B 199 -20.99 -14.52 2.15
C CYS B 199 -21.42 -15.54 3.21
N MET B 200 -22.49 -16.30 2.99
CA MET B 200 -23.00 -17.32 3.90
C MET B 200 -22.24 -18.60 3.49
N VAL B 201 -21.30 -19.05 4.33
CA VAL B 201 -20.36 -20.10 3.96
C VAL B 201 -21.05 -21.44 4.16
N ILE B 202 -20.92 -22.31 3.17
CA ILE B 202 -21.43 -23.68 3.26
C ILE B 202 -20.20 -24.58 2.94
N ASP B 203 -19.67 -25.25 3.96
CA ASP B 203 -18.41 -25.98 3.82
C ASP B 203 -18.72 -27.46 3.62
N ASN B 204 -18.38 -28.02 2.44
CA ASN B 204 -18.63 -29.45 2.21
C ASN B 204 -17.84 -30.33 3.18
N GLU B 205 -16.73 -29.83 3.71
CA GLU B 205 -16.06 -30.59 4.76
C GLU B 205 -16.96 -30.76 5.97
N ALA B 206 -17.60 -29.68 6.41
CA ALA B 206 -18.51 -29.74 7.55
C ALA B 206 -19.74 -30.58 7.25
N LEU B 207 -20.35 -30.42 6.07
CA LEU B 207 -21.52 -31.23 5.75
C LEU B 207 -21.16 -32.71 5.76
N TYR B 208 -20.00 -33.06 5.20
CA TYR B 208 -19.60 -34.46 5.17
C TYR B 208 -19.44 -35.01 6.58
N ASP B 209 -18.70 -34.29 7.43
CA ASP B 209 -18.54 -34.70 8.84
C ASP B 209 -19.86 -34.84 9.56
N ILE B 210 -20.81 -33.91 9.37
CA ILE B 210 -22.10 -34.03 10.03
C ILE B 210 -22.83 -35.28 9.58
N CYS B 211 -22.84 -35.55 8.28
CA CYS B 211 -23.54 -36.71 7.75
C CYS B 211 -22.88 -38.00 8.19
N PHE B 212 -21.56 -38.00 8.30
CA PHE B 212 -20.86 -39.23 8.67
C PHE B 212 -20.92 -39.48 10.17
N ARG B 213 -20.63 -38.45 10.98
CA ARG B 213 -20.34 -38.66 12.40
C ARG B 213 -21.58 -38.51 13.28
N THR B 214 -22.36 -37.45 13.05
CA THR B 214 -23.54 -37.23 13.87
C THR B 214 -24.78 -37.90 13.29
N LEU B 215 -24.90 -38.02 11.98
CA LEU B 215 -26.07 -38.66 11.38
C LEU B 215 -25.80 -40.11 11.00
N LYS B 216 -24.56 -40.58 11.18
CA LYS B 216 -24.15 -41.95 10.90
C LYS B 216 -24.61 -42.43 9.53
N LEU B 217 -24.30 -41.62 8.52
CA LEU B 217 -24.45 -41.99 7.12
C LEU B 217 -23.04 -42.26 6.58
N THR B 218 -22.82 -43.49 6.11
CA THR B 218 -21.45 -43.91 5.80
C THR B 218 -20.95 -43.29 4.50
N THR B 219 -21.81 -43.17 3.49
CA THR B 219 -21.43 -42.62 2.18
C THR B 219 -22.46 -41.59 1.75
N PRO B 220 -22.56 -40.29 2.41
CA PRO B 220 -23.55 -38.95 2.28
C PRO B 220 -23.58 -38.72 0.76
N THR B 221 -24.76 -38.76 0.15
CA THR B 221 -24.97 -38.37 -1.27
C THR B 221 -25.17 -36.85 -1.30
N TYR B 222 -25.13 -36.26 -2.48
CA TYR B 222 -25.39 -34.81 -2.64
C TYR B 222 -26.73 -34.51 -1.95
N GLY B 223 -27.77 -35.38 -2.07
CA GLY B 223 -29.07 -35.22 -1.42
C GLY B 223 -28.94 -35.09 0.09
N ASP B 224 -28.08 -35.93 0.70
CA ASP B 224 -27.86 -35.84 2.14
C ASP B 224 -27.20 -34.51 2.50
N LEU B 225 -26.18 -34.10 1.74
CA LEU B 225 -25.53 -32.83 2.02
C LEU B 225 -26.52 -31.68 1.86
N ASN B 226 -27.34 -31.74 0.81
CA ASN B 226 -28.19 -30.60 0.48
C ASN B 226 -29.38 -30.50 1.41
N HIS B 227 -29.70 -31.60 2.10
CA HIS B 227 -30.73 -31.54 3.12
C HIS B 227 -30.32 -30.60 4.24
N LEU B 228 -29.04 -30.66 4.63
CA LEU B 228 -28.52 -29.70 5.61
C LEU B 228 -28.47 -28.28 5.03
N VAL B 229 -28.04 -28.16 3.77
CA VAL B 229 -27.92 -26.83 3.17
C VAL B 229 -29.26 -26.13 3.12
N SER B 230 -30.31 -26.84 2.72
CA SER B 230 -31.60 -26.17 2.58
C SER B 230 -32.15 -25.77 3.94
N ALA B 231 -31.89 -26.58 4.97
CA ALA B 231 -32.31 -26.20 6.32
C ALA B 231 -31.61 -24.92 6.77
N ALA B 232 -30.30 -24.81 6.54
CA ALA B 232 -29.56 -23.60 6.86
C ALA B 232 -30.08 -22.39 6.07
N MET B 233 -30.31 -22.56 4.79
CA MET B 233 -30.74 -21.43 3.97
C MET B 233 -32.11 -20.90 4.39
N SER B 234 -33.05 -21.80 4.65
CA SER B 234 -34.35 -21.38 5.17
C SER B 234 -34.19 -20.62 6.47
N GLY B 235 -33.37 -21.16 7.38
CA GLY B 235 -33.20 -20.55 8.68
C GLY B 235 -32.49 -19.22 8.60
N VAL B 236 -31.45 -19.13 7.77
CA VAL B 236 -30.73 -17.87 7.60
C VAL B 236 -31.63 -16.81 6.98
N THR B 237 -32.50 -17.18 6.04
CA THR B 237 -33.33 -16.19 5.31
C THR B 237 -34.66 -15.92 6.01
N CYS B 238 -34.98 -16.61 7.10
CA CYS B 238 -36.26 -16.45 7.77
C CYS B 238 -36.49 -14.99 8.16
N CYS B 239 -35.43 -14.30 8.61
CA CYS B 239 -35.55 -12.91 9.06
CA CYS B 239 -35.55 -12.91 9.06
C CYS B 239 -35.88 -11.97 7.90
N LEU B 240 -35.59 -12.33 6.65
CA LEU B 240 -35.94 -11.51 5.47
C LEU B 240 -37.34 -11.85 4.95
N ARG B 241 -37.87 -13.02 5.26
CA ARG B 241 -39.08 -13.51 4.60
C ARG B 241 -40.34 -13.40 5.43
N PHE B 242 -40.21 -13.17 6.74
CA PHE B 242 -41.34 -13.06 7.65
C PHE B 242 -41.25 -11.78 8.46
N PRO B 243 -42.39 -11.26 8.92
CA PRO B 243 -42.37 -9.99 9.64
C PRO B 243 -41.44 -10.07 10.84
N GLY B 244 -40.76 -8.97 11.11
CA GLY B 244 -39.82 -8.91 12.21
C GLY B 244 -39.00 -7.64 12.07
N GLN B 245 -38.11 -7.46 13.03
N GLN B 245 -38.16 -7.40 13.06
CA GLN B 245 -37.29 -6.27 13.12
CA GLN B 245 -37.24 -6.28 12.99
C GLN B 245 -35.79 -6.53 13.06
C GLN B 245 -35.79 -6.74 12.82
N LEU B 246 -35.30 -7.58 13.73
CA LEU B 246 -33.87 -7.87 13.72
C LEU B 246 -33.46 -8.44 12.38
N ASN B 247 -32.47 -7.82 11.74
CA ASN B 247 -31.91 -8.31 10.50
C ASN B 247 -32.98 -8.46 9.43
N SER B 248 -33.99 -7.58 9.45
CA SER B 248 -35.18 -7.76 8.62
C SER B 248 -34.92 -7.49 7.13
N ASP B 249 -33.75 -6.98 6.77
CA ASP B 249 -33.36 -6.88 5.36
C ASP B 249 -31.85 -7.06 5.24
N LEU B 250 -31.36 -7.21 4.00
CA LEU B 250 -29.94 -7.52 3.72
C LEU B 250 -29.02 -6.43 4.26
N ARG B 251 -29.38 -5.17 4.08
CA ARG B 251 -28.53 -4.08 4.61
CA ARG B 251 -28.54 -4.07 4.61
C ARG B 251 -28.42 -3.97 6.17
N LYS B 252 -29.57 -4.19 6.84
CA LYS B 252 -29.54 -4.19 8.30
C LYS B 252 -28.77 -5.39 8.85
N LEU B 253 -28.91 -6.53 8.19
CA LEU B 253 -28.15 -7.76 8.50
C LEU B 253 -26.65 -7.44 8.40
N ALA B 254 -26.24 -6.76 7.34
CA ALA B 254 -24.83 -6.43 7.10
C ALA B 254 -24.28 -5.49 8.17
N VAL B 255 -25.04 -4.42 8.47
CA VAL B 255 -24.62 -3.45 9.48
C VAL B 255 -24.46 -4.10 10.86
N ASN B 256 -25.27 -5.11 11.19
CA ASN B 256 -25.12 -5.80 12.47
C ASN B 256 -23.95 -6.78 12.49
N LEU B 257 -23.63 -7.40 11.37
CA LEU B 257 -22.69 -8.51 11.37
C LEU B 257 -21.27 -8.15 10.96
N ILE B 258 -21.06 -7.00 10.31
CA ILE B 258 -19.80 -6.73 9.62
C ILE B 258 -19.11 -5.47 10.13
N PRO B 259 -18.22 -5.57 11.11
CA PRO B 259 -17.52 -4.37 11.59
C PRO B 259 -16.41 -3.90 10.66
N PHE B 260 -15.89 -4.82 9.81
CA PHE B 260 -14.72 -4.56 8.98
C PHE B 260 -15.03 -5.16 7.61
N PRO B 261 -14.96 -4.37 6.53
CA PRO B 261 -15.71 -4.72 5.32
C PRO B 261 -15.25 -6.03 4.68
N ARG B 262 -13.97 -6.37 4.79
CA ARG B 262 -13.44 -7.61 4.17
C ARG B 262 -13.88 -8.87 4.93
N LEU B 263 -14.19 -8.73 6.23
CA LEU B 263 -14.50 -9.89 7.06
C LEU B 263 -16.00 -10.14 7.04
N HIS B 264 -16.46 -10.69 5.91
CA HIS B 264 -17.89 -10.82 5.62
C HIS B 264 -18.22 -12.26 5.26
N PHE B 265 -17.53 -13.19 5.89
CA PHE B 265 -17.77 -14.62 5.73
C PHE B 265 -18.31 -15.22 7.01
N PHE B 266 -19.52 -15.78 6.97
CA PHE B 266 -20.22 -16.07 8.20
C PHE B 266 -20.29 -17.55 8.50
N MET B 267 -20.12 -17.86 9.79
CA MET B 267 -20.35 -19.20 10.30
C MET B 267 -21.81 -19.37 10.71
N ILE B 268 -22.43 -20.43 10.22
CA ILE B 268 -23.81 -20.76 10.43
C ILE B 268 -23.91 -22.06 11.21
N GLY B 269 -24.60 -22.02 12.36
CA GLY B 269 -24.97 -23.21 13.09
C GLY B 269 -26.48 -23.32 13.19
N PHE B 270 -27.00 -24.53 13.28
CA PHE B 270 -28.45 -24.68 13.43
C PHE B 270 -28.79 -25.96 14.16
N ALA B 271 -29.99 -25.97 14.78
CA ALA B 271 -30.46 -27.09 15.56
C ALA B 271 -31.98 -27.14 15.49
N PRO B 272 -32.57 -28.33 15.51
CA PRO B 272 -31.93 -29.65 15.49
C PRO B 272 -31.36 -29.97 14.14
N LEU B 273 -30.34 -30.81 14.09
CA LEU B 273 -29.91 -31.39 12.82
C LEU B 273 -30.79 -32.60 12.52
N THR B 274 -31.17 -32.77 11.25
CA THR B 274 -32.09 -33.83 10.88
C THR B 274 -31.62 -34.54 9.63
N SER B 275 -32.06 -35.79 9.48
CA SER B 275 -31.96 -36.55 8.25
C SER B 275 -33.23 -36.35 7.41
N ARG B 276 -33.18 -36.79 6.17
CA ARG B 276 -34.38 -36.70 5.33
C ARG B 276 -35.11 -38.03 5.30
N ARG B 282 -39.56 -35.84 19.38
CA ARG B 282 -39.68 -34.89 20.48
C ARG B 282 -39.00 -33.56 20.17
N ALA B 283 -39.70 -32.46 20.46
CA ALA B 283 -39.12 -31.14 20.21
C ALA B 283 -37.98 -30.85 21.18
N LEU B 284 -36.98 -30.13 20.68
CA LEU B 284 -35.92 -29.64 21.53
C LEU B 284 -36.44 -28.55 22.47
N THR B 285 -35.86 -28.51 23.66
CA THR B 285 -36.10 -27.40 24.58
C THR B 285 -35.22 -26.20 24.22
N VAL B 286 -35.51 -25.06 24.81
CA VAL B 286 -34.73 -23.86 24.51
C VAL B 286 -33.30 -24.02 25.03
N PRO B 287 -33.06 -24.58 26.21
CA PRO B 287 -31.66 -24.84 26.59
C PRO B 287 -30.95 -25.74 25.59
N GLU B 288 -31.65 -26.74 25.04
CA GLU B 288 -31.00 -27.60 24.06
C GLU B 288 -30.67 -26.85 22.78
N LEU B 289 -31.60 -26.02 22.29
CA LEU B 289 -31.34 -25.19 21.12
C LEU B 289 -30.13 -24.28 21.33
N THR B 290 -30.07 -23.58 22.47
CA THR B 290 -29.00 -22.60 22.64
C THR B 290 -27.64 -23.27 22.75
N GLN B 291 -27.59 -24.47 23.35
CA GLN B 291 -26.33 -25.19 23.46
C GLN B 291 -25.90 -25.76 22.11
N GLN B 292 -26.82 -26.38 21.39
CA GLN B 292 -26.47 -27.03 20.13
C GLN B 292 -26.09 -26.02 19.05
N MET B 293 -26.78 -24.87 19.02
CA MET B 293 -26.57 -23.92 17.93
C MET B 293 -25.14 -23.41 17.88
N PHE B 294 -24.44 -23.54 19.00
CA PHE B 294 -23.10 -23.05 19.25
C PHE B 294 -22.06 -24.14 19.06
N ASP B 295 -22.50 -25.38 18.95
CA ASP B 295 -21.63 -26.53 19.02
C ASP B 295 -20.92 -26.70 17.68
N ALA B 296 -19.64 -26.99 17.75
CA ALA B 296 -18.91 -27.30 16.52
C ALA B 296 -19.66 -28.31 15.66
N LYS B 297 -20.29 -29.29 16.29
CA LYS B 297 -20.92 -30.37 15.53
C LYS B 297 -22.13 -29.90 14.72
N ASN B 298 -22.64 -28.69 15.00
CA ASN B 298 -23.81 -28.14 14.32
C ASN B 298 -23.48 -27.03 13.32
N MET B 299 -22.20 -26.74 13.06
CA MET B 299 -21.80 -25.65 12.20
C MET B 299 -21.72 -26.09 10.72
N MET B 300 -22.04 -25.16 9.82
CA MET B 300 -21.90 -25.38 8.38
C MET B 300 -20.49 -25.07 7.86
N CYS B 301 -19.56 -24.80 8.75
CA CYS B 301 -18.19 -24.43 8.43
C CYS B 301 -17.30 -25.33 9.29
N ALA B 302 -16.30 -25.96 8.68
CA ALA B 302 -15.42 -26.85 9.42
C ALA B 302 -14.32 -26.00 10.05
N ALA B 303 -14.75 -25.23 11.03
CA ALA B 303 -13.88 -24.38 11.82
C ALA B 303 -14.47 -24.50 13.23
N ASP B 304 -13.61 -24.58 14.23
CA ASP B 304 -14.06 -24.77 15.60
C ASP B 304 -14.28 -23.41 16.22
N PRO B 305 -15.54 -23.03 16.56
CA PRO B 305 -15.79 -21.70 17.10
C PRO B 305 -15.09 -21.44 18.41
N ARG B 306 -14.72 -22.48 19.15
CA ARG B 306 -13.95 -22.30 20.39
C ARG B 306 -12.45 -22.16 20.15
N HIS B 307 -12.03 -22.05 18.89
CA HIS B 307 -10.62 -21.75 18.52
C HIS B 307 -10.52 -20.29 18.08
N GLY B 308 -11.57 -19.47 18.25
CA GLY B 308 -11.61 -18.05 17.87
C GLY B 308 -12.60 -17.28 18.71
N ARG B 309 -12.88 -16.05 18.33
CA ARG B 309 -13.89 -15.21 19.03
C ARG B 309 -14.90 -14.66 18.01
N TYR B 310 -16.18 -14.60 18.38
CA TYR B 310 -17.21 -13.91 17.62
C TYR B 310 -17.05 -12.40 17.75
N LEU B 311 -16.95 -11.73 16.60
CA LEU B 311 -17.11 -10.27 16.55
C LEU B 311 -18.56 -9.89 16.83
N THR B 312 -19.50 -10.61 16.20
CA THR B 312 -20.94 -10.39 16.25
C THR B 312 -21.62 -11.73 15.98
N ALA B 313 -22.87 -11.83 16.39
CA ALA B 313 -23.72 -12.97 16.07
C ALA B 313 -25.18 -12.64 16.33
N SER B 314 -26.06 -13.40 15.64
CA SER B 314 -27.51 -13.36 15.87
C SER B 314 -28.06 -14.77 15.96
N ALA B 315 -28.98 -14.98 16.89
CA ALA B 315 -29.67 -16.26 17.05
C ALA B 315 -31.11 -16.06 16.64
N LEU B 316 -31.54 -16.76 15.60
CA LEU B 316 -32.88 -16.61 15.05
C LEU B 316 -33.65 -17.88 15.43
N PHE B 317 -34.45 -17.77 16.49
CA PHE B 317 -35.29 -18.86 16.97
C PHE B 317 -36.58 -18.91 16.16
N ARG B 318 -37.12 -20.11 15.97
CA ARG B 318 -38.37 -20.30 15.20
C ARG B 318 -39.27 -21.27 15.96
N GLY B 319 -40.58 -21.01 16.03
CA GLY B 319 -41.54 -21.87 16.71
C GLY B 319 -42.26 -21.16 17.83
N ARG B 320 -43.14 -21.86 18.53
CA ARG B 320 -43.94 -21.31 19.64
C ARG B 320 -43.13 -21.51 20.92
N MET B 321 -42.37 -20.50 21.34
CA MET B 321 -41.54 -20.55 22.55
C MET B 321 -41.61 -19.19 23.22
N SER B 322 -41.19 -19.15 24.47
CA SER B 322 -41.30 -17.97 25.33
C SER B 322 -40.16 -17.00 25.10
N THR B 323 -40.51 -15.72 25.02
CA THR B 323 -39.48 -14.68 24.99
C THR B 323 -38.68 -14.70 26.29
N LYS B 324 -39.38 -14.83 27.42
CA LYS B 324 -38.70 -14.93 28.71
C LYS B 324 -37.65 -16.03 28.69
N GLU B 325 -38.02 -17.23 28.25
CA GLU B 325 -37.07 -18.33 28.32
C GLU B 325 -35.89 -18.13 27.36
N VAL B 326 -36.14 -17.56 26.18
CA VAL B 326 -35.04 -17.27 25.27
C VAL B 326 -34.08 -16.28 25.89
N ASP B 327 -34.63 -15.24 26.53
CA ASP B 327 -33.79 -14.26 27.23
C ASP B 327 -32.91 -14.96 28.27
N GLU B 328 -33.51 -15.82 29.08
CA GLU B 328 -32.79 -16.51 30.14
C GLU B 328 -31.66 -17.35 29.57
N GLN B 329 -31.94 -18.16 28.55
CA GLN B 329 -30.92 -19.06 28.01
C GLN B 329 -29.85 -18.30 27.24
N MET B 330 -30.23 -17.22 26.55
CA MET B 330 -29.23 -16.40 25.86
C MET B 330 -28.26 -15.78 26.84
N LEU B 331 -28.75 -15.41 28.01
CA LEU B 331 -27.84 -14.94 29.05
C LEU B 331 -26.92 -16.06 29.50
N ASN B 332 -27.47 -17.26 29.67
CA ASN B 332 -26.67 -18.41 30.08
C ASN B 332 -25.58 -18.74 29.06
N VAL B 333 -25.91 -18.79 27.76
CA VAL B 333 -24.88 -19.25 26.83
C VAL B 333 -23.80 -18.21 26.65
N GLN B 334 -24.14 -16.93 26.77
CA GLN B 334 -23.13 -15.88 26.74
C GLN B 334 -22.21 -15.97 27.94
N ASN B 335 -22.77 -16.21 29.13
CA ASN B 335 -21.89 -16.41 30.28
C ASN B 335 -20.97 -17.63 30.08
N LYS B 336 -21.53 -18.77 29.69
CA LYS B 336 -20.72 -19.97 29.60
C LYS B 336 -19.66 -19.84 28.49
N ASN B 337 -19.95 -19.07 27.44
CA ASN B 337 -19.06 -18.97 26.28
C ASN B 337 -18.35 -17.62 26.22
N SER B 338 -18.24 -16.96 27.37
CA SER B 338 -17.68 -15.62 27.41
C SER B 338 -16.28 -15.54 26.83
N SER B 339 -15.55 -16.67 26.79
CA SER B 339 -14.20 -16.64 26.22
C SER B 339 -14.19 -16.56 24.70
N TYR B 340 -15.32 -16.78 24.03
CA TYR B 340 -15.42 -16.86 22.59
C TYR B 340 -16.17 -15.67 21.97
N PHE B 341 -16.28 -14.56 22.69
CA PHE B 341 -16.83 -13.30 22.18
C PHE B 341 -15.84 -12.18 22.44
N VAL B 342 -15.65 -11.29 21.47
CA VAL B 342 -14.79 -10.15 21.73
C VAL B 342 -15.47 -9.28 22.76
N GLU B 343 -14.67 -8.55 23.53
CA GLU B 343 -15.14 -7.70 24.64
C GLU B 343 -15.29 -6.25 24.21
N TRP B 344 -14.80 -5.88 23.02
CA TRP B 344 -14.82 -4.49 22.58
C TRP B 344 -15.92 -4.19 21.55
N ILE B 345 -16.92 -5.07 21.41
CA ILE B 345 -18.15 -4.74 20.68
C ILE B 345 -19.30 -5.03 21.64
N PRO B 346 -19.82 -4.07 22.55
CA PRO B 346 -21.07 -4.04 23.70
C PRO B 346 -22.25 -4.71 22.97
N ASN B 347 -22.96 -5.61 23.63
CA ASN B 347 -24.18 -6.29 23.14
C ASN B 347 -24.01 -6.77 21.71
N ASN B 348 -23.00 -7.59 21.44
CA ASN B 348 -22.73 -8.03 20.07
C ASN B 348 -23.45 -9.31 19.69
N ILE B 349 -24.21 -9.91 20.60
N ILE B 349 -24.18 -9.94 20.61
CA ILE B 349 -25.02 -11.10 20.34
CA ILE B 349 -25.01 -11.09 20.30
C ILE B 349 -26.48 -10.75 20.58
C ILE B 349 -26.47 -10.70 20.56
N LYS B 350 -27.20 -10.88 19.62
CA LYS B 350 -28.65 -10.52 19.69
C LYS B 350 -29.51 -11.69 19.21
N SER B 351 -30.78 -11.70 19.60
CA SER B 351 -31.71 -12.79 19.23
C SER B 351 -33.10 -12.29 18.87
N SER B 352 -33.87 -13.12 18.14
CA SER B 352 -35.26 -12.84 17.82
C SER B 352 -35.98 -14.16 17.70
N ILE B 353 -37.31 -14.10 17.67
CA ILE B 353 -38.16 -15.26 17.55
C ILE B 353 -39.13 -15.05 16.38
N CYS B 354 -39.18 -16.03 15.48
CA CYS B 354 -40.15 -16.05 14.41
C CYS B 354 -41.19 -17.13 14.70
N ASP B 355 -42.48 -16.75 14.65
CA ASP B 355 -43.51 -17.68 15.09
C ASP B 355 -43.66 -18.88 14.15
N ILE B 356 -43.30 -18.72 12.88
CA ILE B 356 -43.45 -19.77 11.87
C ILE B 356 -42.28 -20.75 11.94
N PRO B 357 -42.46 -21.99 12.36
CA PRO B 357 -41.34 -22.96 12.38
C PRO B 357 -41.15 -23.63 11.03
N PRO B 358 -39.99 -24.25 10.82
CA PRO B 358 -39.75 -24.96 9.55
C PRO B 358 -40.56 -26.25 9.51
N LYS B 359 -40.66 -26.96 8.34
CA LYS B 359 -41.52 -28.15 8.06
C LYS B 359 -41.12 -29.38 8.90
N GLY B 360 -42.06 -29.91 9.70
CA GLY B 360 -41.84 -31.10 10.54
C GLY B 360 -41.27 -30.74 11.90
N LEU B 361 -41.16 -29.46 12.26
CA LEU B 361 -40.56 -29.11 13.54
C LEU B 361 -41.42 -28.05 14.21
N LYS B 362 -41.43 -28.05 15.55
CA LYS B 362 -42.11 -27.02 16.37
C LYS B 362 -41.10 -26.07 17.02
N MET B 363 -39.83 -26.46 17.16
CA MET B 363 -38.77 -25.67 17.82
C MET B 363 -37.48 -25.76 16.98
N ALA B 364 -36.86 -24.64 16.63
CA ALA B 364 -35.62 -24.64 15.86
C ALA B 364 -34.90 -23.31 16.08
N VAL B 365 -33.64 -23.29 15.67
CA VAL B 365 -32.81 -22.10 15.78
C VAL B 365 -31.71 -22.15 14.72
N THR B 366 -31.33 -20.96 14.25
CA THR B 366 -30.22 -20.73 13.33
C THR B 366 -29.36 -19.65 13.94
N PHE B 367 -28.08 -19.95 14.13
CA PHE B 367 -27.08 -19.04 14.69
C PHE B 367 -26.13 -18.58 13.60
N VAL B 368 -26.12 -17.28 13.32
CA VAL B 368 -25.27 -16.71 12.30
C VAL B 368 -24.30 -15.75 12.93
N GLY B 369 -23.02 -16.02 12.72
CA GLY B 369 -21.96 -15.33 13.42
C GLY B 369 -20.81 -14.94 12.52
N ASN B 370 -20.13 -13.89 12.94
CA ASN B 370 -18.91 -13.42 12.34
C ASN B 370 -17.78 -13.80 13.30
N SER B 371 -17.18 -14.96 13.08
CA SER B 371 -16.16 -15.50 14.01
C SER B 371 -14.78 -15.54 13.36
N THR B 372 -13.77 -15.13 14.13
CA THR B 372 -12.38 -15.23 13.71
C THR B 372 -11.92 -16.69 13.55
N ALA B 373 -12.69 -17.66 14.05
CA ALA B 373 -12.32 -19.06 13.89
C ALA B 373 -12.37 -19.52 12.43
N ILE B 374 -13.13 -18.83 11.58
CA ILE B 374 -13.30 -19.26 10.22
C ILE B 374 -11.96 -19.28 9.50
N GLN B 375 -10.96 -18.58 10.05
CA GLN B 375 -9.62 -18.62 9.49
C GLN B 375 -9.11 -20.06 9.38
N GLU B 376 -9.58 -20.96 10.25
CA GLU B 376 -9.18 -22.37 10.13
C GLU B 376 -9.61 -22.96 8.79
N MET B 377 -10.77 -22.56 8.28
CA MET B 377 -11.27 -23.10 7.00
C MET B 377 -10.45 -22.54 5.85
N PHE B 378 -10.17 -21.23 5.90
CA PHE B 378 -9.35 -20.63 4.86
C PHE B 378 -7.94 -21.20 4.87
N LYS B 379 -7.39 -21.51 6.06
CA LYS B 379 -6.06 -22.12 6.14
C LYS B 379 -6.03 -23.50 5.53
N ARG B 380 -7.10 -24.26 5.67
CA ARG B 380 -7.16 -25.59 5.07
C ARG B 380 -7.05 -25.49 3.55
N VAL B 381 -7.91 -24.64 2.96
CA VAL B 381 -7.91 -24.45 1.51
C VAL B 381 -6.58 -23.87 1.07
N ALA B 382 -6.05 -22.91 1.83
CA ALA B 382 -4.76 -22.32 1.46
C ALA B 382 -3.65 -23.36 1.42
N GLU B 383 -3.64 -24.29 2.36
CA GLU B 383 -2.56 -25.29 2.37
C GLU B 383 -2.60 -26.17 1.11
N GLN B 384 -3.79 -26.60 0.71
CA GLN B 384 -3.98 -27.37 -0.53
C GLN B 384 -3.60 -26.55 -1.77
N PHE B 385 -4.08 -25.30 -1.83
CA PHE B 385 -3.70 -24.39 -2.89
C PHE B 385 -2.19 -24.33 -3.02
N THR B 386 -1.51 -24.11 -1.87
CA THR B 386 -0.06 -23.98 -1.86
C THR B 386 0.61 -25.28 -2.27
N ALA B 387 0.07 -26.41 -1.84
CA ALA B 387 0.69 -27.68 -2.26
C ALA B 387 0.66 -27.85 -3.77
N MET B 388 -0.48 -27.54 -4.39
CA MET B 388 -0.61 -27.67 -5.84
C MET B 388 0.22 -26.63 -6.58
N PHE B 389 0.11 -25.37 -6.15
CA PHE B 389 0.70 -24.25 -6.86
C PHE B 389 2.22 -24.28 -6.84
N ARG B 390 2.80 -24.81 -5.77
CA ARG B 390 4.25 -24.91 -5.69
C ARG B 390 4.80 -25.89 -6.73
N ARG B 391 4.04 -26.92 -7.08
CA ARG B 391 4.47 -27.86 -8.11
C ARG B 391 3.93 -27.51 -9.50
N LYS B 392 3.22 -26.40 -9.60
CA LYS B 392 2.59 -25.88 -10.83
C LYS B 392 1.78 -26.92 -11.59
N ALA B 393 1.06 -27.74 -10.85
CA ALA B 393 0.26 -28.85 -11.39
C ALA B 393 -1.01 -28.32 -12.07
N PHE B 394 -1.22 -28.57 -13.37
CA PHE B 394 -2.39 -28.14 -14.20
C PHE B 394 -2.46 -26.62 -14.40
N LEU B 395 -1.41 -25.85 -14.11
CA LEU B 395 -1.45 -24.40 -14.28
C LEU B 395 -1.71 -24.00 -15.72
N HIS B 396 -1.27 -24.80 -16.69
CA HIS B 396 -1.49 -24.45 -18.09
C HIS B 396 -2.97 -24.48 -18.46
N TRP B 397 -3.78 -25.27 -17.75
CA TRP B 397 -5.22 -25.25 -17.98
C TRP B 397 -5.78 -23.84 -17.80
N TYR B 398 -5.16 -23.03 -16.95
CA TYR B 398 -5.67 -21.69 -16.65
C TYR B 398 -4.99 -20.64 -17.51
N THR B 399 -3.66 -20.71 -17.64
CA THR B 399 -2.99 -19.76 -18.51
C THR B 399 -3.31 -20.03 -19.98
N GLY B 400 -3.71 -21.25 -20.32
CA GLY B 400 -4.19 -21.52 -21.66
C GLY B 400 -5.46 -20.79 -22.03
N GLU B 401 -6.23 -20.33 -21.06
CA GLU B 401 -7.45 -19.58 -21.39
C GLU B 401 -7.15 -18.07 -21.30
N GLY B 402 -5.89 -17.67 -21.19
CA GLY B 402 -5.52 -16.26 -21.18
C GLY B 402 -5.27 -15.67 -19.82
N MET B 403 -5.37 -16.46 -18.76
CA MET B 403 -5.22 -15.94 -17.42
C MET B 403 -3.74 -15.82 -17.09
N ASP B 404 -3.40 -14.79 -16.31
CA ASP B 404 -2.04 -14.59 -15.90
C ASP B 404 -1.78 -15.35 -14.61
N GLU B 405 -0.61 -15.99 -14.54
CA GLU B 405 -0.19 -16.67 -13.33
C GLU B 405 -0.19 -15.71 -12.14
N MET B 406 0.04 -14.42 -12.39
CA MET B 406 0.08 -13.49 -11.28
C MET B 406 -1.26 -13.39 -10.58
N GLU B 407 -2.35 -13.77 -11.25
CA GLU B 407 -3.66 -13.77 -10.58
C GLU B 407 -3.71 -14.83 -9.50
N PHE B 408 -2.99 -15.94 -9.71
CA PHE B 408 -2.88 -16.99 -8.70
C PHE B 408 -2.20 -16.44 -7.45
N THR B 409 -1.09 -15.74 -7.63
CA THR B 409 -0.36 -15.18 -6.49
C THR B 409 -1.16 -14.07 -5.82
N GLU B 410 -1.88 -13.26 -6.60
CA GLU B 410 -2.68 -12.18 -6.04
C GLU B 410 -3.80 -12.73 -5.17
N ALA B 411 -4.52 -13.75 -5.67
CA ALA B 411 -5.61 -14.32 -4.88
C ALA B 411 -5.06 -14.99 -3.62
N GLU B 412 -3.98 -15.74 -3.77
CA GLU B 412 -3.36 -16.41 -2.63
C GLU B 412 -2.99 -15.41 -1.56
N SER B 413 -2.40 -14.29 -1.97
CA SER B 413 -1.99 -13.26 -1.03
C SER B 413 -3.18 -12.59 -0.37
N ASN B 414 -4.26 -12.35 -1.10
CA ASN B 414 -5.46 -11.68 -0.54
C ASN B 414 -6.08 -12.58 0.52
N MET B 415 -6.14 -13.88 0.28
CA MET B 415 -6.72 -14.80 1.26
C MET B 415 -5.81 -15.01 2.47
N ASN B 416 -4.49 -14.93 2.27
CA ASN B 416 -3.56 -14.96 3.39
C ASN B 416 -3.66 -13.70 4.26
N ASP B 417 -3.85 -12.53 3.64
CA ASP B 417 -4.12 -11.31 4.40
C ASP B 417 -5.45 -11.38 5.16
N LEU B 418 -6.49 -11.95 4.57
CA LEU B 418 -7.73 -12.20 5.31
C LEU B 418 -7.47 -13.01 6.59
N VAL B 419 -6.71 -14.10 6.49
CA VAL B 419 -6.37 -14.90 7.66
C VAL B 419 -5.63 -14.07 8.68
N SER B 420 -4.62 -13.32 8.21
CA SER B 420 -3.89 -12.44 9.10
C SER B 420 -4.84 -11.49 9.85
N GLU B 421 -5.81 -10.93 9.14
CA GLU B 421 -6.71 -9.96 9.77
C GLU B 421 -7.62 -10.61 10.81
N TYR B 422 -8.16 -11.80 10.51
CA TYR B 422 -8.89 -12.55 11.52
C TYR B 422 -8.07 -12.69 12.81
N GLN B 423 -6.79 -13.07 12.67
CA GLN B 423 -5.93 -13.27 13.81
C GLN B 423 -5.68 -11.95 14.55
N GLN B 424 -5.55 -10.84 13.82
N GLN B 424 -5.59 -10.84 13.81
CA GLN B 424 -5.39 -9.54 14.46
CA GLN B 424 -5.38 -9.54 14.43
C GLN B 424 -6.56 -9.25 15.41
C GLN B 424 -6.55 -9.17 15.36
N TYR B 425 -7.79 -9.44 14.94
CA TYR B 425 -8.94 -9.11 15.80
C TYR B 425 -9.18 -10.18 16.85
N GLN B 426 -8.70 -11.39 16.62
CA GLN B 426 -8.83 -12.50 17.58
C GLN B 426 -7.97 -12.17 18.80
N ASP B 427 -6.79 -11.60 18.60
CA ASP B 427 -5.87 -11.25 19.66
C ASP B 427 -6.08 -9.84 20.21
N ALA B 428 -6.95 -9.05 19.62
CA ALA B 428 -7.12 -7.68 20.10
C ALA B 428 -7.68 -7.72 21.51
N THR B 429 -7.38 -6.67 22.28
CA THR B 429 -7.87 -6.53 23.64
C THR B 429 -8.63 -5.22 23.77
N ALA B 430 -9.49 -5.16 24.77
CA ALA B 430 -10.15 -3.91 25.13
C ALA B 430 -9.21 -3.06 25.98
N ASP C 1 13.84 -32.01 -31.63
CA ASP C 1 14.52 -32.67 -30.52
C ASP C 1 13.63 -33.74 -29.90
N LEU C 2 14.10 -34.99 -29.94
CA LEU C 2 13.27 -36.12 -29.55
C LEU C 2 12.99 -36.13 -28.05
N GLY C 3 13.98 -35.75 -27.24
CA GLY C 3 13.72 -35.65 -25.81
C GLY C 3 12.55 -34.76 -25.49
N LYS C 4 12.53 -33.57 -26.09
CA LYS C 4 11.44 -32.65 -25.79
C LYS C 4 10.12 -33.13 -26.38
N LYS C 5 10.15 -33.82 -27.52
CA LYS C 5 8.92 -34.44 -28.02
C LYS C 5 8.45 -35.53 -27.08
N LEU C 6 9.39 -36.27 -26.48
CA LEU C 6 9.00 -37.32 -25.54
C LEU C 6 8.40 -36.73 -24.28
N LEU C 7 8.98 -35.63 -23.78
CA LEU C 7 8.39 -34.95 -22.64
C LEU C 7 6.96 -34.56 -22.92
N GLU C 8 6.70 -34.02 -24.12
CA GLU C 8 5.38 -33.49 -24.42
C GLU C 8 4.39 -34.61 -24.66
N ALA C 9 4.81 -35.71 -25.25
CA ALA C 9 3.91 -36.84 -25.44
C ALA C 9 3.60 -37.55 -24.12
N ALA C 10 4.58 -37.62 -23.21
CA ALA C 10 4.32 -38.21 -21.91
C ALA C 10 3.33 -37.35 -21.12
N ARG C 11 3.50 -36.03 -21.20
CA ARG C 11 2.61 -35.08 -20.52
C ARG C 11 1.19 -35.21 -21.08
N ALA C 12 1.06 -35.41 -22.40
CA ALA C 12 -0.23 -35.40 -23.05
C ALA C 12 -0.88 -36.77 -23.14
N GLY C 13 -0.24 -37.82 -22.65
CA GLY C 13 -0.88 -39.12 -22.67
C GLY C 13 -0.92 -39.76 -24.04
N GLN C 14 -0.07 -39.32 -24.96
CA GLN C 14 -0.05 -39.85 -26.33
C GLN C 14 0.77 -41.13 -26.33
N ASP C 15 0.12 -42.24 -26.02
CA ASP C 15 0.80 -43.52 -25.84
C ASP C 15 1.58 -43.92 -27.08
N ASP C 16 0.95 -43.85 -28.26
CA ASP C 16 1.64 -44.31 -29.46
C ASP C 16 2.83 -43.42 -29.78
N GLU C 17 2.71 -42.11 -29.53
CA GLU C 17 3.82 -41.21 -29.81
C GLU C 17 5.00 -41.52 -28.91
N VAL C 18 4.73 -41.90 -27.65
CA VAL C 18 5.79 -42.30 -26.73
C VAL C 18 6.55 -43.52 -27.28
N ARG C 19 5.82 -44.56 -27.67
CA ARG C 19 6.45 -45.78 -28.17
C ARG C 19 7.30 -45.49 -29.41
N ILE C 20 6.80 -44.65 -30.32
CA ILE C 20 7.54 -44.34 -31.54
C ILE C 20 8.79 -43.56 -31.23
N LEU C 21 8.69 -42.59 -30.32
CA LEU C 21 9.87 -41.80 -30.00
C LEU C 21 10.91 -42.66 -29.31
N MET C 22 10.49 -43.52 -28.39
CA MET C 22 11.43 -44.37 -27.69
C MET C 22 12.11 -45.32 -28.67
N ALA C 23 11.36 -45.80 -29.66
CA ALA C 23 11.92 -46.69 -30.68
C ALA C 23 12.88 -45.98 -31.62
N ASN C 24 12.81 -44.66 -31.73
CA ASN C 24 13.74 -43.91 -32.57
C ASN C 24 14.90 -43.31 -31.77
N GLY C 25 15.07 -43.72 -30.52
CA GLY C 25 16.21 -43.29 -29.73
C GLY C 25 15.95 -42.16 -28.74
N ALA C 26 14.71 -41.78 -28.52
CA ALA C 26 14.43 -40.67 -27.62
C ALA C 26 15.00 -40.95 -26.23
N ASP C 27 15.53 -39.89 -25.59
CA ASP C 27 16.14 -39.99 -24.25
C ASP C 27 15.06 -40.11 -23.18
N VAL C 28 14.90 -41.33 -22.64
CA VAL C 28 13.87 -41.62 -21.64
C VAL C 28 14.03 -40.75 -20.42
N ASN C 29 15.24 -40.29 -20.13
CA ASN C 29 15.55 -39.47 -18.98
C ASN C 29 15.88 -38.03 -19.38
N ALA C 30 15.28 -37.56 -20.47
CA ALA C 30 15.40 -36.18 -20.86
C ALA C 30 14.82 -35.31 -19.75
N THR C 31 15.30 -34.08 -19.68
CA THR C 31 14.80 -33.11 -18.72
C THR C 31 14.37 -31.85 -19.44
N ASP C 32 13.31 -31.22 -18.91
CA ASP C 32 12.93 -29.87 -19.33
C ASP C 32 13.76 -28.86 -18.56
N ALA C 33 13.43 -27.59 -18.73
CA ALA C 33 14.25 -26.52 -18.17
C ALA C 33 14.37 -26.58 -16.65
N SER C 34 13.40 -27.19 -15.96
CA SER C 34 13.49 -27.29 -14.51
C SER C 34 13.84 -28.69 -14.02
N GLY C 35 14.28 -29.58 -14.91
CA GLY C 35 14.66 -30.90 -14.47
C GLY C 35 13.54 -31.91 -14.36
N LEU C 36 12.37 -31.62 -14.92
CA LEU C 36 11.25 -32.59 -14.93
C LEU C 36 11.54 -33.56 -16.09
N THR C 37 11.32 -34.85 -15.87
CA THR C 37 11.52 -35.94 -16.82
C THR C 37 10.19 -36.45 -17.36
N PRO C 38 10.23 -37.24 -18.43
CA PRO C 38 8.99 -37.85 -18.93
C PRO C 38 8.26 -38.65 -17.89
N LEU C 39 8.97 -39.34 -16.99
CA LEU C 39 8.29 -40.04 -15.90
C LEU C 39 7.60 -39.08 -14.92
N HIS C 40 8.23 -37.95 -14.60
CA HIS C 40 7.56 -36.93 -13.80
C HIS C 40 6.23 -36.51 -14.41
N LEU C 41 6.23 -36.19 -15.70
CA LEU C 41 5.04 -35.64 -16.40
C LEU C 41 3.93 -36.68 -16.53
N ALA C 42 4.24 -37.93 -16.87
CA ALA C 42 3.21 -38.95 -16.97
C ALA C 42 2.64 -39.30 -15.61
N ALA C 43 3.48 -39.25 -14.57
CA ALA C 43 2.98 -39.52 -13.23
C ALA C 43 2.02 -38.43 -12.77
N THR C 44 2.31 -37.19 -13.15
CA THR C 44 1.51 -36.02 -12.73
C THR C 44 0.13 -36.07 -13.38
N TYR C 45 0.08 -36.34 -14.69
CA TYR C 45 -1.16 -36.28 -15.50
C TYR C 45 -1.88 -37.64 -15.58
N GLY C 46 -1.39 -38.66 -14.89
CA GLY C 46 -2.15 -39.88 -14.69
C GLY C 46 -2.01 -40.93 -15.77
N HIS C 47 -0.96 -40.91 -16.58
CA HIS C 47 -0.84 -41.84 -17.70
C HIS C 47 -0.07 -43.08 -17.26
N LEU C 48 -0.83 -44.07 -16.77
CA LEU C 48 -0.25 -45.24 -16.12
C LEU C 48 0.59 -46.05 -17.10
N GLU C 49 0.09 -46.24 -18.31
CA GLU C 49 0.79 -47.08 -19.27
C GLU C 49 2.10 -46.45 -19.70
N ILE C 50 2.14 -45.14 -19.81
CA ILE C 50 3.39 -44.47 -20.14
C ILE C 50 4.37 -44.56 -18.98
N VAL C 51 3.87 -44.33 -17.75
CA VAL C 51 4.68 -44.54 -16.56
C VAL C 51 5.33 -45.92 -16.57
N GLU C 52 4.52 -46.97 -16.82
CA GLU C 52 5.07 -48.33 -16.81
C GLU C 52 6.06 -48.55 -17.93
N VAL C 53 5.78 -48.02 -19.13
CA VAL C 53 6.71 -48.28 -20.24
C VAL C 53 8.01 -47.54 -20.00
N LEU C 54 7.95 -46.34 -19.41
CA LEU C 54 9.19 -45.63 -19.10
C LEU C 54 10.01 -46.39 -18.07
N LEU C 55 9.36 -46.99 -17.07
CA LEU C 55 10.09 -47.69 -16.01
C LEU C 55 10.70 -48.97 -16.54
N LYS C 56 10.07 -49.57 -17.54
CA LYS C 56 10.60 -50.75 -18.18
C LYS C 56 11.79 -50.44 -19.09
N HIS C 57 12.05 -49.16 -19.38
CA HIS C 57 13.09 -48.75 -20.32
C HIS C 57 14.01 -47.72 -19.71
N GLY C 58 14.44 -47.96 -18.47
CA GLY C 58 15.55 -47.24 -17.88
C GLY C 58 15.22 -45.89 -17.26
N ALA C 59 13.96 -45.53 -17.15
CA ALA C 59 13.64 -44.31 -16.43
C ALA C 59 14.11 -44.39 -14.98
N ASP C 60 14.72 -43.31 -14.49
CA ASP C 60 15.08 -43.18 -13.10
C ASP C 60 13.84 -42.86 -12.26
N VAL C 61 13.41 -43.86 -11.47
CA VAL C 61 12.21 -43.72 -10.65
C VAL C 61 12.38 -42.66 -9.56
N ASN C 62 13.63 -42.31 -9.17
CA ASN C 62 13.84 -41.33 -8.11
C ASN C 62 14.49 -40.04 -8.62
N ALA C 63 14.40 -39.75 -9.92
CA ALA C 63 14.85 -38.46 -10.45
C ALA C 63 14.21 -37.34 -9.65
N ILE C 64 14.97 -36.28 -9.40
CA ILE C 64 14.39 -35.07 -8.81
C ILE C 64 14.54 -33.93 -9.80
N ASP C 65 13.55 -33.04 -9.79
CA ASP C 65 13.66 -31.80 -10.54
C ASP C 65 14.45 -30.81 -9.68
N ILE C 66 14.49 -29.55 -10.08
CA ILE C 66 15.33 -28.62 -9.34
C ILE C 66 14.75 -28.29 -7.98
N MET C 67 13.49 -28.62 -7.74
CA MET C 67 12.85 -28.41 -6.44
C MET C 67 12.83 -29.67 -5.60
N GLY C 68 13.54 -30.71 -6.00
CA GLY C 68 13.57 -31.94 -5.23
C GLY C 68 12.35 -32.82 -5.35
N SER C 69 11.44 -32.52 -6.28
CA SER C 69 10.26 -33.33 -6.48
C SER C 69 10.62 -34.58 -7.25
N THR C 70 10.26 -35.75 -6.69
CA THR C 70 10.32 -37.06 -7.34
C THR C 70 8.99 -37.33 -8.04
N PRO C 71 8.96 -38.28 -8.97
CA PRO C 71 7.69 -38.73 -9.55
C PRO C 71 6.72 -39.24 -8.53
N LEU C 72 7.22 -39.84 -7.44
CA LEU C 72 6.31 -40.29 -6.39
C LEU C 72 5.65 -39.12 -5.66
N HIS C 73 6.39 -38.03 -5.44
CA HIS C 73 5.76 -36.83 -4.88
C HIS C 73 4.55 -36.40 -5.73
N LEU C 74 4.75 -36.35 -7.04
CA LEU C 74 3.74 -35.77 -7.92
C LEU C 74 2.55 -36.69 -8.02
N ALA C 75 2.78 -37.99 -8.04
CA ALA C 75 1.68 -38.92 -8.15
C ALA C 75 0.83 -38.90 -6.88
N ALA C 76 1.49 -38.82 -5.71
CA ALA C 76 0.78 -38.75 -4.43
C ALA C 76 0.05 -37.42 -4.25
N LEU C 77 0.64 -36.31 -4.73
CA LEU C 77 -0.08 -35.03 -4.73
C LEU C 77 -1.34 -35.08 -5.57
N ILE C 78 -1.23 -35.51 -6.82
CA ILE C 78 -2.38 -35.48 -7.77
C ILE C 78 -3.40 -36.57 -7.44
N GLY C 79 -3.02 -37.66 -6.78
CA GLY C 79 -4.03 -38.66 -6.41
C GLY C 79 -4.09 -39.90 -7.29
N HIS C 80 -3.05 -40.21 -8.07
CA HIS C 80 -3.00 -41.42 -8.95
C HIS C 80 -2.57 -42.65 -8.12
N LEU C 81 -3.51 -43.47 -7.66
CA LEU C 81 -3.22 -44.59 -6.77
C LEU C 81 -2.38 -45.66 -7.48
N GLU C 82 -2.84 -46.11 -8.66
CA GLU C 82 -2.15 -47.19 -9.33
C GLU C 82 -0.73 -46.79 -9.72
N ILE C 83 -0.51 -45.50 -10.01
CA ILE C 83 0.83 -45.03 -10.31
C ILE C 83 1.70 -45.02 -9.06
N VAL C 84 1.14 -44.54 -7.93
CA VAL C 84 1.90 -44.60 -6.67
C VAL C 84 2.42 -46.03 -6.44
N GLU C 85 1.57 -47.04 -6.65
CA GLU C 85 1.95 -48.41 -6.37
C GLU C 85 2.99 -48.91 -7.35
N VAL C 86 2.85 -48.55 -8.63
CA VAL C 86 3.85 -48.96 -9.61
C VAL C 86 5.21 -48.36 -9.27
N LEU C 87 5.21 -47.06 -8.95
CA LEU C 87 6.48 -46.42 -8.63
C LEU C 87 7.13 -47.08 -7.42
N LEU C 88 6.34 -47.35 -6.36
CA LEU C 88 6.87 -48.07 -5.21
C LEU C 88 7.42 -49.44 -5.63
N LYS C 89 6.68 -50.15 -6.49
CA LYS C 89 7.12 -51.47 -6.95
C LYS C 89 8.49 -51.40 -7.61
N HIS C 90 8.82 -50.27 -8.24
CA HIS C 90 10.08 -50.12 -8.95
C HIS C 90 11.11 -49.36 -8.12
N GLY C 91 10.88 -49.25 -6.80
CA GLY C 91 11.91 -48.73 -5.92
C GLY C 91 11.86 -47.25 -5.63
N ALA C 92 10.77 -46.56 -5.97
CA ALA C 92 10.62 -45.19 -5.48
C ALA C 92 10.92 -45.09 -3.99
N ASP C 93 11.63 -44.02 -3.63
CA ASP C 93 12.01 -43.74 -2.25
C ASP C 93 10.80 -43.14 -1.51
N VAL C 94 10.18 -43.93 -0.64
CA VAL C 94 8.94 -43.53 0.03
C VAL C 94 9.12 -42.32 0.93
N ASN C 95 10.34 -42.03 1.36
CA ASN C 95 10.59 -40.95 2.31
C ASN C 95 11.44 -39.85 1.69
N ALA C 96 11.36 -39.71 0.38
CA ALA C 96 12.05 -38.60 -0.28
C ALA C 96 11.50 -37.27 0.21
N VAL C 97 12.39 -36.30 0.40
CA VAL C 97 11.97 -35.00 0.92
C VAL C 97 12.36 -33.95 -0.12
N ASP C 98 11.40 -33.07 -0.48
CA ASP C 98 11.69 -32.04 -1.45
C ASP C 98 12.19 -30.75 -0.76
N THR C 99 12.41 -29.71 -1.57
CA THR C 99 13.02 -28.51 -1.05
C THR C 99 12.10 -27.76 -0.12
N TRP C 100 10.82 -28.11 -0.09
CA TRP C 100 9.85 -27.55 0.85
C TRP C 100 9.73 -28.37 2.14
N GLY C 101 10.47 -29.47 2.25
CA GLY C 101 10.36 -30.36 3.38
C GLY C 101 9.21 -31.33 3.31
N ASP C 102 8.53 -31.45 2.18
CA ASP C 102 7.44 -32.39 2.06
C ASP C 102 7.91 -33.75 1.56
N THR C 103 7.26 -34.78 2.08
CA THR C 103 7.30 -36.15 1.60
C THR C 103 6.07 -36.44 0.79
N PRO C 104 6.07 -37.55 0.03
CA PRO C 104 4.85 -37.94 -0.69
C PRO C 104 3.67 -38.14 0.24
N LEU C 105 3.91 -38.72 1.40
CA LEU C 105 2.85 -38.89 2.39
C LEU C 105 2.24 -37.56 2.79
N HIS C 106 3.06 -36.53 3.02
CA HIS C 106 2.49 -35.27 3.47
C HIS C 106 1.59 -34.68 2.40
N LEU C 107 2.02 -34.77 1.14
CA LEU C 107 1.21 -34.22 0.05
C LEU C 107 -0.09 -34.99 -0.13
N ALA C 108 -0.06 -36.31 -0.01
CA ALA C 108 -1.30 -37.08 -0.12
C ALA C 108 -2.25 -36.74 1.03
N ALA C 109 -1.71 -36.55 2.22
CA ALA C 109 -2.58 -36.23 3.35
C ALA C 109 -3.21 -34.86 3.18
N ILE C 110 -2.40 -33.87 2.81
CA ILE C 110 -2.91 -32.52 2.58
C ILE C 110 -4.10 -32.54 1.62
N MET C 111 -3.95 -33.23 0.49
CA MET C 111 -4.96 -33.29 -0.56
C MET C 111 -6.06 -34.30 -0.27
N GLY C 112 -5.98 -35.00 0.87
CA GLY C 112 -7.04 -35.92 1.26
C GLY C 112 -7.10 -37.24 0.48
N HIS C 113 -6.00 -37.68 -0.14
CA HIS C 113 -5.93 -38.96 -0.84
C HIS C 113 -5.68 -40.11 0.15
N LEU C 114 -6.76 -40.55 0.82
CA LEU C 114 -6.60 -41.41 1.99
C LEU C 114 -6.05 -42.80 1.63
N GLU C 115 -6.45 -43.37 0.50
CA GLU C 115 -5.94 -44.69 0.12
C GLU C 115 -4.44 -44.63 -0.13
N ILE C 116 -3.99 -43.58 -0.82
CA ILE C 116 -2.56 -43.39 -1.04
C ILE C 116 -1.85 -43.24 0.30
N VAL C 117 -2.43 -42.50 1.25
CA VAL C 117 -1.80 -42.38 2.57
C VAL C 117 -1.58 -43.76 3.18
N GLU C 118 -2.62 -44.61 3.11
CA GLU C 118 -2.50 -45.93 3.69
C GLU C 118 -1.42 -46.76 2.97
N VAL C 119 -1.38 -46.67 1.64
CA VAL C 119 -0.35 -47.41 0.89
C VAL C 119 1.05 -46.94 1.27
N LEU C 120 1.25 -45.61 1.33
CA LEU C 120 2.57 -45.11 1.69
C LEU C 120 2.98 -45.59 3.08
N LEU C 121 2.03 -45.59 4.03
CA LEU C 121 2.34 -46.04 5.37
C LEU C 121 2.73 -47.51 5.41
N LYS C 122 2.03 -48.36 4.64
CA LYS C 122 2.38 -49.76 4.58
C LYS C 122 3.77 -49.97 4.00
N HIS C 123 4.21 -49.07 3.11
CA HIS C 123 5.55 -49.14 2.56
C HIS C 123 6.59 -48.40 3.39
N GLY C 124 6.30 -48.13 4.66
CA GLY C 124 7.27 -47.55 5.57
C GLY C 124 7.42 -46.04 5.59
N ALA C 125 6.45 -45.27 5.06
CA ALA C 125 6.59 -43.81 5.13
C ALA C 125 6.72 -43.35 6.57
N ASP C 126 7.54 -42.33 6.79
CA ASP C 126 7.68 -41.73 8.11
C ASP C 126 6.95 -40.39 8.25
N MET D 1 41.60 -23.13 -46.34
CA MET D 1 41.64 -22.02 -45.33
C MET D 1 40.21 -21.57 -44.98
N ARG D 2 39.94 -21.52 -43.66
CA ARG D 2 38.62 -21.21 -43.11
C ARG D 2 38.74 -19.95 -42.24
N GLU D 3 37.93 -18.95 -42.55
CA GLU D 3 38.06 -17.64 -41.94
C GLU D 3 37.51 -17.59 -40.50
N VAL D 4 38.01 -16.58 -39.77
CA VAL D 4 37.61 -16.31 -38.39
C VAL D 4 37.25 -14.83 -38.29
N ILE D 5 36.07 -14.54 -37.77
CA ILE D 5 35.61 -13.17 -37.56
C ILE D 5 35.75 -12.81 -36.09
N SER D 6 36.31 -11.62 -35.81
CA SER D 6 36.45 -11.12 -34.45
C SER D 6 35.42 -10.01 -34.20
N ILE D 7 34.77 -10.09 -33.05
CA ILE D 7 33.76 -9.10 -32.65
C ILE D 7 34.19 -8.51 -31.32
N HIS D 8 34.40 -7.20 -31.29
CA HIS D 8 34.88 -6.49 -30.10
C HIS D 8 33.79 -5.54 -29.62
N VAL D 9 33.36 -5.71 -28.38
CA VAL D 9 32.17 -5.00 -27.88
C VAL D 9 32.49 -4.23 -26.60
N GLY D 10 32.22 -2.91 -26.63
CA GLY D 10 32.48 -2.05 -25.49
C GLY D 10 33.96 -1.77 -25.30
N GLN D 11 34.24 -0.92 -24.31
CA GLN D 11 35.59 -0.41 -24.16
C GLN D 11 36.61 -1.54 -23.97
N GLY D 12 36.36 -2.44 -23.03
CA GLY D 12 37.34 -3.47 -22.72
C GLY D 12 37.61 -4.36 -23.94
N GLY D 13 36.55 -4.81 -24.60
CA GLY D 13 36.72 -5.62 -25.81
C GLY D 13 37.47 -4.90 -26.92
N ILE D 14 37.21 -3.60 -27.08
CA ILE D 14 37.84 -2.81 -28.13
C ILE D 14 39.30 -2.56 -27.82
N GLN D 15 39.61 -2.18 -26.58
CA GLN D 15 41.00 -1.83 -26.27
C GLN D 15 41.89 -3.07 -26.24
N VAL D 16 41.38 -4.21 -25.76
CA VAL D 16 42.10 -5.46 -25.94
C VAL D 16 42.25 -5.77 -27.43
N GLY D 17 41.21 -5.51 -28.22
CA GLY D 17 41.31 -5.74 -29.66
C GLY D 17 42.42 -4.93 -30.32
N ASN D 18 42.52 -3.65 -29.94
CA ASN D 18 43.58 -2.81 -30.48
C ASN D 18 44.96 -3.45 -30.28
N ALA D 19 45.19 -3.99 -29.08
CA ALA D 19 46.51 -4.55 -28.79
C ALA D 19 46.72 -5.86 -29.54
N CYS D 20 45.64 -6.64 -29.72
CA CYS D 20 45.76 -7.89 -30.48
C CYS D 20 46.04 -7.62 -31.95
N TRP D 21 45.31 -6.68 -32.56
CA TRP D 21 45.52 -6.35 -33.97
C TRP D 21 46.84 -5.63 -34.18
N GLU D 22 47.31 -4.86 -33.19
CA GLU D 22 48.68 -4.35 -33.24
C GLU D 22 49.66 -5.52 -33.42
N LEU D 23 49.52 -6.55 -32.60
CA LEU D 23 50.46 -7.67 -32.58
C LEU D 23 50.27 -8.59 -33.78
N PHE D 24 49.02 -8.91 -34.17
CA PHE D 24 48.80 -9.75 -35.33
C PHE D 24 49.44 -9.13 -36.56
N CYS D 25 49.34 -7.81 -36.70
CA CYS D 25 49.92 -7.13 -37.85
C CYS D 25 51.44 -7.30 -37.88
N LEU D 26 52.09 -7.18 -36.72
CA LEU D 26 53.54 -7.37 -36.66
C LEU D 26 53.93 -8.81 -36.97
N GLU D 27 53.18 -9.77 -36.42
CA GLU D 27 53.53 -11.16 -36.63
C GLU D 27 53.48 -11.58 -38.10
N HIS D 28 52.56 -11.00 -38.88
CA HIS D 28 52.38 -11.37 -40.28
C HIS D 28 53.02 -10.38 -41.25
N GLY D 29 53.58 -9.29 -40.74
CA GLY D 29 54.25 -8.33 -41.61
C GLY D 29 53.30 -7.37 -42.32
N ILE D 30 52.22 -6.97 -41.66
CA ILE D 30 51.21 -6.08 -42.24
C ILE D 30 51.35 -4.70 -41.61
N GLN D 31 51.55 -3.69 -42.43
CA GLN D 31 51.74 -2.33 -41.97
C GLN D 31 50.40 -1.70 -41.60
N PRO D 32 50.41 -0.55 -40.93
CA PRO D 32 49.14 0.08 -40.53
C PRO D 32 48.20 0.39 -41.68
N ASP D 33 48.71 0.73 -42.87
CA ASP D 33 47.86 0.99 -44.01
C ASP D 33 47.37 -0.29 -44.69
N GLY D 34 47.81 -1.46 -44.21
CA GLY D 34 47.31 -2.73 -44.69
C GLY D 34 48.16 -3.47 -45.70
N GLN D 35 49.29 -2.89 -46.09
CA GLN D 35 50.13 -3.50 -47.15
C GLN D 35 51.21 -4.39 -46.52
N MET D 36 51.64 -5.42 -47.24
CA MET D 36 52.75 -6.25 -46.81
C MET D 36 53.60 -6.63 -48.00
N PRO D 37 54.89 -6.92 -47.78
CA PRO D 37 55.81 -7.12 -48.92
C PRO D 37 55.25 -7.99 -50.04
N SER D 38 54.69 -9.16 -49.72
CA SER D 38 54.01 -9.97 -50.72
C SER D 38 52.87 -10.75 -50.05
N ASP D 46 50.54 -20.43 -48.50
CA ASP D 46 50.67 -19.82 -47.18
C ASP D 46 49.44 -18.95 -46.90
N ASP D 47 48.27 -19.52 -47.18
CA ASP D 47 47.02 -18.83 -46.97
C ASP D 47 46.64 -18.70 -45.48
N ALA D 48 47.45 -19.18 -44.54
CA ALA D 48 47.00 -19.34 -43.15
C ALA D 48 46.54 -18.01 -42.54
N PHE D 49 47.34 -16.95 -42.72
CA PHE D 49 46.99 -15.66 -42.12
C PHE D 49 45.70 -15.10 -42.70
N ASN D 50 45.26 -15.58 -43.87
CA ASN D 50 44.01 -15.09 -44.43
C ASN D 50 42.79 -15.51 -43.61
N THR D 51 42.95 -16.40 -42.63
CA THR D 51 41.83 -16.65 -41.73
C THR D 51 41.46 -15.39 -40.96
N PHE D 52 42.44 -14.53 -40.64
CA PHE D 52 42.19 -13.31 -39.87
C PHE D 52 42.17 -12.02 -40.69
N PHE D 53 42.66 -12.03 -41.93
CA PHE D 53 42.74 -10.83 -42.77
C PHE D 53 42.13 -11.13 -44.13
N SER D 54 41.20 -10.30 -44.61
CA SER D 54 40.63 -10.40 -45.98
C SER D 54 41.60 -9.70 -46.94
N GLU D 55 41.40 -9.89 -48.24
CA GLU D 55 42.25 -9.19 -49.23
C GLU D 55 41.36 -8.47 -50.24
N THR D 56 41.75 -7.30 -50.69
CA THR D 56 41.03 -6.56 -51.76
C THR D 56 41.99 -6.42 -52.93
N GLY D 57 41.73 -5.53 -53.89
CA GLY D 57 42.71 -5.20 -54.93
C GLY D 57 43.73 -4.24 -54.35
N ALA D 58 44.90 -4.14 -54.97
CA ALA D 58 46.06 -3.31 -54.58
C ALA D 58 46.60 -3.81 -53.23
N GLY D 59 46.57 -5.13 -53.05
CA GLY D 59 47.08 -5.94 -51.94
C GLY D 59 46.95 -5.32 -50.56
N LYS D 60 45.74 -4.91 -50.17
CA LYS D 60 45.47 -4.38 -48.81
C LYS D 60 44.97 -5.55 -47.98
N HIS D 61 45.46 -5.69 -46.76
CA HIS D 61 45.14 -6.79 -45.82
C HIS D 61 44.31 -6.12 -44.74
N VAL D 62 43.00 -6.30 -44.77
CA VAL D 62 42.11 -5.59 -43.83
C VAL D 62 41.65 -6.61 -42.82
N PRO D 63 41.74 -6.45 -41.33
CA PRO D 63 41.22 -7.34 -40.29
C PRO D 63 39.78 -7.76 -40.57
N ARG D 64 39.48 -9.04 -40.32
CA ARG D 64 38.10 -9.52 -40.31
C ARG D 64 37.50 -9.28 -38.94
N ALA D 65 37.22 -8.01 -38.67
CA ALA D 65 36.82 -7.55 -37.34
C ALA D 65 35.79 -6.43 -37.43
N VAL D 66 34.89 -6.40 -36.44
CA VAL D 66 34.04 -5.25 -36.17
C VAL D 66 34.31 -4.78 -34.75
N PHE D 67 34.28 -3.47 -34.54
CA PHE D 67 34.36 -2.84 -33.23
C PHE D 67 33.03 -2.12 -33.00
N LEU D 68 32.39 -2.41 -31.87
CA LEU D 68 31.03 -1.96 -31.61
C LEU D 68 30.94 -1.33 -30.25
N ASP D 69 30.36 -0.14 -30.14
CA ASP D 69 30.17 0.45 -28.81
C ASP D 69 28.95 1.35 -28.84
N LEU D 70 28.47 1.67 -27.66
CA LEU D 70 27.26 2.46 -27.50
C LEU D 70 27.56 3.93 -27.25
N GLU D 71 28.82 4.30 -27.24
CA GLU D 71 29.26 5.70 -27.30
C GLU D 71 30.46 5.76 -28.24
N PRO D 72 30.92 6.95 -28.62
CA PRO D 72 31.93 7.00 -29.69
C PRO D 72 33.36 7.20 -29.21
N THR D 73 33.58 7.43 -27.92
CA THR D 73 34.88 7.87 -27.43
C THR D 73 35.99 6.90 -27.86
N VAL D 74 35.83 5.61 -27.52
CA VAL D 74 36.88 4.62 -27.77
C VAL D 74 36.93 4.25 -29.26
N ILE D 75 35.77 4.02 -29.88
CA ILE D 75 35.73 3.86 -31.33
C ILE D 75 36.44 5.03 -32.02
N ASP D 76 36.05 6.26 -31.69
CA ASP D 76 36.61 7.40 -32.41
C ASP D 76 38.14 7.43 -32.35
N GLU D 77 38.75 6.86 -31.31
CA GLU D 77 40.20 6.86 -31.25
C GLU D 77 40.80 5.90 -32.27
N VAL D 78 40.11 4.79 -32.58
CA VAL D 78 40.57 3.92 -33.65
C VAL D 78 40.38 4.61 -35.00
N ARG D 79 39.28 5.34 -35.14
CA ARG D 79 38.97 6.05 -36.37
C ARG D 79 39.96 7.17 -36.68
N THR D 80 40.87 7.49 -35.76
CA THR D 80 41.82 8.56 -35.97
C THR D 80 43.25 8.18 -35.58
N GLY D 81 43.47 7.02 -34.99
CA GLY D 81 44.77 6.65 -34.46
C GLY D 81 45.67 5.99 -35.49
N THR D 82 46.65 5.25 -34.97
CA THR D 82 47.69 4.67 -35.81
C THR D 82 47.11 3.75 -36.89
N TYR D 83 45.93 3.16 -36.67
CA TYR D 83 45.37 2.19 -37.60
C TYR D 83 44.06 2.69 -38.23
N ARG D 84 43.99 3.99 -38.49
CA ARG D 84 42.79 4.54 -39.11
C ARG D 84 42.59 4.01 -40.54
N GLN D 85 43.67 3.72 -41.26
CA GLN D 85 43.54 3.20 -42.61
C GLN D 85 43.55 1.68 -42.65
N LEU D 86 43.81 1.01 -41.52
CA LEU D 86 43.75 -0.45 -41.49
C LEU D 86 42.31 -0.95 -41.61
N PHE D 87 41.39 -0.37 -40.84
CA PHE D 87 40.01 -0.83 -40.83
C PHE D 87 39.17 -0.01 -41.80
N HIS D 88 38.25 -0.68 -42.48
CA HIS D 88 37.25 0.04 -43.24
C HIS D 88 36.29 0.75 -42.28
N PRO D 89 35.90 1.99 -42.57
CA PRO D 89 35.03 2.72 -41.62
C PRO D 89 33.71 2.02 -41.30
N GLU D 90 33.21 1.17 -42.20
CA GLU D 90 31.99 0.43 -41.90
C GLU D 90 32.21 -0.63 -40.82
N GLN D 91 33.46 -0.98 -40.50
CA GLN D 91 33.74 -1.96 -39.45
C GLN D 91 33.64 -1.37 -38.05
N LEU D 92 33.58 -0.05 -37.93
CA LEU D 92 33.62 0.64 -36.65
C LEU D 92 32.27 1.34 -36.43
N ILE D 93 31.59 0.97 -35.34
CA ILE D 93 30.21 1.36 -35.12
C ILE D 93 30.06 1.92 -33.71
N SER D 94 29.30 3.00 -33.58
CA SER D 94 29.16 3.61 -32.27
C SER D 94 27.78 4.26 -32.17
N GLY D 95 27.14 4.08 -31.02
CA GLY D 95 25.95 4.83 -30.68
C GLY D 95 26.35 6.16 -30.09
N LYS D 96 25.40 6.82 -29.44
CA LYS D 96 25.75 8.09 -28.80
C LYS D 96 25.68 8.09 -27.28
N GLU D 97 24.77 7.35 -26.62
CA GLU D 97 24.78 7.28 -25.16
C GLU D 97 24.89 5.83 -24.70
N ASP D 98 25.75 5.60 -23.69
CA ASP D 98 26.21 4.24 -23.42
C ASP D 98 25.31 3.56 -22.40
N ALA D 99 25.75 2.39 -21.93
CA ALA D 99 24.92 1.58 -21.04
C ALA D 99 25.03 2.00 -19.57
N ALA D 100 25.81 3.03 -19.24
CA ALA D 100 25.97 3.48 -17.84
C ALA D 100 26.20 2.32 -16.86
N ASN D 101 27.06 1.36 -17.23
CA ASN D 101 27.42 0.22 -16.37
C ASN D 101 26.23 -0.64 -16.01
N ASN D 102 25.23 -0.66 -16.86
CA ASN D 102 23.97 -1.35 -16.62
C ASN D 102 23.73 -2.34 -17.76
N PHE D 103 23.94 -3.64 -17.47
CA PHE D 103 23.66 -4.71 -18.43
C PHE D 103 22.32 -4.54 -19.10
N ALA D 104 21.28 -4.13 -18.36
CA ALA D 104 19.96 -4.08 -18.98
C ALA D 104 19.88 -3.01 -20.06
N ARG D 105 20.57 -1.88 -19.88
CA ARG D 105 20.60 -0.87 -20.94
C ARG D 105 21.27 -1.41 -22.19
N GLY D 106 22.37 -2.14 -22.01
CA GLY D 106 23.08 -2.72 -23.14
C GLY D 106 22.27 -3.78 -23.85
N HIS D 107 21.60 -4.63 -23.08
CA HIS D 107 20.86 -5.74 -23.67
C HIS D 107 19.50 -5.31 -24.22
N TYR D 108 18.82 -4.39 -23.55
CA TYR D 108 17.42 -4.12 -23.88
C TYR D 108 17.22 -2.71 -24.44
N THR D 109 17.07 -1.69 -23.57
CA THR D 109 16.56 -0.40 -24.04
C THR D 109 17.49 0.26 -25.06
N ILE D 110 18.79 0.23 -24.82
CA ILE D 110 19.72 0.90 -25.72
C ILE D 110 20.25 -0.08 -26.78
N GLY D 111 20.66 -1.31 -26.41
CA GLY D 111 21.19 -2.25 -27.41
C GLY D 111 20.23 -2.58 -28.54
N LYS D 112 18.92 -2.63 -28.25
CA LYS D 112 17.96 -3.01 -29.29
C LYS D 112 17.98 -2.04 -30.47
N GLU D 113 18.37 -0.80 -30.24
CA GLU D 113 18.32 0.19 -31.30
C GLU D 113 19.49 0.06 -32.27
N ILE D 114 20.53 -0.69 -31.90
CA ILE D 114 21.74 -0.78 -32.71
C ILE D 114 22.08 -2.21 -33.12
N VAL D 115 21.41 -3.22 -32.55
CA VAL D 115 21.83 -4.59 -32.77
C VAL D 115 21.71 -4.98 -34.24
N ASP D 116 20.61 -4.60 -34.91
CA ASP D 116 20.46 -4.99 -36.30
C ASP D 116 21.57 -4.41 -37.18
N LEU D 117 21.99 -3.18 -36.89
CA LEU D 117 23.13 -2.60 -37.60
C LEU D 117 24.42 -3.39 -37.35
N CYS D 118 24.64 -3.80 -36.10
CA CYS D 118 25.84 -4.60 -35.82
C CYS D 118 25.82 -5.92 -36.59
N LEU D 119 24.67 -6.59 -36.61
CA LEU D 119 24.56 -7.86 -37.31
C LEU D 119 24.75 -7.67 -38.81
N ASP D 120 24.27 -6.55 -39.33
CA ASP D 120 24.44 -6.26 -40.74
C ASP D 120 25.91 -6.13 -41.09
N ARG D 121 26.70 -5.53 -40.19
CA ARG D 121 28.12 -5.38 -40.45
C ARG D 121 28.84 -6.69 -40.25
N ILE D 122 28.43 -7.49 -39.26
CA ILE D 122 29.05 -8.82 -39.13
C ILE D 122 28.72 -9.66 -40.35
N ARG D 123 27.51 -9.48 -40.88
CA ARG D 123 27.08 -10.30 -42.01
C ARG D 123 27.83 -9.96 -43.28
N LYS D 124 28.24 -8.70 -43.45
CA LYS D 124 29.07 -8.36 -44.60
C LYS D 124 30.44 -9.03 -44.50
N LEU D 125 31.01 -9.09 -43.29
CA LEU D 125 32.26 -9.83 -43.13
C LEU D 125 32.07 -11.31 -43.44
N ALA D 126 30.99 -11.92 -42.94
CA ALA D 126 30.82 -13.35 -43.16
C ALA D 126 30.59 -13.64 -44.64
N ASP D 127 29.84 -12.76 -45.31
CA ASP D 127 29.58 -12.88 -46.74
C ASP D 127 30.84 -12.83 -47.57
N ASN D 128 31.91 -12.28 -47.02
CA ASN D 128 33.23 -12.21 -47.70
C ASN D 128 34.12 -13.39 -47.29
N CYS D 129 33.56 -14.51 -46.82
CA CYS D 129 34.34 -15.70 -46.47
C CYS D 129 34.08 -16.84 -47.45
N THR D 130 35.12 -17.65 -47.72
CA THR D 130 34.90 -18.86 -48.50
C THR D 130 34.35 -20.00 -47.65
N GLY D 131 34.69 -20.03 -46.36
CA GLY D 131 34.26 -21.10 -45.47
C GLY D 131 34.37 -20.73 -43.99
N LEU D 132 33.67 -19.68 -43.60
CA LEU D 132 33.67 -19.20 -42.21
C LEU D 132 33.51 -20.33 -41.20
N GLN D 133 34.47 -20.44 -40.29
CA GLN D 133 34.43 -21.45 -39.24
C GLN D 133 33.86 -20.94 -37.91
N GLY D 134 33.97 -19.65 -37.61
CA GLY D 134 33.36 -19.15 -36.38
C GLY D 134 33.85 -17.77 -35.99
N PHE D 135 33.49 -17.40 -34.77
CA PHE D 135 33.63 -16.06 -34.24
C PHE D 135 34.48 -16.04 -32.96
N LEU D 136 35.29 -15.00 -32.80
CA LEU D 136 35.95 -14.71 -31.53
C LEU D 136 35.24 -13.48 -30.98
N VAL D 137 34.77 -13.56 -29.75
CA VAL D 137 33.99 -12.45 -29.17
C VAL D 137 34.79 -11.87 -28.01
N PHE D 138 35.12 -10.57 -28.09
CA PHE D 138 35.92 -9.87 -27.10
C PHE D 138 35.04 -8.88 -26.34
N ASN D 139 35.01 -9.00 -25.01
CA ASN D 139 34.26 -8.03 -24.20
C ASN D 139 34.60 -8.21 -22.74
N SER D 140 34.31 -7.16 -21.94
CA SER D 140 34.32 -7.27 -20.50
C SER D 140 32.91 -7.59 -20.00
N VAL D 141 32.86 -8.15 -18.79
CA VAL D 141 31.59 -8.52 -18.20
C VAL D 141 31.15 -7.50 -17.19
N GLY D 142 31.99 -6.53 -16.86
CA GLY D 142 31.77 -5.64 -15.71
C GLY D 142 31.02 -4.36 -16.00
N GLY D 143 31.05 -3.91 -17.24
CA GLY D 143 30.31 -2.75 -17.66
C GLY D 143 28.94 -3.14 -18.15
N GLY D 144 28.37 -2.29 -19.00
CA GLY D 144 27.02 -2.51 -19.51
C GLY D 144 26.90 -2.83 -20.98
N THR D 145 27.86 -2.37 -21.78
CA THR D 145 27.81 -2.61 -23.21
C THR D 145 28.43 -3.97 -23.58
N GLY D 146 29.71 -4.17 -23.28
CA GLY D 146 30.28 -5.50 -23.37
C GLY D 146 29.36 -6.59 -22.84
N SER D 147 28.88 -6.41 -21.61
CA SER D 147 28.07 -7.45 -20.97
C SER D 147 26.71 -7.58 -21.66
N GLY D 148 25.95 -6.46 -21.75
CA GLY D 148 24.58 -6.48 -22.17
C GLY D 148 24.34 -6.55 -23.67
N LEU D 149 25.04 -5.72 -24.46
CA LEU D 149 24.95 -5.82 -25.90
C LEU D 149 25.69 -7.07 -26.37
N GLY D 150 26.81 -7.39 -25.72
CA GLY D 150 27.53 -8.61 -26.08
C GLY D 150 26.69 -9.87 -25.92
N SER D 151 25.95 -9.98 -24.80
CA SER D 151 25.09 -11.14 -24.64
C SER D 151 23.93 -11.12 -25.64
N LEU D 152 23.38 -9.92 -25.94
CA LEU D 152 22.36 -9.82 -26.98
C LEU D 152 22.89 -10.37 -28.31
N LEU D 153 24.09 -9.92 -28.70
CA LEU D 153 24.72 -10.35 -29.94
C LEU D 153 24.97 -11.85 -29.96
N LEU D 154 25.40 -12.41 -28.82
CA LEU D 154 25.65 -13.86 -28.74
C LEU D 154 24.37 -14.65 -28.97
N GLU D 155 23.25 -14.16 -28.42
CA GLU D 155 21.96 -14.79 -28.68
C GLU D 155 21.62 -14.77 -30.17
N ARG D 156 21.78 -13.61 -30.79
CA ARG D 156 21.38 -13.47 -32.19
C ARG D 156 22.33 -14.23 -33.11
N LEU D 157 23.60 -14.35 -32.70
CA LEU D 157 24.55 -15.11 -33.50
C LEU D 157 24.24 -16.59 -33.44
N SER D 158 23.80 -17.07 -32.27
CA SER D 158 23.45 -18.49 -32.14
C SER D 158 22.27 -18.84 -33.04
N VAL D 159 21.41 -17.87 -33.34
CA VAL D 159 20.27 -18.11 -34.23
C VAL D 159 20.68 -17.97 -35.69
N ASP D 160 21.42 -16.92 -36.00
CA ASP D 160 21.70 -16.56 -37.38
C ASP D 160 22.86 -17.38 -37.96
N TYR D 161 23.67 -18.00 -37.11
CA TYR D 161 24.83 -18.77 -37.54
C TYR D 161 24.88 -20.05 -36.68
N GLY D 162 23.84 -20.87 -36.82
CA GLY D 162 23.60 -21.96 -35.88
C GLY D 162 24.72 -22.99 -35.80
N LYS D 163 25.57 -23.07 -36.82
CA LYS D 163 26.57 -24.12 -36.90
C LYS D 163 28.00 -23.60 -36.74
N LYS D 164 28.18 -22.32 -36.40
CA LYS D 164 29.50 -21.73 -36.26
C LYS D 164 29.91 -21.68 -34.79
N SER D 165 31.14 -22.08 -34.51
CA SER D 165 31.66 -22.02 -33.16
C SER D 165 31.86 -20.58 -32.70
N LYS D 166 31.76 -20.36 -31.39
CA LYS D 166 31.97 -19.02 -30.82
C LYS D 166 32.86 -19.16 -29.60
N LEU D 167 34.01 -18.48 -29.64
CA LEU D 167 35.00 -18.56 -28.57
C LEU D 167 35.16 -17.17 -27.97
N GLY D 168 35.01 -17.06 -26.65
CA GLY D 168 35.04 -15.78 -25.97
C GLY D 168 36.39 -15.48 -25.34
N PHE D 169 36.85 -14.25 -25.52
CA PHE D 169 37.98 -13.69 -24.78
C PHE D 169 37.36 -12.65 -23.85
N THR D 170 37.17 -13.05 -22.60
CA THR D 170 36.21 -12.41 -21.69
C THR D 170 36.93 -11.82 -20.50
N ILE D 171 36.80 -10.50 -20.32
CA ILE D 171 37.52 -9.78 -19.28
C ILE D 171 36.69 -9.73 -18.00
N TYR D 172 37.21 -10.29 -16.94
CA TYR D 172 36.53 -10.24 -15.62
C TYR D 172 37.14 -9.17 -14.73
N PRO D 173 36.33 -8.65 -13.80
CA PRO D 173 36.67 -7.38 -13.14
C PRO D 173 37.64 -7.53 -11.98
N SER D 174 38.22 -6.38 -11.59
CA SER D 174 39.06 -6.26 -10.42
C SER D 174 38.70 -4.96 -9.69
N PRO D 175 38.54 -4.87 -8.25
CA PRO D 175 38.38 -3.60 -7.15
C PRO D 175 39.47 -2.60 -7.58
N GLN D 176 40.65 -3.10 -7.97
CA GLN D 176 41.84 -2.28 -8.37
C GLN D 176 41.62 -1.43 -9.63
N VAL D 177 40.80 -1.86 -10.58
CA VAL D 177 40.54 -1.09 -11.83
C VAL D 177 39.03 -1.11 -12.06
N SER D 178 38.28 -0.59 -11.09
CA SER D 178 36.82 -0.62 -11.12
C SER D 178 36.29 0.79 -11.01
N THR D 179 35.27 1.10 -11.81
CA THR D 179 34.52 2.35 -11.61
C THR D 179 33.03 2.12 -11.32
N ALA D 180 32.61 0.88 -11.02
CA ALA D 180 31.19 0.66 -10.79
C ALA D 180 30.94 -0.41 -9.74
N VAL D 181 30.06 -0.07 -8.79
CA VAL D 181 29.73 -1.01 -7.71
C VAL D 181 28.95 -2.20 -8.24
N VAL D 182 28.21 -2.05 -9.35
CA VAL D 182 27.35 -3.12 -9.85
C VAL D 182 28.08 -4.16 -10.71
N GLU D 183 29.39 -4.07 -10.81
CA GLU D 183 30.13 -5.08 -11.59
C GLU D 183 29.73 -6.52 -11.31
N PRO D 184 29.53 -6.95 -10.05
CA PRO D 184 29.10 -8.35 -9.81
C PRO D 184 27.78 -8.72 -10.48
N TYR D 185 26.83 -7.80 -10.55
CA TYR D 185 25.60 -8.09 -11.27
C TYR D 185 25.86 -8.29 -12.76
N ASN D 186 26.60 -7.38 -13.37
CA ASN D 186 26.87 -7.49 -14.79
C ASN D 186 27.64 -8.77 -15.07
N SER D 187 28.52 -9.18 -14.14
CA SER D 187 29.36 -10.36 -14.38
C SER D 187 28.51 -11.63 -14.37
N ILE D 188 27.59 -11.72 -13.42
CA ILE D 188 26.75 -12.92 -13.34
C ILE D 188 25.82 -12.98 -14.55
N LEU D 189 25.16 -11.85 -14.88
CA LEU D 189 24.32 -11.78 -16.07
C LEU D 189 25.07 -12.22 -17.31
N SER D 190 26.26 -11.67 -17.51
CA SER D 190 27.05 -12.00 -18.69
C SER D 190 27.51 -13.46 -18.68
N THR D 191 27.94 -13.98 -17.52
CA THR D 191 28.42 -15.37 -17.48
C THR D 191 27.29 -16.33 -17.82
N HIS D 192 26.07 -16.00 -17.39
CA HIS D 192 24.90 -16.80 -17.73
C HIS D 192 24.72 -16.89 -19.25
N SER D 193 24.92 -15.79 -19.96
CA SER D 193 24.87 -15.82 -21.41
C SER D 193 26.04 -16.62 -21.99
N LEU D 194 27.24 -16.42 -21.46
CA LEU D 194 28.39 -17.15 -21.99
C LEU D 194 28.26 -18.66 -21.79
N LEU D 195 27.63 -19.10 -20.69
CA LEU D 195 27.39 -20.52 -20.49
C LEU D 195 26.52 -21.12 -21.58
N GLU D 196 25.56 -20.35 -22.08
CA GLU D 196 24.63 -20.86 -23.07
C GLU D 196 25.10 -20.62 -24.48
N HIS D 197 25.90 -19.58 -24.74
CA HIS D 197 26.11 -19.16 -26.11
C HIS D 197 27.56 -19.02 -26.54
N THR D 198 28.52 -19.55 -25.78
CA THR D 198 29.85 -19.79 -26.32
C THR D 198 30.19 -21.27 -26.16
N ASP D 199 31.02 -21.76 -27.08
CA ASP D 199 31.54 -23.11 -26.94
C ASP D 199 32.77 -23.17 -26.06
N VAL D 200 33.55 -22.10 -26.06
CA VAL D 200 34.72 -21.97 -25.21
C VAL D 200 34.82 -20.51 -24.78
N ALA D 201 35.20 -20.28 -23.53
CA ALA D 201 35.46 -18.92 -23.06
C ALA D 201 36.75 -18.87 -22.24
N VAL D 202 37.64 -17.96 -22.61
CA VAL D 202 38.93 -17.82 -21.96
C VAL D 202 38.82 -16.69 -20.94
N MET D 203 39.08 -16.99 -19.67
CA MET D 203 38.89 -15.99 -18.63
C MET D 203 40.12 -15.10 -18.50
N LEU D 204 39.94 -13.81 -18.78
CA LEU D 204 40.99 -12.81 -18.61
C LEU D 204 40.60 -12.00 -17.38
N ASP D 205 41.11 -12.43 -16.23
CA ASP D 205 40.78 -11.87 -14.91
C ASP D 205 41.68 -10.69 -14.63
N ASN D 206 41.11 -9.47 -14.66
CA ASN D 206 41.92 -8.28 -14.43
C ASN D 206 42.60 -8.31 -13.07
N GLU D 207 42.05 -9.04 -12.12
CA GLU D 207 42.71 -9.14 -10.81
C GLU D 207 44.05 -9.85 -10.95
N ALA D 208 44.07 -10.99 -11.62
CA ALA D 208 45.32 -11.72 -11.87
C ALA D 208 46.26 -10.91 -12.75
N ILE D 209 45.74 -10.34 -13.85
CA ILE D 209 46.60 -9.70 -14.85
C ILE D 209 47.20 -8.42 -14.29
N TYR D 210 46.46 -7.67 -13.47
CA TYR D 210 47.00 -6.43 -12.87
C TYR D 210 48.11 -6.81 -11.89
N ASP D 211 47.91 -7.86 -11.11
CA ASP D 211 48.94 -8.28 -10.17
C ASP D 211 50.18 -8.79 -10.89
N ILE D 212 50.01 -9.42 -12.05
CA ILE D 212 51.17 -9.84 -12.85
C ILE D 212 51.97 -8.62 -13.30
N CYS D 213 51.28 -7.60 -13.81
CA CYS D 213 51.98 -6.39 -14.24
C CYS D 213 52.70 -5.73 -13.06
N ARG D 214 52.09 -5.76 -11.89
CA ARG D 214 52.65 -5.12 -10.69
C ARG D 214 53.81 -5.96 -10.14
N ARG D 215 53.65 -7.28 -10.07
CA ARG D 215 54.66 -8.15 -9.46
C ARG D 215 55.71 -8.58 -10.48
N ASN D 216 55.29 -9.38 -11.45
CA ASN D 216 56.25 -10.00 -12.36
C ASN D 216 56.98 -8.96 -13.21
N LEU D 217 56.32 -7.87 -13.59
CA LEU D 217 56.89 -6.87 -14.46
C LEU D 217 57.27 -5.57 -13.76
N ASP D 218 57.11 -5.50 -12.45
CA ASP D 218 57.59 -4.36 -11.65
C ASP D 218 57.05 -3.04 -12.16
N ILE D 219 55.77 -3.02 -12.54
CA ILE D 219 55.06 -1.77 -12.96
C ILE D 219 54.29 -1.32 -11.71
N GLU D 220 54.62 -0.18 -11.12
CA GLU D 220 54.05 0.27 -9.83
C GLU D 220 52.54 0.48 -9.94
N ARG D 221 52.09 1.13 -11.00
CA ARG D 221 50.65 1.42 -11.21
C ARG D 221 50.29 1.00 -12.64
N PRO D 222 50.05 -0.29 -12.93
CA PRO D 222 49.71 -0.69 -14.27
C PRO D 222 48.50 0.05 -14.87
N THR D 223 48.57 0.47 -16.14
CA THR D 223 47.51 1.10 -16.93
C THR D 223 46.83 0.00 -17.76
N TYR D 224 45.80 0.34 -18.52
CA TYR D 224 45.11 -0.67 -19.35
C TYR D 224 46.10 -1.12 -20.43
N THR D 225 46.97 -0.27 -20.97
CA THR D 225 47.86 -0.68 -22.04
C THR D 225 48.85 -1.73 -21.56
N ASN D 226 49.34 -1.60 -20.33
CA ASN D 226 50.16 -2.65 -19.74
C ASN D 226 49.42 -3.99 -19.76
N LEU D 227 48.19 -4.00 -19.22
CA LEU D 227 47.42 -5.23 -19.14
C LEU D 227 47.12 -5.78 -20.52
N ASN D 228 46.74 -4.90 -21.44
CA ASN D 228 46.28 -5.36 -22.75
C ASN D 228 47.40 -5.97 -23.56
N ARG D 229 48.61 -5.43 -23.44
CA ARG D 229 49.70 -6.00 -24.22
C ARG D 229 50.09 -7.37 -23.69
N LEU D 230 49.97 -7.61 -22.38
CA LEU D 230 50.15 -8.98 -21.88
C LEU D 230 49.04 -9.88 -22.40
N ILE D 231 47.79 -9.40 -22.33
CA ILE D 231 46.66 -10.15 -22.87
C ILE D 231 46.90 -10.49 -24.34
N ALA D 232 47.41 -9.54 -25.11
CA ALA D 232 47.62 -9.76 -26.55
C ALA D 232 48.66 -10.85 -26.82
N GLN D 233 49.74 -10.87 -26.02
CA GLN D 233 50.71 -11.94 -26.11
C GLN D 233 50.04 -13.29 -25.91
N VAL D 234 49.14 -13.38 -24.93
CA VAL D 234 48.42 -14.62 -24.67
C VAL D 234 47.50 -14.95 -25.83
N ILE D 235 46.70 -13.99 -26.29
CA ILE D 235 45.73 -14.33 -27.32
C ILE D 235 46.42 -14.67 -28.62
N SER D 236 47.54 -14.01 -28.92
CA SER D 236 48.35 -14.41 -30.09
C SER D 236 48.82 -15.87 -29.99
N SER D 237 49.42 -16.27 -28.85
CA SER D 237 49.83 -17.67 -28.72
C SER D 237 48.64 -18.61 -28.87
N LEU D 238 47.47 -18.23 -28.30
CA LEU D 238 46.35 -19.17 -28.34
C LEU D 238 45.78 -19.29 -29.73
N THR D 239 45.94 -18.26 -30.55
CA THR D 239 45.41 -18.21 -31.91
C THR D 239 46.48 -18.52 -32.95
N ALA D 240 47.72 -18.75 -32.52
CA ALA D 240 48.83 -18.94 -33.45
C ALA D 240 48.54 -20.07 -34.43
N SER D 241 47.89 -21.12 -33.96
CA SER D 241 47.68 -22.24 -34.87
C SER D 241 46.45 -22.04 -35.74
N LEU D 242 45.60 -21.05 -35.44
CA LEU D 242 44.59 -20.64 -36.41
C LEU D 242 45.22 -19.89 -37.58
N ARG D 243 46.33 -19.18 -37.34
CA ARG D 243 46.85 -18.21 -38.29
C ARG D 243 48.14 -18.64 -38.94
N PHE D 244 48.71 -19.76 -38.53
CA PHE D 244 49.95 -20.30 -39.09
C PHE D 244 49.73 -21.79 -39.35
N ASP D 245 50.53 -22.37 -40.23
CA ASP D 245 50.48 -23.83 -40.31
C ASP D 245 50.95 -24.40 -38.98
N GLY D 246 50.14 -25.27 -38.38
CA GLY D 246 50.45 -25.80 -37.07
C GLY D 246 49.90 -27.20 -36.86
N ALA D 247 49.99 -27.73 -35.64
CA ALA D 247 49.54 -29.10 -35.38
C ALA D 247 48.70 -29.25 -34.11
N LEU D 248 48.62 -28.24 -33.26
CA LEU D 248 47.74 -28.24 -32.09
C LEU D 248 46.81 -27.03 -32.20
N ASN D 249 45.50 -27.27 -32.14
CA ASN D 249 44.47 -26.21 -32.10
C ASN D 249 44.49 -25.34 -33.36
N VAL D 250 44.19 -25.99 -34.49
CA VAL D 250 44.35 -25.35 -35.80
C VAL D 250 43.07 -24.70 -36.33
N ASP D 251 41.91 -24.98 -35.75
CA ASP D 251 40.68 -24.26 -36.04
C ASP D 251 39.93 -24.04 -34.75
N ILE D 252 38.86 -23.26 -34.79
CA ILE D 252 38.18 -22.95 -33.55
C ILE D 252 37.54 -24.21 -32.98
N THR D 253 37.03 -25.08 -33.83
CA THR D 253 36.29 -26.25 -33.33
C THR D 253 37.19 -27.24 -32.58
N GLU D 254 38.50 -27.25 -32.81
CA GLU D 254 39.37 -28.15 -32.07
C GLU D 254 39.61 -27.68 -30.64
N PHE D 255 39.45 -26.39 -30.39
CA PHE D 255 39.48 -25.91 -29.00
C PHE D 255 38.41 -26.62 -28.17
N GLN D 256 37.20 -26.72 -28.69
CA GLN D 256 36.14 -27.38 -27.94
C GLN D 256 36.42 -28.88 -27.81
N THR D 257 36.83 -29.54 -28.90
CA THR D 257 37.03 -30.98 -28.81
C THR D 257 38.22 -31.32 -27.91
N ASN D 258 39.28 -30.51 -27.92
CA ASN D 258 40.46 -30.79 -27.09
C ASN D 258 40.27 -30.39 -25.63
N LEU D 259 39.42 -29.38 -25.38
CA LEU D 259 39.38 -28.73 -24.06
C LEU D 259 38.08 -28.90 -23.30
N VAL D 260 37.00 -29.33 -23.96
CA VAL D 260 35.69 -29.38 -23.33
C VAL D 260 35.10 -30.79 -23.33
N PRO D 261 35.30 -31.59 -22.27
CA PRO D 261 34.63 -32.90 -22.21
C PRO D 261 33.14 -32.82 -21.93
N TYR D 262 32.70 -31.79 -21.20
CA TYR D 262 31.30 -31.62 -20.81
C TYR D 262 30.91 -30.23 -21.28
N PRO D 263 29.91 -30.09 -22.15
CA PRO D 263 29.72 -28.82 -22.87
C PRO D 263 29.55 -27.55 -22.04
N ARG D 264 28.84 -27.59 -20.88
CA ARG D 264 28.70 -26.39 -20.04
C ARG D 264 30.01 -25.94 -19.42
N ILE D 265 30.93 -26.89 -19.19
CA ILE D 265 32.11 -26.62 -18.36
C ILE D 265 33.20 -26.21 -19.33
N HIS D 266 33.16 -24.91 -19.72
CA HIS D 266 33.97 -24.50 -20.87
C HIS D 266 34.64 -23.16 -20.65
N PHE D 267 34.93 -22.82 -19.41
CA PHE D 267 35.69 -21.62 -19.07
C PHE D 267 37.12 -22.02 -18.77
N MET D 268 38.06 -21.41 -19.50
CA MET D 268 39.45 -21.84 -19.53
C MET D 268 40.40 -20.96 -18.73
N LEU D 269 41.33 -21.62 -18.06
CA LEU D 269 42.45 -21.04 -17.34
C LEU D 269 43.69 -21.06 -18.21
N SER D 270 44.34 -19.90 -18.34
CA SER D 270 45.50 -19.76 -19.20
C SER D 270 46.68 -19.15 -18.44
N SER D 271 47.88 -19.39 -18.99
CA SER D 271 49.10 -18.85 -18.40
C SER D 271 50.09 -18.56 -19.53
N TYR D 272 51.18 -17.87 -19.18
CA TYR D 272 52.25 -17.54 -20.10
C TYR D 272 53.56 -17.55 -19.33
N ALA D 273 54.63 -17.99 -20.00
CA ALA D 273 55.93 -17.96 -19.36
C ALA D 273 56.99 -17.89 -20.45
N PRO D 274 58.09 -17.16 -20.22
CA PRO D 274 58.37 -16.34 -19.05
C PRO D 274 57.70 -14.97 -19.15
N ILE D 275 57.38 -14.42 -17.99
CA ILE D 275 56.84 -13.07 -17.86
C ILE D 275 57.92 -12.31 -17.09
N ILE D 276 58.78 -11.59 -17.82
CA ILE D 276 59.92 -10.91 -17.25
C ILE D 276 60.06 -9.53 -17.91
N SER D 277 60.52 -8.56 -17.13
CA SER D 277 60.63 -7.20 -17.62
C SER D 277 61.76 -7.07 -18.63
N ALA D 278 61.62 -6.07 -19.50
CA ALA D 278 62.65 -5.76 -20.49
C ALA D 278 63.87 -5.13 -19.85
N GLU D 279 63.72 -4.54 -18.67
CA GLU D 279 64.82 -3.87 -17.97
C GLU D 279 65.57 -4.81 -17.03
N LYS D 280 65.71 -6.08 -17.43
CA LYS D 280 66.39 -7.09 -16.64
C LYS D 280 67.74 -6.60 -16.13
N LEU D 286 65.99 -18.53 -20.24
CA LEU D 286 65.55 -19.62 -19.38
C LEU D 286 65.25 -20.90 -20.17
N SER D 287 65.49 -22.05 -19.52
CA SER D 287 65.40 -23.35 -20.17
C SER D 287 63.94 -23.78 -20.36
N VAL D 288 63.76 -24.81 -21.19
CA VAL D 288 62.43 -25.38 -21.37
C VAL D 288 61.86 -25.85 -20.02
N ALA D 289 62.71 -26.42 -19.16
CA ALA D 289 62.22 -26.94 -17.89
C ALA D 289 61.70 -25.81 -17.02
N GLU D 290 62.34 -24.64 -17.07
CA GLU D 290 61.93 -23.53 -16.21
C GLU D 290 60.63 -22.91 -16.73
N ILE D 291 60.53 -22.66 -18.04
CA ILE D 291 59.30 -22.05 -18.52
C ILE D 291 58.15 -23.03 -18.38
N THR D 292 58.43 -24.34 -18.52
CA THR D 292 57.37 -25.33 -18.36
C THR D 292 56.81 -25.31 -16.94
N ASN D 293 57.70 -25.35 -15.94
CA ASN D 293 57.25 -25.24 -14.54
C ASN D 293 56.58 -23.90 -14.26
N SER D 294 57.08 -22.80 -14.84
CA SER D 294 56.45 -21.50 -14.59
C SER D 294 55.03 -21.45 -15.16
N ALA D 295 54.76 -22.19 -16.25
CA ALA D 295 53.45 -22.22 -16.88
C ALA D 295 52.40 -22.83 -15.96
N PHE D 296 52.82 -23.54 -14.92
CA PHE D 296 51.89 -24.15 -13.94
C PHE D 296 51.93 -23.37 -12.62
N GLU D 297 52.63 -22.24 -12.53
CA GLU D 297 52.67 -21.51 -11.27
C GLU D 297 51.49 -20.55 -11.19
N PRO D 298 50.94 -20.36 -9.98
CA PRO D 298 49.86 -19.36 -9.83
C PRO D 298 50.26 -17.98 -10.30
N ALA D 299 51.52 -17.59 -10.09
CA ALA D 299 51.95 -16.24 -10.41
C ALA D 299 51.92 -15.96 -11.91
N ASN D 300 51.75 -16.99 -12.75
CA ASN D 300 51.71 -16.83 -14.20
C ASN D 300 50.33 -17.03 -14.81
N MET D 301 49.30 -17.24 -13.98
CA MET D 301 47.96 -17.54 -14.45
C MET D 301 47.22 -16.25 -14.80
N MET D 302 46.38 -16.31 -15.83
CA MET D 302 45.56 -15.19 -16.27
C MET D 302 44.22 -15.09 -15.52
N ALA D 303 43.90 -16.07 -14.69
CA ALA D 303 42.75 -15.96 -13.79
C ALA D 303 43.22 -16.26 -12.37
N LYS D 304 42.69 -15.52 -11.39
CA LYS D 304 43.27 -15.56 -10.05
C LYS D 304 42.79 -16.81 -9.34
N CYS D 305 43.48 -17.94 -9.59
CA CYS D 305 43.19 -19.17 -8.87
C CYS D 305 44.44 -20.02 -8.88
N ASP D 306 44.45 -21.04 -8.02
CA ASP D 306 45.56 -21.96 -7.90
C ASP D 306 45.15 -23.29 -8.52
N PRO D 307 45.71 -23.70 -9.66
CA PRO D 307 45.26 -24.94 -10.29
C PRO D 307 45.61 -26.18 -9.48
N ARG D 308 46.55 -26.05 -8.55
CA ARG D 308 46.88 -27.17 -7.63
C ARG D 308 45.64 -27.52 -6.83
N HIS D 309 44.76 -26.55 -6.59
CA HIS D 309 43.53 -26.73 -5.84
C HIS D 309 42.43 -27.46 -6.59
N GLY D 310 42.60 -27.72 -7.88
CA GLY D 310 41.52 -28.38 -8.57
C GLY D 310 42.07 -29.55 -9.36
N LYS D 311 41.25 -30.06 -10.26
CA LYS D 311 41.71 -31.08 -11.18
C LYS D 311 41.62 -30.57 -12.61
N TYR D 312 42.52 -31.07 -13.46
CA TYR D 312 42.60 -30.67 -14.88
C TYR D 312 41.75 -31.64 -15.69
N MET D 313 40.78 -31.15 -16.46
CA MET D 313 40.04 -31.92 -17.44
C MET D 313 40.80 -31.96 -18.75
N ALA D 314 41.53 -30.89 -19.05
CA ALA D 314 42.28 -30.76 -20.29
C ALA D 314 43.38 -29.73 -20.07
N CYS D 315 44.42 -29.83 -20.89
CA CYS D 315 45.52 -28.88 -20.87
C CYS D 315 46.22 -28.94 -22.22
N SER D 316 46.36 -27.79 -22.89
CA SER D 316 47.13 -27.69 -24.11
C SER D 316 48.29 -26.74 -23.90
N MET D 317 49.50 -27.19 -24.22
CA MET D 317 50.70 -26.41 -24.01
C MET D 317 51.21 -26.00 -25.39
N MET D 318 51.34 -24.70 -25.62
CA MET D 318 51.71 -24.17 -26.93
C MET D 318 53.05 -23.46 -26.77
N TYR D 319 54.11 -24.13 -27.23
CA TYR D 319 55.45 -23.58 -27.10
C TYR D 319 55.74 -22.71 -28.32
N ARG D 320 56.67 -21.78 -28.14
CA ARG D 320 57.08 -20.85 -29.19
C ARG D 320 58.59 -20.63 -29.12
N GLY D 321 59.29 -20.93 -30.22
CA GLY D 321 60.68 -20.57 -30.31
C GLY D 321 61.64 -21.74 -30.28
N ASP D 322 62.81 -21.53 -29.66
CA ASP D 322 63.93 -22.48 -29.64
C ASP D 322 63.68 -23.57 -28.60
N VAL D 323 62.76 -24.47 -28.96
CA VAL D 323 62.29 -25.52 -28.07
C VAL D 323 62.46 -26.88 -28.74
N VAL D 324 63.33 -27.72 -28.17
CA VAL D 324 63.54 -29.06 -28.69
C VAL D 324 62.51 -30.03 -28.10
N PRO D 325 61.78 -30.78 -28.93
CA PRO D 325 60.80 -31.73 -28.40
C PRO D 325 61.26 -32.60 -27.22
N LYS D 326 62.48 -33.18 -27.27
CA LYS D 326 62.93 -34.06 -26.19
C LYS D 326 62.99 -33.33 -24.86
N ASP D 327 63.32 -32.04 -24.86
CA ASP D 327 63.39 -31.29 -23.62
C ASP D 327 62.01 -30.97 -23.05
N VAL D 328 61.02 -30.72 -23.91
CA VAL D 328 59.63 -30.63 -23.45
C VAL D 328 59.21 -31.94 -22.80
N ASN D 329 59.43 -33.05 -23.47
CA ASN D 329 58.98 -34.33 -22.96
C ASN D 329 59.61 -34.63 -21.61
N ALA D 330 60.91 -34.35 -21.46
CA ALA D 330 61.61 -34.62 -20.21
C ALA D 330 61.06 -33.72 -19.09
N SER D 331 60.78 -32.46 -19.39
CA SER D 331 60.18 -31.58 -18.37
C SER D 331 58.83 -32.10 -17.92
N ILE D 332 57.98 -32.46 -18.87
CA ILE D 332 56.64 -32.95 -18.54
C ILE D 332 56.74 -34.22 -17.71
N ALA D 333 57.64 -35.14 -18.08
CA ALA D 333 57.77 -36.38 -17.33
C ALA D 333 58.18 -36.13 -15.89
N THR D 334 59.02 -35.14 -15.67
CA THR D 334 59.45 -34.76 -14.30
C THR D 334 58.22 -34.26 -13.54
N ILE D 335 57.39 -33.41 -14.15
CA ILE D 335 56.17 -32.87 -13.49
C ILE D 335 55.22 -34.01 -13.13
N LYS D 336 55.12 -35.03 -13.97
CA LYS D 336 54.21 -36.19 -13.79
C LYS D 336 54.56 -37.00 -12.54
N THR D 337 55.81 -37.00 -12.08
CA THR D 337 56.23 -37.76 -10.87
C THR D 337 55.71 -37.09 -9.60
N LYS D 338 55.43 -35.80 -9.65
CA LYS D 338 54.93 -35.03 -8.49
C LYS D 338 53.40 -34.94 -8.58
N ARG D 339 52.76 -34.23 -7.69
CA ARG D 339 51.29 -34.18 -7.70
C ARG D 339 50.80 -32.76 -7.88
N THR D 340 51.63 -31.87 -8.39
CA THR D 340 51.26 -30.46 -8.61
C THR D 340 50.18 -30.42 -9.71
N ILE D 341 50.27 -31.27 -10.72
CA ILE D 341 49.26 -31.32 -11.81
C ILE D 341 48.50 -32.64 -11.67
N GLN D 342 47.18 -32.63 -11.53
CA GLN D 342 46.39 -33.87 -11.42
C GLN D 342 45.20 -33.82 -12.38
N PHE D 343 44.96 -34.86 -13.18
CA PHE D 343 43.86 -34.97 -14.13
C PHE D 343 42.73 -35.79 -13.55
N VAL D 344 41.51 -35.46 -13.98
CA VAL D 344 40.34 -36.26 -13.66
C VAL D 344 40.52 -37.63 -14.26
N ASP D 345 40.31 -38.65 -13.46
CA ASP D 345 40.65 -39.99 -13.91
C ASP D 345 39.66 -40.43 -14.98
N TRP D 346 40.21 -41.05 -16.03
CA TRP D 346 39.46 -41.51 -17.17
C TRP D 346 38.81 -40.39 -17.96
N CYS D 347 39.26 -39.14 -17.80
CA CYS D 347 38.61 -38.02 -18.47
C CYS D 347 38.74 -38.20 -19.98
N PRO D 348 37.68 -37.91 -20.76
CA PRO D 348 37.82 -38.06 -22.22
C PRO D 348 38.89 -37.15 -22.81
N THR D 349 39.08 -35.96 -22.26
CA THR D 349 40.14 -35.05 -22.69
C THR D 349 41.39 -35.22 -21.81
N GLY D 350 42.48 -34.56 -22.21
CA GLY D 350 43.75 -34.76 -21.55
C GLY D 350 44.79 -33.73 -21.90
N PHE D 351 46.06 -34.18 -21.97
CA PHE D 351 47.21 -33.30 -22.19
C PHE D 351 47.72 -33.35 -23.63
N LYS D 352 47.88 -32.16 -24.23
CA LYS D 352 48.40 -32.01 -25.59
C LYS D 352 49.45 -30.92 -25.66
N VAL D 353 50.50 -31.16 -26.46
CA VAL D 353 51.61 -30.24 -26.63
C VAL D 353 51.78 -29.88 -28.10
N GLY D 354 52.07 -28.61 -28.36
CA GLY D 354 52.44 -28.18 -29.71
C GLY D 354 53.62 -27.24 -29.64
N ILE D 355 54.44 -27.27 -30.71
CA ILE D 355 55.58 -26.36 -30.83
C ILE D 355 55.49 -25.60 -32.15
N ASN D 356 55.53 -24.27 -32.06
CA ASN D 356 55.78 -23.38 -33.18
C ASN D 356 57.18 -22.84 -32.98
N TYR D 357 58.04 -23.01 -33.98
CA TYR D 357 59.46 -22.78 -33.79
C TYR D 357 59.88 -21.34 -34.02
N GLN D 358 58.96 -20.43 -34.29
CA GLN D 358 59.34 -19.03 -34.33
C GLN D 358 59.19 -18.40 -32.94
N PRO D 359 60.13 -17.61 -32.46
CA PRO D 359 59.97 -17.01 -31.09
C PRO D 359 58.87 -15.98 -31.07
N PRO D 360 58.34 -15.63 -29.90
CA PRO D 360 57.30 -14.60 -29.87
C PRO D 360 57.79 -13.30 -30.46
N THR D 361 56.87 -12.58 -31.08
CA THR D 361 57.13 -11.24 -31.58
C THR D 361 56.99 -10.20 -30.46
N VAL D 362 57.92 -9.25 -30.42
CA VAL D 362 57.91 -8.17 -29.44
C VAL D 362 57.21 -6.95 -30.02
N VAL D 363 56.42 -6.26 -29.22
CA VAL D 363 55.89 -4.95 -29.60
C VAL D 363 56.90 -3.91 -29.13
N PRO D 364 57.38 -3.03 -30.01
CA PRO D 364 58.59 -2.24 -29.68
C PRO D 364 58.57 -1.53 -28.34
N GLY D 365 57.50 -0.80 -28.01
CA GLY D 365 57.45 -0.05 -26.77
C GLY D 365 56.73 -0.77 -25.66
N GLY D 366 56.93 -2.08 -25.58
CA GLY D 366 56.24 -2.90 -24.62
C GLY D 366 57.04 -3.14 -23.35
N ASP D 367 56.41 -3.88 -22.44
CA ASP D 367 56.98 -4.19 -21.14
C ASP D 367 57.66 -5.55 -21.08
N LEU D 368 57.41 -6.41 -22.05
CA LEU D 368 57.96 -7.76 -22.05
C LEU D 368 59.30 -7.78 -22.77
N ALA D 369 60.23 -8.55 -22.23
CA ALA D 369 61.54 -8.71 -22.83
C ALA D 369 61.47 -9.62 -24.06
N LYS D 370 62.38 -9.40 -24.98
CA LYS D 370 62.57 -10.31 -26.11
C LYS D 370 63.11 -11.63 -25.56
N VAL D 371 62.49 -12.75 -25.96
CA VAL D 371 62.89 -14.08 -25.50
C VAL D 371 63.00 -15.03 -26.69
N MET D 372 63.82 -16.07 -26.53
CA MET D 372 64.01 -17.11 -27.55
C MET D 372 63.05 -18.29 -27.40
N ARG D 373 62.47 -18.46 -26.20
CA ARG D 373 61.64 -19.61 -25.84
C ARG D 373 60.49 -19.07 -25.01
N ALA D 374 59.27 -19.49 -25.29
CA ALA D 374 58.14 -19.10 -24.47
C ALA D 374 57.09 -20.19 -24.58
N VAL D 375 56.15 -20.18 -23.64
CA VAL D 375 55.09 -21.18 -23.64
C VAL D 375 53.80 -20.51 -23.19
N CYS D 376 52.69 -20.90 -23.79
CA CYS D 376 51.36 -20.46 -23.36
C CYS D 376 50.54 -21.70 -23.11
N MET D 377 49.86 -21.75 -21.98
CA MET D 377 49.10 -22.91 -21.56
C MET D 377 47.63 -22.50 -21.55
N ILE D 378 46.77 -23.37 -22.06
CA ILE D 378 45.33 -23.23 -21.83
C ILE D 378 44.80 -24.53 -21.25
N SER D 379 43.92 -24.41 -20.28
CA SER D 379 43.47 -25.59 -19.58
C SER D 379 42.04 -25.42 -19.15
N ASN D 380 41.42 -26.55 -18.92
CA ASN D 380 40.12 -26.65 -18.30
C ASN D 380 40.37 -27.27 -16.94
N SER D 381 40.40 -26.42 -15.92
CA SER D 381 40.67 -26.78 -14.54
C SER D 381 39.50 -26.43 -13.64
N THR D 382 39.18 -27.29 -12.66
CA THR D 382 38.06 -27.07 -11.71
C THR D 382 38.40 -25.96 -10.71
N ALA D 383 39.67 -25.53 -10.61
CA ALA D 383 40.14 -24.44 -9.75
C ALA D 383 39.63 -23.07 -10.23
N ILE D 384 39.07 -22.92 -11.44
CA ILE D 384 38.54 -21.65 -11.86
C ILE D 384 37.25 -21.33 -11.12
N ALA D 385 36.56 -22.32 -10.58
CA ALA D 385 35.39 -22.16 -9.70
C ALA D 385 35.69 -21.07 -8.64
N GLU D 386 36.93 -20.93 -8.17
CA GLU D 386 37.21 -19.95 -7.11
C GLU D 386 36.90 -18.54 -7.58
N VAL D 387 37.19 -18.25 -8.85
CA VAL D 387 36.92 -16.92 -9.37
C VAL D 387 35.42 -16.67 -9.37
N PHE D 388 34.65 -17.64 -9.88
CA PHE D 388 33.20 -17.47 -9.93
C PHE D 388 32.62 -17.37 -8.52
N SER D 389 33.19 -18.12 -7.59
N SER D 389 33.17 -18.16 -7.60
CA SER D 389 32.64 -18.14 -6.23
CA SER D 389 32.69 -18.16 -6.21
C SER D 389 32.77 -16.76 -5.57
C SER D 389 32.78 -16.77 -5.59
N ARG D 390 33.88 -16.06 -5.78
CA ARG D 390 34.01 -14.73 -5.19
C ARG D 390 32.98 -13.76 -5.77
N LEU D 391 32.75 -13.85 -7.08
CA LEU D 391 31.78 -12.95 -7.70
C LEU D 391 30.36 -13.31 -7.30
N ASP D 392 30.07 -14.61 -7.15
CA ASP D 392 28.74 -15.00 -6.72
C ASP D 392 28.46 -14.53 -5.29
N HIS D 393 29.48 -14.54 -4.43
CA HIS D 393 29.25 -14.09 -3.05
C HIS D 393 28.97 -12.60 -3.02
N LYS D 394 29.69 -11.81 -3.83
CA LYS D 394 29.42 -10.37 -3.93
C LYS D 394 28.01 -10.10 -4.47
N PHE D 395 27.63 -10.82 -5.55
CA PHE D 395 26.26 -10.81 -6.05
C PHE D 395 25.26 -11.08 -4.93
N ASP D 396 25.53 -12.12 -4.14
CA ASP D 396 24.54 -12.53 -3.13
C ASP D 396 24.38 -11.47 -2.04
N LEU D 397 25.46 -10.82 -1.62
CA LEU D 397 25.34 -9.80 -0.56
C LEU D 397 24.43 -8.65 -1.00
N MET D 398 24.61 -8.18 -2.25
CA MET D 398 23.83 -7.06 -2.74
C MET D 398 22.41 -7.47 -3.05
N TYR D 399 22.24 -8.65 -3.64
CA TYR D 399 20.92 -9.07 -4.09
C TYR D 399 20.01 -9.43 -2.92
N ALA D 400 20.58 -9.87 -1.80
CA ALA D 400 19.76 -10.11 -0.62
C ALA D 400 18.97 -8.85 -0.22
N LYS D 401 19.52 -7.67 -0.45
CA LYS D 401 18.85 -6.42 -0.17
C LYS D 401 18.28 -5.76 -1.43
N ARG D 402 18.38 -6.44 -2.58
CA ARG D 402 17.97 -5.89 -3.87
C ARG D 402 18.65 -4.54 -4.15
N ALA D 403 19.82 -4.33 -3.60
CA ALA D 403 20.59 -3.12 -3.89
C ALA D 403 20.80 -2.96 -5.39
N PHE D 404 20.46 -1.79 -5.94
CA PHE D 404 20.68 -1.41 -7.34
C PHE D 404 19.77 -2.14 -8.35
N VAL D 405 18.97 -3.10 -7.89
CA VAL D 405 18.13 -3.93 -8.79
C VAL D 405 17.16 -3.04 -9.59
N HIS D 406 16.67 -1.95 -8.99
CA HIS D 406 15.71 -1.03 -9.63
C HIS D 406 16.27 -0.45 -10.94
N TRP D 407 17.58 -0.28 -11.03
CA TRP D 407 18.22 0.27 -12.26
C TRP D 407 18.01 -0.67 -13.42
N TYR D 408 18.07 -1.96 -13.17
CA TYR D 408 17.98 -2.98 -14.23
C TYR D 408 16.51 -3.22 -14.58
N VAL D 409 15.71 -3.38 -13.54
CA VAL D 409 14.28 -3.62 -13.71
C VAL D 409 13.74 -2.43 -14.52
N GLY D 410 14.22 -1.15 -14.36
CA GLY D 410 13.71 0.02 -15.04
C GLY D 410 14.18 0.22 -16.47
N GLU D 411 15.09 -0.62 -16.93
CA GLU D 411 15.63 -0.57 -18.29
C GLU D 411 15.35 -1.88 -19.00
N GLY D 412 14.21 -2.51 -18.72
CA GLY D 412 13.68 -3.54 -19.58
C GLY D 412 13.91 -4.97 -19.11
N MET D 413 14.58 -5.13 -17.98
CA MET D 413 14.91 -6.47 -17.49
C MET D 413 13.88 -6.93 -16.45
N GLU D 414 13.38 -8.16 -16.55
CA GLU D 414 12.46 -8.73 -15.53
C GLU D 414 13.34 -9.02 -14.32
N GLU D 415 12.80 -8.88 -13.11
CA GLU D 415 13.60 -9.11 -11.88
C GLU D 415 14.06 -10.57 -11.84
N GLY D 416 13.24 -11.55 -12.32
CA GLY D 416 13.55 -12.99 -12.35
C GLY D 416 14.80 -13.32 -13.15
N GLU D 417 15.30 -12.45 -14.04
CA GLU D 417 16.52 -12.76 -14.78
C GLU D 417 17.73 -12.79 -13.85
N PHE D 418 17.67 -12.07 -12.72
CA PHE D 418 18.76 -12.07 -11.76
C PHE D 418 18.95 -13.46 -11.16
N SER D 419 17.86 -14.08 -10.69
CA SER D 419 18.00 -15.35 -9.99
C SER D 419 18.13 -16.50 -10.98
N GLU D 420 17.58 -16.37 -12.20
CA GLU D 420 17.85 -17.35 -13.23
C GLU D 420 19.35 -17.40 -13.54
N ALA D 421 19.96 -16.24 -13.75
CA ALA D 421 21.40 -16.20 -13.96
C ALA D 421 22.14 -16.75 -12.75
N ARG D 422 21.77 -16.30 -11.54
CA ARG D 422 22.50 -16.74 -10.34
C ARG D 422 22.36 -18.24 -10.13
N GLU D 423 21.18 -18.78 -10.38
CA GLU D 423 21.01 -20.23 -10.25
C GLU D 423 21.83 -20.99 -11.27
N ASP D 424 21.97 -20.42 -12.49
CA ASP D 424 22.83 -21.04 -13.51
C ASP D 424 24.25 -21.15 -12.99
N LEU D 425 24.73 -20.11 -12.29
CA LEU D 425 26.08 -20.14 -11.76
C LEU D 425 26.19 -21.00 -10.52
N ALA D 426 25.12 -21.13 -9.75
CA ALA D 426 25.12 -22.08 -8.63
C ALA D 426 25.28 -23.52 -9.14
N ALA D 427 24.63 -23.83 -10.27
CA ALA D 427 24.77 -25.16 -10.86
C ALA D 427 26.17 -25.35 -11.43
N LEU D 428 26.77 -24.30 -11.99
CA LEU D 428 28.15 -24.44 -12.46
C LEU D 428 29.09 -24.76 -11.32
N GLU D 429 29.00 -24.02 -10.20
CA GLU D 429 29.82 -24.32 -9.03
C GLU D 429 29.63 -25.78 -8.59
N LYS D 430 28.38 -26.25 -8.57
CA LYS D 430 28.14 -27.65 -8.23
C LYS D 430 28.87 -28.59 -9.19
N ASP D 431 28.79 -28.30 -10.50
CA ASP D 431 29.47 -29.15 -11.48
C ASP D 431 30.97 -29.21 -11.21
N TYR D 432 31.60 -28.07 -10.92
CA TYR D 432 33.07 -28.01 -10.69
C TYR D 432 33.43 -28.84 -9.46
N GLU D 433 32.57 -28.81 -8.46
CA GLU D 433 32.74 -29.51 -7.17
C GLU D 433 32.69 -31.02 -7.41
N GLU D 434 31.72 -31.48 -8.20
CA GLU D 434 31.55 -32.89 -8.46
C GLU D 434 32.67 -33.42 -9.34
N VAL D 435 33.08 -32.65 -10.34
CA VAL D 435 34.21 -33.10 -11.15
C VAL D 435 35.46 -33.23 -10.28
N GLY D 436 35.65 -32.29 -9.35
CA GLY D 436 36.76 -32.32 -8.41
C GLY D 436 36.95 -33.61 -7.62
N MET E 1 25.93 11.24 -23.83
CA MET E 1 25.82 11.97 -22.51
C MET E 1 26.77 13.15 -22.51
N ARG E 2 26.26 14.32 -22.91
CA ARG E 2 27.15 15.47 -23.02
C ARG E 2 26.55 16.65 -22.27
N GLU E 3 25.45 17.19 -22.77
CA GLU E 3 24.97 18.49 -22.34
C GLU E 3 24.13 18.40 -21.08
N ILE E 4 24.34 19.35 -20.17
CA ILE E 4 23.53 19.57 -18.98
C ILE E 4 22.87 20.93 -19.10
N VAL E 5 21.59 21.00 -18.77
CA VAL E 5 20.82 22.24 -18.75
C VAL E 5 20.63 22.66 -17.30
N HIS E 6 21.11 23.85 -16.96
CA HIS E 6 21.12 24.38 -15.59
C HIS E 6 20.03 25.41 -15.44
N ILE E 7 19.28 25.34 -14.34
CA ILE E 7 18.28 26.33 -14.00
C ILE E 7 18.51 26.75 -12.55
N GLN E 8 18.65 28.06 -12.33
CA GLN E 8 18.81 28.60 -10.99
C GLN E 8 17.57 29.43 -10.67
N GLY E 9 16.92 29.12 -9.54
CA GLY E 9 15.63 29.72 -9.20
C GLY E 9 15.67 30.41 -7.85
N GLY E 10 15.08 31.59 -7.74
CA GLY E 10 14.95 32.32 -6.50
C GLY E 10 16.24 33.03 -6.13
N GLN E 11 16.24 33.60 -4.92
CA GLN E 11 17.40 34.37 -4.50
C GLN E 11 18.59 33.46 -4.22
N CYS E 12 18.44 32.48 -3.35
CA CYS E 12 19.51 31.51 -3.04
C CYS E 12 19.99 30.86 -4.34
N GLY E 13 19.07 30.32 -5.12
CA GLY E 13 19.38 29.61 -6.36
C GLY E 13 20.25 30.47 -7.23
N ASN E 14 19.86 31.74 -7.41
CA ASN E 14 20.58 32.60 -8.35
C ASN E 14 21.90 33.10 -7.78
N GLN E 15 21.99 33.24 -6.45
CA GLN E 15 23.26 33.69 -5.84
C GLN E 15 24.31 32.57 -5.84
N ILE E 16 23.90 31.38 -5.42
CA ILE E 16 24.84 30.23 -5.40
C ILE E 16 25.09 29.90 -6.87
N GLY E 17 24.10 30.02 -7.81
CA GLY E 17 24.28 29.70 -9.22
C GLY E 17 25.28 30.61 -9.92
N ALA E 18 25.16 31.92 -9.69
CA ALA E 18 26.14 32.87 -10.21
C ALA E 18 27.55 32.51 -9.76
N LYS E 19 27.71 32.12 -8.50
CA LYS E 19 29.04 31.85 -7.98
C LYS E 19 29.59 30.58 -8.60
N PHE E 20 28.73 29.59 -8.81
CA PHE E 20 29.09 28.39 -9.55
C PHE E 20 29.67 28.74 -10.92
N TRP E 21 28.96 29.57 -11.71
CA TRP E 21 29.40 29.87 -13.08
C TRP E 21 30.70 30.66 -13.06
N GLU E 22 30.80 31.63 -12.15
CA GLU E 22 32.05 32.33 -11.92
C GLU E 22 33.20 31.34 -11.71
N VAL E 23 33.02 30.39 -10.80
CA VAL E 23 34.10 29.47 -10.34
C VAL E 23 34.49 28.47 -11.43
N ILE E 24 33.55 27.87 -12.14
CA ILE E 24 33.93 26.89 -13.18
C ILE E 24 34.52 27.63 -14.38
N SER E 25 34.15 28.89 -14.61
CA SER E 25 34.75 29.75 -15.66
C SER E 25 36.22 29.87 -15.47
N ASP E 26 36.66 30.28 -14.30
CA ASP E 26 38.09 30.40 -14.01
C ASP E 26 38.75 29.06 -14.30
N GLU E 27 38.20 27.97 -13.79
CA GLU E 27 38.74 26.60 -13.98
C GLU E 27 38.79 26.22 -15.46
N HIS E 28 37.82 26.64 -16.26
CA HIS E 28 37.74 26.30 -17.70
C HIS E 28 38.46 27.32 -18.60
N GLY E 29 38.88 28.46 -18.04
CA GLY E 29 39.62 29.51 -18.76
C GLY E 29 38.72 30.43 -19.57
N ILE E 30 37.42 30.49 -19.25
CA ILE E 30 36.46 31.37 -19.88
C ILE E 30 36.39 32.68 -19.12
N ASP E 31 36.40 33.80 -19.84
CA ASP E 31 36.25 35.13 -19.27
C ASP E 31 34.83 35.63 -19.50
N PRO E 32 34.46 36.75 -18.87
CA PRO E 32 33.06 37.20 -18.96
C PRO E 32 32.57 37.48 -20.37
N THR E 33 33.45 37.58 -21.37
CA THR E 33 33.00 37.75 -22.75
C THR E 33 32.62 36.43 -23.40
N GLY E 34 33.01 35.31 -22.80
CA GLY E 34 32.80 34.00 -23.40
C GLY E 34 33.97 33.48 -24.20
N THR E 35 35.16 34.07 -24.07
CA THR E 35 36.33 33.63 -24.82
C THR E 35 37.30 32.90 -23.90
N TYR E 36 38.04 31.95 -24.48
CA TYR E 36 38.94 31.07 -23.75
C TYR E 36 40.36 31.63 -23.73
N HIS E 37 41.01 31.48 -22.57
CA HIS E 37 42.38 31.95 -22.41
C HIS E 37 43.14 31.02 -21.46
N GLY E 38 42.98 29.72 -21.65
CA GLY E 38 43.58 28.74 -20.77
C GLY E 38 44.85 28.12 -21.35
N ASP E 39 45.50 27.31 -20.51
CA ASP E 39 46.81 26.74 -20.82
C ASP E 39 46.77 25.23 -21.07
N SER E 40 45.65 24.56 -20.77
CA SER E 40 45.56 23.11 -20.88
C SER E 40 44.43 22.68 -21.79
N ASP E 41 44.65 21.55 -22.48
CA ASP E 41 43.63 20.99 -23.34
C ASP E 41 42.50 20.36 -22.53
N LEU E 42 42.80 19.88 -21.32
CA LEU E 42 41.76 19.37 -20.44
C LEU E 42 40.68 20.40 -20.20
N GLN E 43 40.98 21.71 -20.12
CA GLN E 43 39.95 22.75 -19.82
C GLN E 43 38.93 22.92 -20.94
N LEU E 44 39.16 22.31 -22.11
CA LEU E 44 38.12 22.42 -23.13
C LEU E 44 37.54 21.08 -23.56
N GLU E 45 38.17 19.97 -23.17
CA GLU E 45 37.76 18.67 -23.72
C GLU E 45 36.29 18.39 -23.45
N ARG E 46 35.73 18.95 -22.38
CA ARG E 46 34.34 18.71 -21.99
C ARG E 46 33.66 20.01 -21.63
N ILE E 47 34.06 21.11 -22.27
CA ILE E 47 33.45 22.40 -22.02
C ILE E 47 31.98 22.38 -22.41
N ASN E 48 31.60 21.52 -23.35
CA ASN E 48 30.25 21.43 -23.88
C ASN E 48 29.24 20.97 -22.83
N VAL E 49 29.68 20.25 -21.80
CA VAL E 49 28.77 19.78 -20.77
C VAL E 49 27.97 20.94 -20.19
N TYR E 50 28.64 22.08 -19.99
CA TYR E 50 27.99 23.23 -19.37
C TYR E 50 27.89 24.48 -20.24
N TYR E 51 28.53 24.54 -21.41
CA TYR E 51 28.55 25.75 -22.22
C TYR E 51 28.15 25.43 -23.65
N ASN E 52 27.20 26.19 -24.20
CA ASN E 52 26.98 26.19 -25.63
C ASN E 52 28.11 26.97 -26.31
N GLU E 53 28.34 26.68 -27.58
CA GLU E 53 29.30 27.45 -28.40
C GLU E 53 28.46 28.31 -29.34
N ALA E 54 28.67 29.62 -29.38
CA ALA E 54 27.88 30.51 -30.25
C ALA E 54 28.81 31.36 -31.12
N THR E 55 28.22 32.10 -32.06
CA THR E 55 28.85 33.01 -33.04
C THR E 55 30.14 33.65 -32.50
N GLY E 56 31.31 33.39 -33.09
CA GLY E 56 32.58 34.01 -32.69
C GLY E 56 33.50 33.05 -31.96
N GLY E 57 33.14 31.79 -31.82
CA GLY E 57 33.95 30.79 -31.10
C GLY E 57 33.93 31.08 -29.60
N ARG E 58 32.85 31.70 -29.12
CA ARG E 58 32.65 32.08 -27.70
C ARG E 58 31.75 31.01 -27.06
N TYR E 59 31.78 30.96 -25.74
CA TYR E 59 31.09 29.99 -24.90
C TYR E 59 30.07 30.70 -24.02
N VAL E 60 28.88 30.12 -23.93
CA VAL E 60 27.75 30.71 -23.22
C VAL E 60 27.20 29.67 -22.26
N PRO E 61 27.11 29.96 -20.96
CA PRO E 61 26.50 29.00 -20.05
C PRO E 61 25.14 28.54 -20.57
N ARG E 62 24.92 27.23 -20.54
CA ARG E 62 23.59 26.66 -20.81
C ARG E 62 22.75 26.81 -19.54
N ALA E 63 22.48 28.06 -19.21
CA ALA E 63 21.95 28.46 -17.91
C ALA E 63 20.68 29.26 -18.13
N ILE E 64 19.64 28.92 -17.35
CA ILE E 64 18.38 29.65 -17.32
C ILE E 64 18.22 30.25 -15.94
N LEU E 65 17.85 31.53 -15.88
CA LEU E 65 17.71 32.26 -14.64
C LEU E 65 16.24 32.60 -14.43
N MET E 66 15.71 32.22 -13.27
CA MET E 66 14.28 32.27 -13.00
C MET E 66 14.07 32.85 -11.62
N ASP E 67 13.16 33.83 -11.51
CA ASP E 67 12.73 34.32 -10.19
C ASP E 67 11.42 35.07 -10.34
N LEU E 68 10.62 35.09 -9.27
CA LEU E 68 9.40 35.89 -9.28
C LEU E 68 9.66 37.35 -8.91
N GLU E 69 10.76 37.63 -8.23
CA GLU E 69 11.16 39.00 -7.94
C GLU E 69 12.26 39.42 -8.90
N PRO E 70 12.27 40.68 -9.36
CA PRO E 70 13.30 41.09 -10.33
C PRO E 70 14.68 41.31 -9.72
N GLY E 71 14.76 41.51 -8.41
CA GLY E 71 15.97 42.00 -7.77
C GLY E 71 17.22 41.19 -7.95
N THR E 72 17.17 39.90 -7.60
CA THR E 72 18.40 39.10 -7.56
C THR E 72 18.93 38.87 -8.97
N MET E 73 18.05 38.83 -9.98
CA MET E 73 18.50 38.66 -11.36
C MET E 73 19.08 39.95 -11.93
N ASP E 74 18.62 41.09 -11.44
CA ASP E 74 19.28 42.35 -11.73
C ASP E 74 20.69 42.37 -11.14
N SER E 75 20.83 41.95 -9.89
CA SER E 75 22.15 41.94 -9.27
C SER E 75 23.10 40.95 -9.95
N VAL E 76 22.57 39.87 -10.53
CA VAL E 76 23.44 38.94 -11.25
C VAL E 76 23.85 39.54 -12.59
N ARG E 77 22.88 40.08 -13.34
CA ARG E 77 23.20 40.73 -14.61
C ARG E 77 24.34 41.72 -14.45
N ALA E 78 24.47 42.32 -13.26
CA ALA E 78 25.51 43.29 -12.96
C ALA E 78 26.77 42.68 -12.38
N GLY E 79 26.72 41.42 -11.97
CA GLY E 79 27.86 40.77 -11.35
C GLY E 79 28.99 40.48 -12.31
N PRO E 80 30.00 39.74 -11.83
CA PRO E 80 31.19 39.49 -12.65
C PRO E 80 30.89 38.96 -14.05
N PHE E 81 30.17 37.85 -14.15
CA PHE E 81 29.83 37.23 -15.43
C PHE E 81 28.37 37.46 -15.81
N GLY E 82 27.81 38.59 -15.41
CA GLY E 82 26.40 38.83 -15.63
C GLY E 82 26.02 38.94 -17.10
N GLN E 83 26.93 39.44 -17.93
CA GLN E 83 26.69 39.66 -19.34
C GLN E 83 27.11 38.47 -20.18
N LEU E 84 27.68 37.45 -19.57
CA LEU E 84 27.95 36.22 -20.26
C LEU E 84 26.69 35.37 -20.42
N PHE E 85 25.71 35.56 -19.55
CA PHE E 85 24.47 34.79 -19.65
C PHE E 85 23.63 35.27 -20.83
N ARG E 86 22.90 34.33 -21.42
CA ARG E 86 22.11 34.66 -22.58
C ARG E 86 20.94 35.55 -22.17
N PRO E 87 20.88 36.81 -22.62
CA PRO E 87 19.85 37.74 -22.11
C PRO E 87 18.42 37.21 -22.14
N ASP E 88 18.03 36.40 -23.13
CA ASP E 88 16.67 35.88 -23.18
C ASP E 88 16.46 34.64 -22.30
N ASN E 89 17.48 34.18 -21.59
CA ASN E 89 17.30 33.11 -20.61
C ASN E 89 16.89 33.64 -19.23
N PHE E 90 16.82 34.97 -19.05
CA PHE E 90 16.32 35.58 -17.82
C PHE E 90 14.78 35.61 -17.88
N VAL E 91 14.13 34.83 -17.03
CA VAL E 91 12.67 34.78 -16.98
C VAL E 91 12.25 35.19 -15.57
N PHE E 92 11.59 36.34 -15.45
CA PHE E 92 11.29 36.82 -14.12
C PHE E 92 9.96 37.55 -14.11
N GLY E 93 9.18 37.32 -13.05
CA GLY E 93 8.01 38.11 -12.76
C GLY E 93 8.35 39.33 -11.93
N GLN E 94 7.30 39.97 -11.41
CA GLN E 94 7.46 41.19 -10.63
C GLN E 94 6.93 41.08 -9.21
N THR E 95 6.14 40.05 -8.91
CA THR E 95 5.44 39.97 -7.64
C THR E 95 6.36 39.55 -6.50
N GLY E 96 7.09 38.44 -6.68
CA GLY E 96 7.75 37.79 -5.58
C GLY E 96 6.88 36.68 -5.02
N ALA E 97 7.44 35.92 -4.07
CA ALA E 97 6.73 34.82 -3.44
C ALA E 97 6.49 34.99 -1.94
N GLY E 98 7.14 35.95 -1.30
CA GLY E 98 6.92 36.16 0.12
C GLY E 98 7.16 34.95 0.99
N ASN E 99 8.21 34.18 0.70
CA ASN E 99 8.56 32.98 1.47
C ASN E 99 7.42 31.96 1.53
N ASN E 100 6.55 31.93 0.52
CA ASN E 100 5.35 31.09 0.56
C ASN E 100 5.46 30.02 -0.53
N TRP E 101 5.75 28.81 -0.10
CA TRP E 101 5.87 27.69 -1.03
C TRP E 101 4.64 27.57 -1.92
N ALA E 102 3.45 27.88 -1.40
CA ALA E 102 2.25 27.67 -2.21
C ALA E 102 2.14 28.73 -3.29
N LYS E 103 2.57 29.96 -3.02
CA LYS E 103 2.59 30.96 -4.08
C LYS E 103 3.58 30.58 -5.17
N GLY E 104 4.73 30.03 -4.79
CA GLY E 104 5.70 29.60 -5.79
C GLY E 104 5.25 28.41 -6.61
N HIS E 105 4.50 27.49 -5.98
CA HIS E 105 4.15 26.23 -6.63
C HIS E 105 2.84 26.30 -7.38
N TYR E 106 1.91 27.14 -6.95
CA TYR E 106 0.53 27.05 -7.40
C TYR E 106 -0.05 28.31 -8.02
N THR E 107 0.33 29.50 -7.55
CA THR E 107 -0.33 30.72 -7.99
C THR E 107 0.67 31.55 -8.79
N GLU E 108 1.44 32.44 -8.15
CA GLU E 108 2.38 33.25 -8.93
C GLU E 108 3.28 32.37 -9.81
N GLY E 109 3.87 31.33 -9.23
CA GLY E 109 4.75 30.46 -9.99
C GLY E 109 4.05 29.79 -11.16
N ALA E 110 2.83 29.31 -10.95
CA ALA E 110 2.09 28.67 -12.03
C ALA E 110 1.93 29.58 -13.23
N GLU E 111 1.78 30.88 -13.02
CA GLU E 111 1.51 31.79 -14.11
C GLU E 111 2.75 32.13 -14.92
N LEU E 112 3.93 31.88 -14.35
CA LEU E 112 5.19 32.18 -15.02
C LEU E 112 5.88 30.94 -15.56
N ILE E 113 5.47 29.75 -15.10
CA ILE E 113 6.21 28.52 -15.38
C ILE E 113 6.29 28.22 -16.88
N ASP E 114 5.26 28.60 -17.65
CA ASP E 114 5.30 28.33 -19.09
C ASP E 114 6.43 29.11 -19.75
N SER E 115 6.57 30.38 -19.39
CA SER E 115 7.65 31.18 -19.94
C SER E 115 8.99 30.54 -19.65
N VAL E 116 9.15 29.98 -18.43
CA VAL E 116 10.39 29.29 -18.07
C VAL E 116 10.57 28.01 -18.90
N LEU E 117 9.51 27.22 -19.04
CA LEU E 117 9.62 25.99 -19.80
C LEU E 117 9.97 26.25 -21.26
N ASP E 118 9.41 27.33 -21.85
CA ASP E 118 9.77 27.70 -23.21
C ASP E 118 11.29 27.78 -23.35
N VAL E 119 11.96 28.41 -22.37
CA VAL E 119 13.40 28.62 -22.43
C VAL E 119 14.17 27.34 -22.15
N VAL E 120 13.67 26.51 -21.21
CA VAL E 120 14.30 25.23 -20.92
C VAL E 120 14.24 24.31 -22.14
N ARG E 121 13.06 24.21 -22.77
CA ARG E 121 12.92 23.41 -23.98
C ARG E 121 13.85 23.90 -25.07
N LYS E 122 13.90 25.21 -25.28
CA LYS E 122 14.83 25.76 -26.27
C LYS E 122 16.23 25.22 -26.05
N GLU E 123 16.72 25.29 -24.80
CA GLU E 123 18.08 24.84 -24.55
C GLU E 123 18.19 23.33 -24.65
N ALA E 124 17.16 22.62 -24.20
CA ALA E 124 17.16 21.15 -24.21
C ALA E 124 17.02 20.60 -25.63
N GLU E 125 16.00 21.07 -26.37
CA GLU E 125 15.90 20.75 -27.78
C GLU E 125 17.15 21.26 -28.47
N GLY E 126 17.99 22.01 -27.74
CA GLY E 126 19.27 22.51 -28.20
C GLY E 126 20.46 21.55 -28.15
N CYS E 127 20.31 20.35 -27.61
CA CYS E 127 21.46 19.50 -27.26
C CYS E 127 21.59 18.29 -28.18
N ASP E 128 22.84 17.99 -28.56
CA ASP E 128 23.13 16.77 -29.30
C ASP E 128 22.76 15.54 -28.50
N CYS E 129 23.09 15.51 -27.19
CA CYS E 129 22.82 14.33 -26.38
C CYS E 129 22.56 14.79 -24.93
N LEU E 130 21.31 15.16 -24.69
CA LEU E 130 20.93 15.76 -23.41
C LEU E 130 21.13 14.75 -22.28
N GLN E 131 21.93 15.15 -21.31
CA GLN E 131 22.25 14.30 -20.18
C GLN E 131 21.19 14.44 -19.09
N GLY E 132 20.72 15.64 -18.92
CA GLY E 132 19.72 15.93 -17.91
C GLY E 132 19.79 17.37 -17.44
N PHE E 133 19.20 17.57 -16.26
CA PHE E 133 18.97 18.90 -15.70
C PHE E 133 19.63 19.06 -14.34
N GLN E 134 20.16 20.26 -14.10
CA GLN E 134 20.75 20.65 -12.82
C GLN E 134 20.00 21.87 -12.30
N ILE E 135 19.36 21.79 -11.12
CA ILE E 135 18.59 22.91 -10.51
C ILE E 135 19.32 23.44 -9.27
N THR E 136 19.56 24.73 -9.13
CA THR E 136 20.15 25.28 -7.89
C THR E 136 19.04 26.11 -7.23
N HIS E 137 18.71 25.85 -5.97
CA HIS E 137 17.60 26.54 -5.25
C HIS E 137 17.72 26.31 -3.75
N SER E 138 17.03 27.13 -2.97
CA SER E 138 16.85 26.89 -1.52
C SER E 138 15.55 26.15 -1.34
N LEU E 139 15.45 25.38 -0.27
CA LEU E 139 14.21 24.69 0.05
C LEU E 139 13.41 25.59 0.99
N GLY E 140 14.00 26.61 1.71
CA GLY E 140 13.37 27.42 2.73
C GLY E 140 12.47 28.53 2.24
N GLY E 141 12.68 29.03 1.01
CA GLY E 141 11.95 30.17 0.49
C GLY E 141 10.67 29.78 -0.19
N GLY E 142 10.17 30.67 -1.04
CA GLY E 142 8.95 30.41 -1.80
C GLY E 142 9.18 30.08 -3.27
N THR E 143 10.08 30.81 -3.93
CA THR E 143 10.31 30.65 -5.36
C THR E 143 11.21 29.45 -5.66
N GLY E 144 12.39 29.46 -5.09
CA GLY E 144 13.39 28.41 -5.29
C GLY E 144 12.76 27.14 -4.82
N SER E 145 12.06 27.20 -3.69
CA SER E 145 11.41 26.03 -3.10
C SER E 145 10.18 25.60 -3.90
N GLY E 146 9.05 26.39 -3.97
CA GLY E 146 7.76 26.06 -4.57
C GLY E 146 7.80 26.10 -6.08
N MET E 147 8.35 27.16 -6.66
CA MET E 147 8.42 27.20 -8.12
C MET E 147 9.51 26.29 -8.65
N GLY E 148 10.57 26.06 -7.89
CA GLY E 148 11.64 25.16 -8.35
C GLY E 148 11.13 23.74 -8.43
N THR E 149 10.29 23.33 -7.48
CA THR E 149 9.72 21.97 -7.48
C THR E 149 8.63 21.89 -8.54
N LEU E 150 7.90 22.98 -8.79
CA LEU E 150 6.93 23.00 -9.88
C LEU E 150 7.61 22.76 -11.23
N LEU E 151 8.71 23.47 -11.50
CA LEU E 151 9.49 23.22 -12.71
C LEU E 151 9.99 21.78 -12.75
N ILE E 152 10.65 21.33 -11.69
CA ILE E 152 11.19 19.94 -11.60
C ILE E 152 10.08 18.96 -11.96
N SER E 153 8.86 19.17 -11.47
CA SER E 153 7.76 18.27 -11.78
C SER E 153 7.42 18.29 -13.27
N LYS E 154 7.39 19.48 -13.89
CA LYS E 154 6.95 19.54 -15.27
C LYS E 154 8.05 19.08 -16.24
N VAL E 155 9.32 19.39 -15.95
CA VAL E 155 10.41 18.83 -16.74
C VAL E 155 10.44 17.31 -16.58
N ARG E 156 10.22 16.81 -15.37
CA ARG E 156 10.18 15.35 -15.10
C ARG E 156 9.13 14.72 -16.02
N GLU E 157 7.98 15.38 -16.21
CA GLU E 157 6.94 14.82 -17.07
C GLU E 157 7.37 14.80 -18.52
N GLU E 158 8.12 15.82 -18.94
CA GLU E 158 8.48 16.00 -20.34
C GLU E 158 9.74 15.24 -20.74
N TYR E 159 10.67 15.07 -19.79
CA TYR E 159 11.95 14.41 -20.01
C TYR E 159 12.12 13.29 -19.01
N PRO E 160 11.17 12.20 -18.89
CA PRO E 160 11.02 10.84 -17.91
C PRO E 160 12.37 10.15 -18.08
N ASP E 161 13.14 10.35 -19.17
CA ASP E 161 14.28 9.47 -19.34
C ASP E 161 15.61 10.16 -19.14
N ARG E 162 15.57 11.44 -18.73
N ARG E 162 15.58 11.43 -18.74
CA ARG E 162 16.79 12.23 -18.53
CA ARG E 162 16.81 12.21 -18.53
C ARG E 162 17.12 12.31 -17.03
C ARG E 162 17.12 12.31 -17.03
N ILE E 163 18.47 12.62 -16.71
CA ILE E 163 18.62 12.61 -15.16
C ILE E 163 18.23 13.95 -14.54
N MET E 164 17.56 13.97 -13.40
CA MET E 164 17.17 15.19 -12.71
C MET E 164 18.00 15.34 -11.42
N GLU E 165 18.85 16.35 -11.39
CA GLU E 165 19.83 16.59 -10.33
C GLU E 165 19.59 17.97 -9.73
N THR E 166 19.73 18.13 -8.36
CA THR E 166 19.50 19.54 -7.77
C THR E 166 20.61 19.77 -6.75
N PHE E 167 20.97 21.02 -6.53
CA PHE E 167 21.80 21.42 -5.38
C PHE E 167 20.76 22.14 -4.52
N SER E 168 20.34 21.54 -3.40
CA SER E 168 19.21 22.04 -2.60
C SER E 168 19.73 22.65 -1.30
N VAL E 169 19.49 23.92 -1.02
CA VAL E 169 19.97 24.54 0.23
C VAL E 169 18.96 24.28 1.36
N VAL E 170 19.30 23.49 2.40
CA VAL E 170 18.41 23.16 3.51
C VAL E 170 18.42 24.28 4.53
N PRO E 171 17.28 24.70 5.03
CA PRO E 171 17.24 25.85 5.95
C PRO E 171 17.74 25.53 7.35
N SER E 172 18.27 26.58 8.04
CA SER E 172 18.73 26.51 9.44
C SER E 172 18.36 27.83 10.10
N PRO E 173 17.69 27.91 11.37
CA PRO E 173 17.30 29.15 12.44
C PRO E 173 18.60 29.94 12.59
N LYS E 174 19.75 29.26 12.54
CA LYS E 174 21.09 29.85 12.70
C LYS E 174 21.40 30.88 11.61
N VAL E 175 20.97 30.64 10.38
CA VAL E 175 21.26 31.54 9.23
C VAL E 175 20.05 32.41 8.93
N SER E 176 18.85 31.87 8.99
CA SER E 176 17.61 32.62 8.72
C SER E 176 16.57 32.23 9.76
N ASP E 177 16.30 33.07 10.74
CA ASP E 177 15.29 32.75 11.77
C ASP E 177 13.92 33.16 11.23
N THR E 178 13.37 32.34 10.32
CA THR E 178 12.09 32.53 9.63
C THR E 178 11.29 31.24 9.83
N VAL E 179 10.19 31.27 10.59
CA VAL E 179 9.47 30.06 11.09
C VAL E 179 8.68 29.30 10.03
N VAL E 180 8.40 29.82 8.84
CA VAL E 180 7.70 28.99 7.86
C VAL E 180 8.66 28.12 7.04
N GLU E 181 9.96 28.31 7.19
CA GLU E 181 10.90 27.60 6.32
C GLU E 181 10.85 26.08 6.53
N PRO E 182 10.59 25.55 7.71
CA PRO E 182 10.43 24.08 7.79
C PRO E 182 9.25 23.55 6.99
N TYR E 183 8.15 24.31 6.93
CA TYR E 183 7.04 23.98 6.04
C TYR E 183 7.55 23.86 4.62
N ASN E 184 8.17 24.95 4.12
CA ASN E 184 8.57 25.03 2.74
C ASN E 184 9.55 23.91 2.40
N ALA E 185 10.45 23.59 3.34
CA ALA E 185 11.46 22.56 3.13
C ALA E 185 10.84 21.17 3.10
N THR E 186 9.92 20.88 4.01
CA THR E 186 9.27 19.55 4.09
C THR E 186 8.45 19.34 2.82
N LEU E 187 7.67 20.34 2.41
CA LEU E 187 6.90 20.23 1.19
C LEU E 187 7.81 19.93 0.00
N SER E 188 8.97 20.57 -0.05
CA SER E 188 9.94 20.45 -1.17
C SER E 188 10.67 19.12 -1.13
N VAL E 189 10.95 18.60 0.06
CA VAL E 189 11.66 17.30 0.22
C VAL E 189 10.74 16.23 -0.36
N HIS E 190 9.45 16.33 -0.11
CA HIS E 190 8.46 15.43 -0.69
C HIS E 190 8.55 15.42 -2.21
N GLN E 191 8.57 16.62 -2.81
CA GLN E 191 8.70 16.74 -4.26
C GLN E 191 9.99 16.08 -4.74
N LEU E 192 11.09 16.35 -4.04
CA LEU E 192 12.43 15.86 -4.44
C LEU E 192 12.48 14.34 -4.34
N VAL E 193 11.82 13.75 -3.33
CA VAL E 193 11.85 12.28 -3.13
C VAL E 193 11.17 11.64 -4.35
N GLU E 194 10.11 12.24 -4.87
CA GLU E 194 9.37 11.61 -5.97
C GLU E 194 9.93 11.96 -7.36
N ASN E 195 10.44 13.17 -7.58
CA ASN E 195 10.67 13.64 -8.95
C ASN E 195 12.13 13.95 -9.29
N ALA E 196 13.06 13.73 -8.37
CA ALA E 196 14.48 13.97 -8.64
C ALA E 196 15.24 12.66 -8.57
N ASP E 197 16.35 12.55 -9.28
CA ASP E 197 17.19 11.35 -9.19
C ASP E 197 18.30 11.60 -8.17
N GLU E 198 18.91 12.79 -8.17
CA GLU E 198 20.11 13.10 -7.42
C GLU E 198 19.92 14.45 -6.71
N CYS E 199 20.16 14.46 -5.40
CA CYS E 199 19.98 15.68 -4.62
C CYS E 199 21.25 15.94 -3.81
N MET E 200 22.04 16.90 -4.26
CA MET E 200 23.27 17.28 -3.61
C MET E 200 22.90 18.25 -2.49
N VAL E 201 22.97 17.78 -1.27
CA VAL E 201 22.44 18.53 -0.14
C VAL E 201 23.46 19.55 0.34
N ILE E 202 22.98 20.77 0.57
CA ILE E 202 23.77 21.88 1.09
C ILE E 202 22.99 22.38 2.30
N ASP E 203 23.46 22.07 3.51
CA ASP E 203 22.76 22.36 4.75
C ASP E 203 23.30 23.66 5.34
N ASN E 204 22.46 24.70 5.37
CA ASN E 204 22.90 25.98 5.93
C ASN E 204 23.36 25.83 7.39
N GLU E 205 22.77 24.89 8.13
CA GLU E 205 23.25 24.63 9.49
C GLU E 205 24.73 24.25 9.46
N ALA E 206 25.10 23.37 8.55
CA ALA E 206 26.50 22.96 8.47
C ALA E 206 27.38 24.10 7.99
N LEU E 207 26.90 24.86 6.99
CA LEU E 207 27.67 26.00 6.51
C LEU E 207 27.96 26.99 7.63
N TYR E 208 26.95 27.31 8.45
CA TYR E 208 27.13 28.20 9.58
C TYR E 208 28.17 27.67 10.58
N ASP E 209 28.04 26.39 10.97
CA ASP E 209 28.95 25.82 11.96
C ASP E 209 30.40 25.81 11.46
N ILE E 210 30.62 25.49 10.18
CA ILE E 210 31.99 25.52 9.65
C ILE E 210 32.56 26.93 9.74
N CYS E 211 31.78 27.93 9.32
CA CYS E 211 32.29 29.30 9.31
C CYS E 211 32.59 29.79 10.73
N PHE E 212 31.71 29.51 11.68
CA PHE E 212 31.93 30.00 13.04
C PHE E 212 33.06 29.22 13.72
N ARG E 213 32.89 27.91 13.84
CA ARG E 213 33.76 27.13 14.71
C ARG E 213 35.13 26.93 14.06
N THR E 214 35.17 26.22 12.93
CA THR E 214 36.46 25.88 12.33
C THR E 214 37.14 27.12 11.74
N LEU E 215 36.43 27.89 10.93
CA LEU E 215 37.04 29.01 10.23
C LEU E 215 37.10 30.28 11.08
N LYS E 216 36.48 30.27 12.26
CA LYS E 216 36.57 31.36 13.22
C LYS E 216 36.14 32.69 12.60
N LEU E 217 34.92 32.71 12.09
CA LEU E 217 34.24 33.93 11.69
C LEU E 217 33.04 34.16 12.61
N THR E 218 32.88 35.39 13.10
CA THR E 218 31.88 35.68 14.12
C THR E 218 30.47 35.79 13.54
N THR E 219 30.32 36.59 12.48
CA THR E 219 29.03 36.92 11.87
C THR E 219 29.10 36.51 10.41
N PRO E 220 28.84 35.24 10.08
CA PRO E 220 29.03 34.76 8.70
C PRO E 220 28.11 35.47 7.71
N THR E 221 28.69 36.04 6.66
CA THR E 221 27.92 36.54 5.54
C THR E 221 27.42 35.38 4.68
N TYR E 222 26.46 35.69 3.79
CA TYR E 222 26.16 34.77 2.69
C TYR E 222 27.36 34.64 1.76
N GLY E 223 28.17 35.68 1.63
CA GLY E 223 29.43 35.53 0.92
C GLY E 223 30.27 34.42 1.52
N ASP E 224 30.34 34.39 2.85
CA ASP E 224 31.14 33.36 3.52
C ASP E 224 30.53 31.99 3.27
N LEU E 225 29.22 31.85 3.46
CA LEU E 225 28.56 30.58 3.19
C LEU E 225 28.75 30.15 1.75
N ASN E 226 28.54 31.07 0.81
CA ASN E 226 28.61 30.69 -0.60
C ASN E 226 30.02 30.35 -1.05
N HIS E 227 31.05 30.80 -0.33
CA HIS E 227 32.41 30.36 -0.63
C HIS E 227 32.55 28.85 -0.43
N LEU E 228 31.98 28.32 0.65
CA LEU E 228 31.95 26.88 0.87
C LEU E 228 31.08 26.18 -0.17
N VAL E 229 29.90 26.72 -0.48
CA VAL E 229 29.01 26.11 -1.46
C VAL E 229 29.67 26.01 -2.83
N SER E 230 30.21 27.13 -3.33
CA SER E 230 30.87 27.09 -4.64
C SER E 230 31.99 26.06 -4.66
N ALA E 231 32.76 25.98 -3.58
CA ALA E 231 33.83 24.99 -3.56
C ALA E 231 33.25 23.59 -3.64
N ALA E 232 32.16 23.34 -2.91
CA ALA E 232 31.51 22.03 -2.96
C ALA E 232 30.96 21.74 -4.36
N MET E 233 30.31 22.73 -4.98
CA MET E 233 29.70 22.48 -6.28
C MET E 233 30.76 22.22 -7.35
N SER E 234 31.83 22.97 -7.27
CA SER E 234 32.95 22.81 -8.21
C SER E 234 33.47 21.39 -8.05
N GLY E 235 33.82 20.93 -6.83
CA GLY E 235 34.42 19.63 -6.56
C GLY E 235 33.50 18.48 -6.94
N VAL E 236 32.20 18.63 -6.72
CA VAL E 236 31.28 17.54 -7.00
C VAL E 236 31.08 17.36 -8.50
N THR E 237 31.08 18.47 -9.26
CA THR E 237 30.84 18.42 -10.70
C THR E 237 32.12 18.24 -11.49
N CYS E 238 33.26 18.14 -10.80
CA CYS E 238 34.55 17.96 -11.44
C CYS E 238 34.56 16.72 -12.33
N CYS E 239 33.93 15.63 -11.88
CA CYS E 239 33.92 14.38 -12.63
C CYS E 239 33.11 14.49 -13.92
N LEU E 240 32.23 15.47 -14.01
CA LEU E 240 31.40 15.71 -15.18
C LEU E 240 32.06 16.65 -16.17
N ARG E 241 32.95 17.52 -15.69
CA ARG E 241 33.51 18.67 -16.44
C ARG E 241 34.88 18.44 -17.06
N PHE E 242 35.66 17.58 -16.47
CA PHE E 242 37.01 17.30 -16.95
C PHE E 242 37.03 15.84 -17.37
N PRO E 243 38.04 15.26 -18.34
CA PRO E 243 38.12 13.87 -18.81
C PRO E 243 38.34 12.94 -17.63
N GLY E 244 37.67 11.80 -17.70
CA GLY E 244 37.75 10.82 -16.64
C GLY E 244 36.73 9.73 -16.93
N GLN E 245 36.74 8.73 -16.06
CA GLN E 245 35.81 7.62 -16.17
C GLN E 245 34.87 7.51 -14.98
N LEU E 246 35.39 7.52 -13.76
CA LEU E 246 34.53 7.41 -12.58
C LEU E 246 33.49 8.53 -12.55
N ASN E 247 32.22 8.15 -12.52
CA ASN E 247 31.11 9.10 -12.41
C ASN E 247 31.17 10.20 -13.47
N SER E 248 31.57 9.82 -14.70
CA SER E 248 31.85 10.80 -15.74
C SER E 248 30.58 11.41 -16.34
N ASP E 249 29.39 10.95 -15.95
CA ASP E 249 28.16 11.57 -16.36
C ASP E 249 27.10 11.34 -15.27
N LEU E 250 25.95 11.98 -15.45
CA LEU E 250 24.96 12.00 -14.38
C LEU E 250 24.36 10.61 -14.15
N ARG E 251 24.25 9.79 -15.19
CA ARG E 251 23.63 8.46 -15.05
C ARG E 251 24.62 7.51 -14.36
N LYS E 252 25.88 7.51 -14.78
CA LYS E 252 26.89 6.69 -14.12
C LYS E 252 27.03 7.06 -12.65
N LEU E 253 27.01 8.36 -12.33
CA LEU E 253 27.00 8.82 -10.94
C LEU E 253 25.82 8.24 -10.16
N ALA E 254 24.62 8.30 -10.74
CA ALA E 254 23.44 7.74 -10.10
C ALA E 254 23.58 6.25 -9.82
N VAL E 255 24.08 5.49 -10.81
CA VAL E 255 24.17 4.05 -10.68
C VAL E 255 25.20 3.68 -9.61
N ASN E 256 26.22 4.50 -9.41
CA ASN E 256 27.20 4.23 -8.36
C ASN E 256 26.67 4.61 -6.98
N LEU E 257 25.88 5.67 -6.89
CA LEU E 257 25.55 6.20 -5.55
C LEU E 257 24.18 5.77 -5.03
N ILE E 258 23.33 5.16 -5.85
CA ILE E 258 21.94 4.98 -5.45
C ILE E 258 21.47 3.54 -5.54
N PRO E 259 21.64 2.76 -4.46
CA PRO E 259 21.11 1.39 -4.48
C PRO E 259 19.61 1.26 -4.32
N PHE E 260 18.91 2.30 -3.84
CA PHE E 260 17.46 2.27 -3.58
C PHE E 260 16.95 3.64 -4.03
N PRO E 261 15.94 3.69 -4.91
CA PRO E 261 15.68 4.93 -5.65
C PRO E 261 15.32 6.16 -4.78
N ARG E 262 14.64 5.97 -3.63
CA ARG E 262 14.26 7.10 -2.77
C ARG E 262 15.45 7.69 -2.02
N LEU E 263 16.46 6.87 -1.71
CA LEU E 263 17.61 7.31 -0.94
C LEU E 263 18.64 7.98 -1.85
N HIS E 264 18.28 9.17 -2.34
CA HIS E 264 19.14 9.90 -3.27
C HIS E 264 19.51 11.28 -2.78
N PHE E 265 19.76 11.43 -1.46
CA PHE E 265 20.20 12.67 -0.86
C PHE E 265 21.61 12.47 -0.31
N PHE E 266 22.56 13.22 -0.82
CA PHE E 266 23.97 12.88 -0.63
C PHE E 266 24.67 13.85 0.31
N MET E 267 25.49 13.25 1.20
CA MET E 267 26.37 14.00 2.07
C MET E 267 27.69 14.29 1.38
N ILE E 268 28.09 15.55 1.38
CA ILE E 268 29.30 15.98 0.71
C ILE E 268 30.28 16.47 1.75
N GLY E 269 31.52 16.02 1.66
CA GLY E 269 32.60 16.64 2.39
C GLY E 269 33.70 17.11 1.45
N PHE E 270 34.51 18.08 1.87
CA PHE E 270 35.66 18.43 1.07
C PHE E 270 36.76 19.03 1.93
N ALA E 271 37.99 18.95 1.40
CA ALA E 271 39.19 19.38 2.07
C ALA E 271 40.18 19.84 1.01
N PRO E 272 40.98 20.86 1.28
CA PRO E 272 40.94 21.67 2.51
C PRO E 272 39.77 22.64 2.54
N LEU E 273 39.27 22.99 3.72
CA LEU E 273 38.34 24.10 3.84
C LEU E 273 39.11 25.41 3.81
N THR E 274 38.51 26.44 3.21
CA THR E 274 39.19 27.72 3.09
C THR E 274 38.21 28.88 3.28
N SER E 275 38.78 30.02 3.66
CA SER E 275 38.08 31.30 3.74
C SER E 275 38.04 31.95 2.36
N ARG E 276 37.45 33.13 2.27
CA ARG E 276 37.36 33.81 0.98
C ARG E 276 38.69 34.46 0.58
N ALA E 283 50.54 23.43 1.03
CA ALA E 283 49.55 22.46 0.55
C ALA E 283 49.51 21.19 1.41
N LEU E 284 48.43 20.44 1.28
CA LEU E 284 48.19 19.25 2.08
C LEU E 284 48.61 18.00 1.32
N THR E 285 48.92 16.96 2.08
CA THR E 285 49.29 15.66 1.53
C THR E 285 48.04 14.80 1.32
N VAL E 286 48.23 13.68 0.63
CA VAL E 286 47.11 12.79 0.38
C VAL E 286 46.59 12.19 1.68
N PRO E 287 47.43 11.80 2.64
CA PRO E 287 46.89 11.31 3.91
C PRO E 287 46.07 12.35 4.65
N GLU E 288 46.49 13.62 4.61
CA GLU E 288 45.71 14.65 5.28
C GLU E 288 44.38 14.90 4.58
N LEU E 289 44.36 14.76 3.24
CA LEU E 289 43.11 14.85 2.49
C LEU E 289 42.13 13.75 2.93
N THR E 290 42.63 12.50 3.05
CA THR E 290 41.73 11.39 3.36
C THR E 290 41.22 11.43 4.79
N GLN E 291 42.02 11.99 5.69
CA GLN E 291 41.64 12.12 7.11
C GLN E 291 40.53 13.15 7.26
N GLN E 292 40.62 14.26 6.56
CA GLN E 292 39.64 15.34 6.68
C GLN E 292 38.41 15.13 5.79
N MET E 293 38.53 14.37 4.70
CA MET E 293 37.48 14.42 3.68
C MET E 293 36.13 13.94 4.20
N PHE E 294 36.11 13.05 5.19
CA PHE E 294 34.86 12.49 5.67
C PHE E 294 34.58 12.87 7.13
N ASP E 295 35.37 13.77 7.71
CA ASP E 295 35.22 14.18 9.11
C ASP E 295 33.99 15.06 9.25
N ALA E 296 33.31 14.95 10.40
CA ALA E 296 32.05 15.69 10.56
C ALA E 296 32.28 17.18 10.34
N LYS E 297 33.46 17.68 10.70
CA LYS E 297 33.76 19.10 10.59
C LYS E 297 33.98 19.57 9.14
N ASN E 298 34.00 18.66 8.18
CA ASN E 298 34.17 19.03 6.77
C ASN E 298 32.92 18.76 5.93
N MET E 299 31.80 18.45 6.56
CA MET E 299 30.62 18.01 5.86
C MET E 299 29.66 19.18 5.60
N MET E 300 29.12 19.22 4.38
CA MET E 300 28.07 20.14 3.97
C MET E 300 26.70 19.74 4.49
N CYS E 301 26.65 18.76 5.37
CA CYS E 301 25.41 18.32 5.97
C CYS E 301 25.64 18.23 7.47
N ALA E 302 24.70 18.75 8.28
CA ALA E 302 24.88 18.79 9.74
C ALA E 302 24.48 17.43 10.32
N ALA E 303 25.34 16.46 10.07
CA ALA E 303 25.14 15.10 10.55
C ALA E 303 26.51 14.46 10.62
N ASP E 304 26.74 13.62 11.64
CA ASP E 304 28.03 13.00 11.81
C ASP E 304 28.02 11.67 11.05
N PRO E 305 28.84 11.53 10.01
CA PRO E 305 28.87 10.24 9.31
C PRO E 305 29.18 9.08 10.22
N ARG E 306 29.86 9.32 11.36
CA ARG E 306 30.15 8.23 12.28
C ARG E 306 28.92 7.77 13.06
N HIS E 307 27.79 8.46 12.94
CA HIS E 307 26.53 8.00 13.51
C HIS E 307 25.73 7.14 12.55
N GLY E 308 26.24 6.88 11.35
CA GLY E 308 25.50 6.02 10.46
C GLY E 308 26.44 5.15 9.66
N ARG E 309 26.02 4.66 8.50
CA ARG E 309 26.89 3.89 7.60
C ARG E 309 26.70 4.38 6.17
N TYR E 310 27.77 4.42 5.39
CA TYR E 310 27.73 4.71 3.96
C TYR E 310 27.27 3.48 3.21
N LEU E 311 26.24 3.66 2.40
CA LEU E 311 25.91 2.64 1.41
C LEU E 311 26.94 2.62 0.29
N THR E 312 27.35 3.80 -0.17
CA THR E 312 28.30 3.96 -1.26
C THR E 312 28.95 5.33 -1.10
N ALA E 313 30.13 5.49 -1.69
CA ALA E 313 30.75 6.81 -1.71
C ALA E 313 31.86 6.86 -2.75
N SER E 314 32.20 8.09 -3.16
CA SER E 314 33.31 8.34 -4.08
C SER E 314 34.20 9.45 -3.56
N ALA E 315 35.50 9.28 -3.74
CA ALA E 315 36.49 10.30 -3.37
C ALA E 315 37.14 10.82 -4.64
N LEU E 316 36.93 12.09 -4.91
CA LEU E 316 37.36 12.74 -6.15
C LEU E 316 38.50 13.69 -5.80
N PHE E 317 39.73 13.21 -5.95
CA PHE E 317 40.90 14.05 -5.69
C PHE E 317 41.19 14.96 -6.88
N ARG E 318 41.82 16.08 -6.60
CA ARG E 318 42.13 17.09 -7.62
C ARG E 318 43.59 17.55 -7.46
N GLY E 319 44.38 17.51 -8.51
CA GLY E 319 45.74 18.03 -8.50
C GLY E 319 46.75 17.02 -8.98
N ARG E 320 48.02 17.36 -8.80
CA ARG E 320 49.13 16.53 -9.21
C ARG E 320 49.58 15.71 -7.99
N MET E 321 49.37 14.41 -8.07
CA MET E 321 49.62 13.51 -6.96
C MET E 321 49.72 12.09 -7.53
N SER E 322 49.98 11.14 -6.65
CA SER E 322 50.32 9.78 -7.05
C SER E 322 49.09 8.88 -7.05
N THR E 323 48.78 8.22 -8.17
CA THR E 323 47.70 7.21 -8.19
C THR E 323 48.06 6.16 -7.14
N LYS E 324 49.35 5.84 -6.99
CA LYS E 324 49.87 4.86 -6.01
C LYS E 324 49.61 5.35 -4.59
N GLU E 325 49.94 6.59 -4.25
CA GLU E 325 49.72 7.11 -2.91
C GLU E 325 48.22 7.21 -2.58
N VAL E 326 47.41 7.54 -3.59
CA VAL E 326 45.95 7.64 -3.39
C VAL E 326 45.43 6.23 -3.09
N ASP E 327 45.94 5.22 -3.79
CA ASP E 327 45.52 3.81 -3.59
C ASP E 327 45.85 3.36 -2.17
N GLU E 328 47.05 3.67 -1.68
CA GLU E 328 47.49 3.26 -0.32
C GLU E 328 46.65 3.95 0.75
N GLN E 329 46.43 5.26 0.62
CA GLN E 329 45.69 6.06 1.62
C GLN E 329 44.22 5.65 1.65
N MET E 330 43.62 5.41 0.48
CA MET E 330 42.21 4.96 0.40
C MET E 330 42.10 3.58 1.02
N LEU E 331 43.10 2.72 0.80
CA LEU E 331 43.15 1.36 1.39
C LEU E 331 43.18 1.49 2.91
N ASN E 332 44.03 2.37 3.43
CA ASN E 332 44.15 2.63 4.87
C ASN E 332 42.82 3.19 5.39
N VAL E 333 42.19 4.06 4.63
CA VAL E 333 40.90 4.70 5.04
C VAL E 333 39.81 3.65 5.13
N GLN E 334 39.83 2.66 4.24
CA GLN E 334 38.82 1.58 4.18
C GLN E 334 38.97 0.71 5.43
N ASN E 335 40.19 0.27 5.73
CA ASN E 335 40.47 -0.60 6.90
C ASN E 335 40.01 0.13 8.16
N LYS E 336 40.57 1.31 8.39
CA LYS E 336 40.34 2.14 9.61
C LYS E 336 38.89 2.56 9.82
N ASN E 337 38.05 2.64 8.78
CA ASN E 337 36.65 3.09 8.90
C ASN E 337 35.70 2.00 8.43
N SER E 338 36.11 0.74 8.55
CA SER E 338 35.39 -0.48 8.13
C SER E 338 33.95 -0.49 8.65
N SER E 339 33.73 -0.06 9.88
CA SER E 339 32.40 -0.06 10.55
C SER E 339 31.49 1.06 10.04
N TYR E 340 31.98 2.01 9.26
CA TYR E 340 31.14 3.11 8.76
C TYR E 340 30.70 2.89 7.31
N PHE E 341 30.90 1.71 6.75
CA PHE E 341 30.47 1.34 5.37
C PHE E 341 29.68 0.04 5.47
N VAL E 342 28.54 -0.13 4.80
CA VAL E 342 27.82 -1.39 4.90
C VAL E 342 28.68 -2.49 4.29
N GLU E 343 28.63 -3.67 4.91
CA GLU E 343 29.45 -4.79 4.44
C GLU E 343 28.77 -5.55 3.31
N TRP E 344 27.48 -5.32 3.09
CA TRP E 344 26.69 -6.01 2.09
C TRP E 344 26.65 -5.25 0.76
N ILE E 345 27.44 -4.19 0.60
CA ILE E 345 27.71 -3.64 -0.72
C ILE E 345 29.23 -3.67 -0.90
N PRO E 346 29.75 -4.71 -1.52
CA PRO E 346 31.20 -4.81 -1.69
C PRO E 346 31.81 -3.69 -2.52
N ASN E 347 33.09 -3.39 -2.23
CA ASN E 347 33.94 -2.37 -2.89
C ASN E 347 33.10 -1.11 -3.10
N ASN E 348 32.45 -0.63 -2.05
CA ASN E 348 31.49 0.44 -2.22
C ASN E 348 32.07 1.84 -2.06
N ILE E 349 33.38 1.98 -1.88
CA ILE E 349 34.02 3.30 -2.00
C ILE E 349 35.03 3.27 -3.16
N LYS E 350 34.86 4.20 -4.11
CA LYS E 350 35.71 4.38 -5.28
C LYS E 350 36.43 5.73 -5.18
N SER E 351 37.49 5.88 -5.96
CA SER E 351 38.21 7.14 -6.01
C SER E 351 38.71 7.38 -7.42
N SER E 352 39.04 8.64 -7.69
CA SER E 352 39.69 9.01 -8.95
C SER E 352 40.48 10.28 -8.71
N ILE E 353 41.32 10.63 -9.68
CA ILE E 353 42.19 11.82 -9.60
C ILE E 353 41.92 12.68 -10.84
N CYS E 354 41.65 13.96 -10.66
CA CYS E 354 41.47 14.93 -11.76
C CYS E 354 42.73 15.76 -11.67
N ASP E 355 43.48 15.94 -12.75
CA ASP E 355 44.80 16.63 -12.72
C ASP E 355 44.65 18.13 -12.52
N ILE E 356 43.51 18.71 -12.87
CA ILE E 356 43.27 20.17 -12.79
C ILE E 356 42.83 20.61 -11.40
N PRO E 357 43.62 21.29 -10.54
CA PRO E 357 43.15 21.64 -9.20
C PRO E 357 42.17 22.83 -9.09
N PRO E 358 41.49 23.06 -7.95
CA PRO E 358 40.57 24.19 -7.85
C PRO E 358 41.22 25.58 -7.76
N LYS E 359 40.77 26.71 -7.74
CA LYS E 359 41.58 27.96 -7.82
C LYS E 359 42.29 28.21 -6.49
N GLY E 360 43.59 28.50 -6.50
CA GLY E 360 44.38 28.75 -5.31
C GLY E 360 44.88 27.52 -4.58
N LEU E 361 44.62 26.33 -5.10
CA LEU E 361 45.00 25.09 -4.43
C LEU E 361 45.75 24.21 -5.41
N LYS E 362 46.70 23.46 -4.87
CA LYS E 362 47.43 22.43 -5.60
C LYS E 362 46.81 21.06 -5.43
N MET E 363 46.41 20.73 -4.20
CA MET E 363 45.81 19.47 -3.81
C MET E 363 44.44 19.74 -3.21
N ALA E 364 43.43 18.96 -3.61
CA ALA E 364 42.12 19.04 -2.99
C ALA E 364 41.39 17.71 -3.16
N VAL E 365 40.31 17.55 -2.40
CA VAL E 365 39.47 16.37 -2.51
C VAL E 365 38.03 16.73 -2.20
N THR E 366 37.10 15.98 -2.81
CA THR E 366 35.68 16.07 -2.56
C THR E 366 35.13 14.66 -2.36
N PHE E 367 34.44 14.43 -1.25
CA PHE E 367 33.93 13.12 -0.88
C PHE E 367 32.41 13.17 -0.93
N VAL E 368 31.81 12.41 -1.84
CA VAL E 368 30.35 12.38 -1.97
C VAL E 368 29.88 10.99 -1.65
N GLY E 369 28.95 10.89 -0.70
CA GLY E 369 28.47 9.59 -0.27
C GLY E 369 26.99 9.58 0.03
N ASN E 370 26.47 8.36 0.03
CA ASN E 370 25.10 8.07 0.40
C ASN E 370 25.17 7.46 1.79
N SER E 371 25.01 8.30 2.81
CA SER E 371 25.13 7.87 4.19
C SER E 371 23.78 7.88 4.90
N THR E 372 23.53 6.82 5.69
CA THR E 372 22.32 6.79 6.50
C THR E 372 22.32 7.83 7.61
N ALA E 373 23.47 8.48 7.86
CA ALA E 373 23.49 9.47 8.94
C ALA E 373 22.72 10.72 8.57
N ILE E 374 22.45 10.95 7.28
CA ILE E 374 21.72 12.13 6.86
C ILE E 374 20.34 12.20 7.49
N GLN E 375 19.84 11.08 8.04
CA GLN E 375 18.59 11.10 8.78
C GLN E 375 18.67 12.12 9.92
N GLU E 376 19.86 12.40 10.45
CA GLU E 376 19.89 13.38 11.55
C GLU E 376 19.46 14.77 11.08
N MET E 377 19.75 15.12 9.83
CA MET E 377 19.33 16.40 9.26
C MET E 377 17.84 16.41 8.99
N PHE E 378 17.31 15.31 8.46
CA PHE E 378 15.86 15.22 8.18
C PHE E 378 15.12 15.26 9.51
N LYS E 379 15.68 14.67 10.57
CA LYS E 379 14.97 14.70 11.85
C LYS E 379 14.96 16.10 12.45
N ARG E 380 16.02 16.87 12.22
CA ARG E 380 16.05 18.24 12.74
C ARG E 380 14.96 19.09 12.08
N VAL E 381 14.82 18.96 10.77
CA VAL E 381 13.81 19.74 10.01
C VAL E 381 12.42 19.23 10.37
N ALA E 382 12.27 17.92 10.55
CA ALA E 382 10.98 17.28 10.88
C ALA E 382 10.51 17.79 12.25
N GLU E 383 11.41 17.95 13.21
CA GLU E 383 11.00 18.41 14.54
C GLU E 383 10.47 19.85 14.49
N GLN E 384 11.12 20.69 13.69
CA GLN E 384 10.68 22.08 13.53
C GLN E 384 9.37 22.14 12.75
N PHE E 385 9.22 21.31 11.70
CA PHE E 385 7.95 21.21 11.01
C PHE E 385 6.84 20.81 11.99
N THR E 386 7.07 19.80 12.82
CA THR E 386 6.04 19.34 13.75
C THR E 386 5.72 20.38 14.80
N ALA E 387 6.72 21.09 15.31
CA ALA E 387 6.39 22.11 16.30
C ALA E 387 5.45 23.16 15.72
N MET E 388 5.71 23.59 14.48
CA MET E 388 4.84 24.57 13.85
C MET E 388 3.47 23.97 13.49
N PHE E 389 3.49 22.79 12.85
CA PHE E 389 2.26 22.22 12.29
C PHE E 389 1.26 21.84 13.37
N ARG E 390 1.74 21.43 14.53
CA ARG E 390 0.86 21.04 15.63
C ARG E 390 0.04 22.22 16.12
N ARG E 391 0.60 23.42 16.09
CA ARG E 391 -0.11 24.63 16.48
C ARG E 391 -0.79 25.32 15.30
N LYS E 392 -0.60 24.77 14.09
CA LYS E 392 -1.22 25.22 12.84
C LYS E 392 -0.87 26.66 12.53
N ALA E 393 0.30 27.08 12.97
CA ALA E 393 0.76 28.45 12.75
C ALA E 393 0.91 28.72 11.25
N PHE E 394 0.26 29.78 10.76
CA PHE E 394 0.44 30.30 9.40
C PHE E 394 -0.11 29.39 8.28
N LEU E 395 -0.76 28.27 8.61
CA LEU E 395 -1.26 27.41 7.56
C LEU E 395 -2.22 28.13 6.61
N HIS E 396 -2.95 29.15 7.10
CA HIS E 396 -3.87 29.84 6.20
C HIS E 396 -3.12 30.50 5.03
N TRP E 397 -1.87 30.91 5.24
CA TRP E 397 -1.06 31.42 4.12
C TRP E 397 -1.08 30.45 2.95
N TYR E 398 -1.05 29.15 3.25
CA TYR E 398 -0.90 28.11 2.25
C TYR E 398 -2.26 27.64 1.73
N THR E 399 -3.19 27.34 2.62
CA THR E 399 -4.52 27.00 2.17
C THR E 399 -5.15 28.18 1.43
N GLY E 400 -4.80 29.41 1.80
CA GLY E 400 -5.32 30.58 1.11
C GLY E 400 -5.01 30.61 -0.37
N GLU E 401 -3.93 29.94 -0.78
CA GLU E 401 -3.57 29.81 -2.20
C GLU E 401 -4.16 28.56 -2.82
N GLY E 402 -5.08 27.87 -2.12
CA GLY E 402 -5.74 26.70 -2.65
C GLY E 402 -5.19 25.37 -2.17
N MET E 403 -4.07 25.37 -1.45
CA MET E 403 -3.46 24.12 -1.01
C MET E 403 -4.38 23.37 -0.07
N ASP E 404 -4.34 22.04 -0.12
CA ASP E 404 -5.10 21.20 0.82
C ASP E 404 -4.16 20.97 2.01
N GLU E 405 -4.70 20.89 3.23
CA GLU E 405 -3.93 20.67 4.48
C GLU E 405 -3.32 19.26 4.48
N MET E 406 -3.96 18.30 3.79
CA MET E 406 -3.54 16.88 3.64
C MET E 406 -2.19 16.82 2.92
N GLU E 407 -1.85 17.77 2.03
CA GLU E 407 -0.54 17.83 1.36
C GLU E 407 0.56 18.00 2.42
N PHE E 408 0.33 18.75 3.49
CA PHE E 408 1.30 18.93 4.60
C PHE E 408 1.51 17.58 5.27
N THR E 409 0.41 16.85 5.50
CA THR E 409 0.40 15.53 6.16
C THR E 409 1.16 14.51 5.29
N GLU E 410 0.94 14.53 3.98
CA GLU E 410 1.58 13.60 3.02
C GLU E 410 3.09 13.88 2.95
N ALA E 411 3.48 15.16 2.97
CA ALA E 411 4.90 15.58 2.91
C ALA E 411 5.60 15.16 4.20
N GLU E 412 4.94 15.37 5.34
CA GLU E 412 5.50 15.00 6.66
C GLU E 412 5.69 13.49 6.74
N SER E 413 4.70 12.73 6.27
CA SER E 413 4.69 11.25 6.29
C SER E 413 5.77 10.67 5.38
N ASN E 414 5.94 11.23 4.17
CA ASN E 414 6.94 10.74 3.19
C ASN E 414 8.35 10.95 3.73
N MET E 415 8.62 12.09 4.37
CA MET E 415 9.95 12.40 4.94
C MET E 415 10.21 11.46 6.13
N ASN E 416 9.18 11.19 6.93
CA ASN E 416 9.27 10.27 8.07
C ASN E 416 9.58 8.86 7.57
N ASP E 417 8.95 8.45 6.46
CA ASP E 417 9.17 7.13 5.83
C ASP E 417 10.62 7.07 5.36
N LEU E 418 11.10 8.17 4.78
CA LEU E 418 12.49 8.29 4.27
C LEU E 418 13.45 8.09 5.45
N VAL E 419 13.15 8.68 6.60
CA VAL E 419 13.98 8.56 7.83
C VAL E 419 13.98 7.09 8.26
N SER E 420 12.82 6.44 8.30
CA SER E 420 12.73 5.04 8.68
C SER E 420 13.56 4.15 7.77
N GLU E 421 13.62 4.48 6.49
CA GLU E 421 14.33 3.64 5.54
C GLU E 421 15.83 3.73 5.74
N TYR E 422 16.35 4.95 5.99
CA TYR E 422 17.75 5.10 6.36
C TYR E 422 18.10 4.23 7.57
N GLN E 423 17.24 4.25 8.60
CA GLN E 423 17.55 3.49 9.81
C GLN E 423 17.46 2.00 9.53
N GLN E 424 16.53 1.60 8.67
CA GLN E 424 16.43 0.20 8.27
C GLN E 424 17.73 -0.29 7.64
N TYR E 425 18.36 0.50 6.77
CA TYR E 425 19.59 0.04 6.11
C TYR E 425 20.82 0.28 6.98
N GLN E 426 20.77 1.25 7.88
CA GLN E 426 21.80 1.36 8.89
C GLN E 426 21.90 0.12 9.76
N ASP E 427 20.76 -0.49 10.09
CA ASP E 427 20.75 -1.63 11.00
C ASP E 427 20.87 -2.97 10.29
N ALA E 428 20.73 -3.00 8.96
CA ALA E 428 20.82 -4.24 8.22
C ALA E 428 22.18 -4.90 8.42
N THR E 429 22.18 -6.24 8.41
CA THR E 429 23.40 -7.02 8.52
C THR E 429 23.56 -7.91 7.29
N ALA E 430 24.79 -8.39 7.10
CA ALA E 430 25.03 -9.39 6.06
C ALA E 430 24.76 -10.77 6.64
N ASP F 1 -21.88 39.40 15.19
CA ASP F 1 -21.31 39.07 16.49
C ASP F 1 -19.90 39.67 16.63
N LEU F 2 -19.65 40.27 17.79
CA LEU F 2 -18.42 41.02 18.00
C LEU F 2 -17.25 40.16 18.45
N GLY F 3 -17.51 38.98 19.02
CA GLY F 3 -16.41 38.12 19.43
C GLY F 3 -15.54 37.72 18.26
N LYS F 4 -16.14 37.14 17.22
CA LYS F 4 -15.35 36.70 16.09
C LYS F 4 -14.72 37.87 15.36
N LYS F 5 -15.38 39.04 15.37
CA LYS F 5 -14.78 40.23 14.79
C LYS F 5 -13.46 40.58 15.49
N LEU F 6 -13.45 40.50 16.83
CA LEU F 6 -12.23 40.85 17.56
C LEU F 6 -11.14 39.81 17.33
N LEU F 7 -11.51 38.54 17.28
CA LEU F 7 -10.54 37.50 16.98
C LEU F 7 -9.86 37.78 15.64
N GLU F 8 -10.65 38.01 14.60
CA GLU F 8 -10.06 38.26 13.29
C GLU F 8 -9.24 39.54 13.29
N ALA F 9 -9.73 40.59 13.95
CA ALA F 9 -8.96 41.84 13.99
C ALA F 9 -7.63 41.64 14.69
N ALA F 10 -7.61 40.89 15.79
CA ALA F 10 -6.36 40.64 16.49
C ALA F 10 -5.40 39.82 15.63
N ARG F 11 -5.90 38.76 14.99
CA ARG F 11 -5.06 38.00 14.07
C ARG F 11 -4.47 38.90 13.00
N ALA F 12 -5.26 39.85 12.51
CA ALA F 12 -4.86 40.61 11.33
C ALA F 12 -4.00 41.83 11.64
N GLY F 13 -3.91 42.22 12.91
CA GLY F 13 -3.18 43.41 13.27
C GLY F 13 -3.91 44.70 12.99
N GLN F 14 -5.25 44.70 13.07
N GLN F 14 -5.24 44.69 13.08
CA GLN F 14 -6.04 45.91 12.82
CA GLN F 14 -6.06 45.89 12.85
C GLN F 14 -6.23 46.65 14.15
C GLN F 14 -6.22 46.62 14.19
N ASP F 15 -5.22 47.44 14.50
CA ASP F 15 -5.20 48.11 15.81
C ASP F 15 -6.42 49.01 15.99
N ASP F 16 -6.77 49.80 14.98
CA ASP F 16 -7.92 50.68 15.10
C ASP F 16 -9.19 49.86 15.34
N GLU F 17 -9.38 48.81 14.55
CA GLU F 17 -10.58 47.99 14.68
C GLU F 17 -10.65 47.32 16.06
N VAL F 18 -9.52 46.84 16.58
CA VAL F 18 -9.50 46.31 17.94
C VAL F 18 -10.03 47.34 18.93
N ARG F 19 -9.50 48.57 18.86
CA ARG F 19 -9.91 49.63 19.77
C ARG F 19 -11.42 49.85 19.68
N ILE F 20 -11.95 49.86 18.46
CA ILE F 20 -13.37 50.11 18.25
C ILE F 20 -14.22 49.02 18.90
N LEU F 21 -13.80 47.76 18.74
CA LEU F 21 -14.66 46.65 19.13
C LEU F 21 -14.71 46.51 20.64
N MET F 22 -13.60 46.77 21.32
CA MET F 22 -13.62 46.68 22.78
C MET F 22 -14.45 47.81 23.38
N ALA F 23 -14.41 49.00 22.77
CA ALA F 23 -15.24 50.09 23.26
C ALA F 23 -16.72 49.85 23.01
N ASN F 24 -17.08 48.99 22.05
CA ASN F 24 -18.48 48.69 21.75
C ASN F 24 -18.92 47.35 22.32
N GLY F 25 -18.21 46.82 23.31
CA GLY F 25 -18.65 45.67 24.06
C GLY F 25 -18.07 44.33 23.65
N ALA F 26 -17.11 44.28 22.74
CA ALA F 26 -16.57 43.00 22.32
C ALA F 26 -15.89 42.29 23.50
N ASP F 27 -16.03 40.96 23.53
CA ASP F 27 -15.48 40.11 24.58
C ASP F 27 -13.98 39.90 24.32
N VAL F 28 -13.15 40.57 25.12
CA VAL F 28 -11.69 40.44 25.02
C VAL F 28 -11.25 39.01 25.20
N ASN F 29 -12.06 38.18 25.83
CA ASN F 29 -11.73 36.79 26.11
C ASN F 29 -12.61 35.83 25.29
N ALA F 30 -13.11 36.30 24.15
CA ALA F 30 -13.82 35.44 23.22
C ALA F 30 -12.90 34.31 22.78
N THR F 31 -13.51 33.18 22.40
CA THR F 31 -12.77 32.01 21.93
C THR F 31 -13.31 31.54 20.58
N ASP F 32 -12.38 31.18 19.67
CA ASP F 32 -12.78 30.51 18.44
C ASP F 32 -13.16 29.08 18.78
N ALA F 33 -13.46 28.28 17.75
CA ALA F 33 -13.99 26.94 18.01
C ALA F 33 -12.98 26.05 18.73
N SER F 34 -11.68 26.32 18.64
CA SER F 34 -10.66 25.50 19.32
C SER F 34 -10.21 26.13 20.65
N GLY F 35 -10.73 27.29 21.04
CA GLY F 35 -10.34 27.89 22.30
C GLY F 35 -9.25 28.94 22.22
N LEU F 36 -8.89 29.35 21.01
CA LEU F 36 -7.87 30.42 20.85
C LEU F 36 -8.62 31.74 21.13
N THR F 37 -7.97 32.66 21.83
CA THR F 37 -8.47 33.98 22.21
C THR F 37 -7.76 35.06 21.40
N PRO F 38 -8.32 36.27 21.37
CA PRO F 38 -7.62 37.37 20.69
C PRO F 38 -6.17 37.52 21.13
N LEU F 39 -5.87 37.32 22.41
CA LEU F 39 -4.49 37.44 22.86
C LEU F 39 -3.61 36.35 22.22
N HIS F 40 -4.13 35.12 22.12
CA HIS F 40 -3.43 34.06 21.40
C HIS F 40 -3.09 34.47 19.98
N LEU F 41 -4.08 35.00 19.26
CA LEU F 41 -3.85 35.33 17.86
C LEU F 41 -2.88 36.50 17.71
N ALA F 42 -3.01 37.55 18.55
CA ALA F 42 -2.06 38.66 18.46
C ALA F 42 -0.65 38.23 18.82
N ALA F 43 -0.53 37.29 19.76
CA ALA F 43 0.80 36.85 20.16
C ALA F 43 1.45 36.05 19.05
N THR F 44 0.66 35.24 18.35
CA THR F 44 1.16 34.41 17.26
C THR F 44 1.70 35.26 16.11
N TYR F 45 0.95 36.30 15.71
CA TYR F 45 1.23 37.00 14.48
C TYR F 45 1.97 38.31 14.70
N GLY F 46 2.47 38.50 15.92
CA GLY F 46 3.47 39.52 16.19
C GLY F 46 2.96 40.91 16.42
N HIS F 47 1.70 41.08 16.84
CA HIS F 47 1.08 42.41 16.93
C HIS F 47 1.22 42.87 18.37
N LEU F 48 2.36 43.49 18.65
CA LEU F 48 2.74 43.81 20.01
C LEU F 48 1.76 44.79 20.66
N GLU F 49 1.32 45.80 19.92
CA GLU F 49 0.50 46.84 20.53
C GLU F 49 -0.88 46.29 20.85
N ILE F 50 -1.36 45.33 20.05
CA ILE F 50 -2.63 44.69 20.34
C ILE F 50 -2.49 43.76 21.54
N VAL F 51 -1.41 42.99 21.61
CA VAL F 51 -1.13 42.25 22.85
C VAL F 51 -1.21 43.18 24.05
N GLU F 52 -0.54 44.33 23.97
CA GLU F 52 -0.48 45.24 25.10
C GLU F 52 -1.87 45.80 25.45
N VAL F 53 -2.68 46.14 24.45
CA VAL F 53 -3.96 46.74 24.81
C VAL F 53 -4.92 45.68 25.34
N LEU F 54 -4.84 44.46 24.81
CA LEU F 54 -5.67 43.38 25.32
C LEU F 54 -5.35 43.09 26.79
N LEU F 55 -4.06 43.12 27.15
CA LEU F 55 -3.66 42.81 28.53
C LEU F 55 -4.14 43.91 29.48
N LYS F 56 -4.27 45.13 28.96
CA LYS F 56 -4.72 46.25 29.76
C LYS F 56 -6.24 46.30 29.88
N HIS F 57 -6.96 45.42 29.18
CA HIS F 57 -8.42 45.33 29.16
C HIS F 57 -8.89 43.91 29.44
N GLY F 58 -8.30 43.26 30.43
CA GLY F 58 -8.93 42.07 30.98
C GLY F 58 -8.53 40.75 30.36
N ALA F 59 -7.58 40.72 29.44
CA ALA F 59 -7.27 39.46 28.79
C ALA F 59 -6.58 38.52 29.79
N ASP F 60 -6.92 37.24 29.71
CA ASP F 60 -6.28 36.25 30.57
C ASP F 60 -4.94 35.81 29.93
N VAL F 61 -3.84 36.24 30.56
CA VAL F 61 -2.51 35.98 30.01
C VAL F 61 -2.19 34.49 29.95
N ASN F 62 -2.88 33.67 30.75
CA ASN F 62 -2.60 32.24 30.80
C ASN F 62 -3.74 31.39 30.25
N ALA F 63 -4.61 31.97 29.43
CA ALA F 63 -5.67 31.19 28.80
C ALA F 63 -5.03 30.07 27.97
N ILE F 64 -5.68 28.90 27.97
CA ILE F 64 -5.25 27.76 27.16
C ILE F 64 -6.34 27.41 26.15
N ASP F 65 -5.94 26.89 24.99
CA ASP F 65 -6.88 26.38 23.97
C ASP F 65 -7.14 24.90 24.27
N ILE F 66 -7.79 24.12 23.40
CA ILE F 66 -8.06 22.68 23.68
C ILE F 66 -6.75 21.88 23.78
N MET F 67 -5.67 22.29 23.10
CA MET F 67 -4.36 21.62 23.12
C MET F 67 -3.46 22.11 24.27
N GLY F 68 -3.88 23.03 25.15
CA GLY F 68 -3.03 23.42 26.25
C GLY F 68 -2.09 24.54 25.90
N SER F 69 -2.21 25.13 24.71
CA SER F 69 -1.34 26.21 24.30
C SER F 69 -1.75 27.51 25.00
N THR F 70 -0.79 28.16 25.64
CA THR F 70 -0.95 29.52 26.15
C THR F 70 -0.42 30.50 25.13
N PRO F 71 -0.69 31.79 25.32
CA PRO F 71 -0.10 32.79 24.44
C PRO F 71 1.41 32.83 24.50
N LEU F 72 2.00 32.56 25.69
CA LEU F 72 3.46 32.49 25.77
C LEU F 72 4.01 31.33 24.93
N HIS F 73 3.30 30.18 24.89
CA HIS F 73 3.72 29.11 24.00
C HIS F 73 3.83 29.61 22.56
N LEU F 74 2.80 30.31 22.09
CA LEU F 74 2.74 30.69 20.68
C LEU F 74 3.78 31.77 20.36
N ALA F 75 3.93 32.78 21.23
CA ALA F 75 4.97 33.79 21.01
C ALA F 75 6.38 33.20 21.02
N ALA F 76 6.62 32.20 21.88
CA ALA F 76 7.95 31.61 21.98
C ALA F 76 8.24 30.78 20.76
N LEU F 77 7.21 30.08 20.28
CA LEU F 77 7.31 29.30 19.04
C LEU F 77 7.68 30.17 17.85
N ILE F 78 6.93 31.26 17.63
CA ILE F 78 7.09 32.09 16.43
C ILE F 78 8.28 33.00 16.58
N GLY F 79 8.74 33.23 17.81
CA GLY F 79 9.94 34.01 18.01
C GLY F 79 9.76 35.49 18.23
N HIS F 80 8.70 35.88 18.94
CA HIS F 80 8.40 37.31 19.13
C HIS F 80 8.96 37.72 20.50
N LEU F 81 10.14 38.33 20.48
CA LEU F 81 10.89 38.56 21.70
C LEU F 81 10.16 39.52 22.60
N GLU F 82 9.74 40.64 22.06
CA GLU F 82 9.20 41.68 22.93
C GLU F 82 7.81 41.31 23.42
N ILE F 83 7.08 40.50 22.66
CA ILE F 83 5.83 39.94 23.15
C ILE F 83 6.07 38.90 24.24
N VAL F 84 7.10 38.07 24.08
CA VAL F 84 7.45 37.17 25.18
C VAL F 84 7.69 37.96 26.47
N GLU F 85 8.34 39.11 26.37
CA GLU F 85 8.72 39.83 27.58
C GLU F 85 7.50 40.50 28.20
N VAL F 86 6.61 41.03 27.37
CA VAL F 86 5.37 41.62 27.84
C VAL F 86 4.51 40.58 28.53
N LEU F 87 4.36 39.41 27.91
CA LEU F 87 3.56 38.37 28.53
C LEU F 87 4.16 37.96 29.88
N LEU F 88 5.48 37.82 29.96
CA LEU F 88 6.09 37.48 31.23
C LEU F 88 5.81 38.55 32.27
N LYS F 89 5.94 39.81 31.85
CA LYS F 89 5.74 40.93 32.78
C LYS F 89 4.32 40.95 33.31
N HIS F 90 3.34 40.47 32.54
CA HIS F 90 1.94 40.45 32.96
C HIS F 90 1.53 39.12 33.59
N GLY F 91 2.48 38.27 33.95
CA GLY F 91 2.16 37.09 34.74
C GLY F 91 2.11 35.78 34.00
N ALA F 92 2.52 35.74 32.74
CA ALA F 92 2.55 34.48 32.01
C ALA F 92 3.30 33.39 32.78
N ASP F 93 2.73 32.19 32.75
CA ASP F 93 3.28 31.04 33.44
C ASP F 93 4.43 30.51 32.58
N VAL F 94 5.67 30.69 33.05
CA VAL F 94 6.85 30.37 32.25
C VAL F 94 7.02 28.87 32.03
N ASN F 95 6.46 28.03 32.90
CA ASN F 95 6.61 26.58 32.81
C ASN F 95 5.31 25.87 32.45
N ALA F 96 4.36 26.57 31.84
CA ALA F 96 3.16 25.90 31.38
C ALA F 96 3.48 24.78 30.39
N VAL F 97 2.81 23.66 30.54
CA VAL F 97 3.00 22.49 29.70
C VAL F 97 1.73 22.29 28.88
N ASP F 98 1.87 22.08 27.59
CA ASP F 98 0.70 21.86 26.73
C ASP F 98 0.52 20.35 26.55
N THR F 99 -0.45 19.98 25.72
CA THR F 99 -0.87 18.58 25.63
C THR F 99 0.18 17.71 24.96
N TRP F 100 1.16 18.32 24.30
CA TRP F 100 2.27 17.57 23.75
C TRP F 100 3.43 17.42 24.74
N GLY F 101 3.31 17.99 25.94
CA GLY F 101 4.43 17.98 26.86
C GLY F 101 5.46 19.05 26.61
N ASP F 102 5.10 20.08 25.83
CA ASP F 102 6.04 21.15 25.49
C ASP F 102 5.79 22.37 26.36
N THR F 103 6.88 23.03 26.72
CA THR F 103 6.92 24.33 27.36
C THR F 103 7.31 25.39 26.36
N PRO F 104 7.20 26.66 26.72
CA PRO F 104 7.65 27.72 25.79
C PRO F 104 9.14 27.65 25.52
N LEU F 105 9.93 27.37 26.55
CA LEU F 105 11.38 27.15 26.37
C LEU F 105 11.64 26.11 25.30
N HIS F 106 10.99 24.96 25.41
CA HIS F 106 11.31 23.88 24.50
C HIS F 106 11.00 24.27 23.06
N LEU F 107 9.89 24.99 22.86
CA LEU F 107 9.53 25.45 21.52
C LEU F 107 10.51 26.49 21.01
N ALA F 108 10.87 27.48 21.82
CA ALA F 108 11.88 28.44 21.38
C ALA F 108 13.19 27.71 21.01
N ALA F 109 13.59 26.74 21.83
CA ALA F 109 14.82 25.98 21.55
C ALA F 109 14.71 25.20 20.24
N ILE F 110 13.60 24.50 20.03
CA ILE F 110 13.42 23.76 18.78
C ILE F 110 13.62 24.67 17.59
N MET F 111 13.01 25.85 17.62
CA MET F 111 13.00 26.80 16.50
C MET F 111 14.25 27.68 16.49
N GLY F 112 15.15 27.57 17.45
CA GLY F 112 16.42 28.29 17.46
C GLY F 112 16.31 29.75 17.84
N HIS F 113 15.31 30.12 18.61
CA HIS F 113 15.12 31.50 19.12
C HIS F 113 15.98 31.61 20.39
N LEU F 114 17.29 31.74 20.24
CA LEU F 114 18.30 31.73 21.33
C LEU F 114 18.06 32.88 22.31
N GLU F 115 17.72 34.07 21.81
CA GLU F 115 17.48 35.27 22.64
C GLU F 115 16.29 34.98 23.57
N ILE F 116 15.19 34.48 23.02
CA ILE F 116 14.01 34.11 23.80
C ILE F 116 14.34 33.01 24.81
N VAL F 117 15.17 32.03 24.41
CA VAL F 117 15.55 30.96 25.34
C VAL F 117 16.21 31.55 26.59
N GLU F 118 17.16 32.46 26.39
CA GLU F 118 17.83 33.07 27.53
C GLU F 118 16.86 33.82 28.43
N VAL F 119 15.91 34.56 27.82
CA VAL F 119 14.92 35.29 28.62
C VAL F 119 14.09 34.32 29.43
N LEU F 120 13.62 33.24 28.81
CA LEU F 120 12.80 32.29 29.53
C LEU F 120 13.56 31.71 30.71
N LEU F 121 14.85 31.37 30.52
CA LEU F 121 15.64 30.83 31.60
C LEU F 121 15.80 31.84 32.75
N LYS F 122 16.06 33.10 32.41
CA LYS F 122 16.19 34.11 33.45
C LYS F 122 14.89 34.29 34.24
N HIS F 123 13.76 33.80 33.74
CA HIS F 123 12.48 33.85 34.44
C HIS F 123 12.06 32.49 34.98
N GLY F 124 12.98 31.54 35.16
CA GLY F 124 12.64 30.18 35.52
C GLY F 124 12.64 29.21 34.35
N ALA F 125 12.52 27.93 34.66
CA ALA F 125 12.71 26.90 33.64
C ALA F 125 12.07 25.56 34.01
#